data_2KZ6
#
_entry.id   2KZ6
#
_cell.length_a   1.000
_cell.length_b   1.000
_cell.length_c   1.000
_cell.angle_alpha   90.00
_cell.angle_beta   90.00
_cell.angle_gamma   90.00
#
_symmetry.space_group_name_H-M   'P 1'
#
_entity_poly.entity_id   1
_entity_poly.type   'polypeptide(L)'
_entity_poly.pdbx_seq_one_letter_code
;QGMLLHSVETPRGEILNVSEQEARDVFGASEQAIADARKATILQTLRIERDERLRACDWTQVQDVVLTADQKATWAKYRQ
ALRDLPETVTDLSQIVWPQLPV
;
_entity_poly.pdbx_strand_id   A
#
# COMPACT_ATOMS: atom_id res chain seq x y z
N MET A 3 -5.86 8.51 3.52
CA MET A 3 -5.08 7.62 4.42
C MET A 3 -5.63 7.76 5.85
N LEU A 4 -6.20 6.66 6.36
CA LEU A 4 -6.68 6.56 7.75
C LEU A 4 -5.99 5.39 8.45
N LEU A 5 -5.79 5.52 9.76
CA LEU A 5 -5.05 4.57 10.58
C LEU A 5 -5.86 3.26 10.78
N HIS A 6 -5.45 2.16 10.12
CA HIS A 6 -6.09 0.81 10.22
C HIS A 6 -6.28 0.29 11.68
N SER A 7 -5.50 0.83 12.64
CA SER A 7 -5.60 0.44 14.05
C SER A 7 -4.90 1.47 14.95
N VAL A 8 -5.67 2.13 15.84
CA VAL A 8 -5.10 2.97 16.92
C VAL A 8 -5.51 2.38 18.26
N GLU A 9 -4.52 1.93 19.04
CA GLU A 9 -4.71 1.49 20.42
C GLU A 9 -4.81 2.73 21.32
N THR A 10 -6.05 3.27 21.39
CA THR A 10 -6.40 4.49 22.13
C THR A 10 -6.49 4.19 23.66
N PRO A 11 -6.59 5.23 24.58
CA PRO A 11 -6.70 4.98 26.06
C PRO A 11 -7.97 4.19 26.45
N ARG A 12 -9.02 4.27 25.61
CA ARG A 12 -10.28 3.52 25.79
C ARG A 12 -10.25 2.12 25.13
N GLY A 13 -9.09 1.72 24.58
CA GLY A 13 -8.89 0.40 23.97
C GLY A 13 -8.46 0.48 22.51
N GLU A 14 -8.52 -0.65 21.80
CA GLU A 14 -8.08 -0.74 20.39
C GLU A 14 -9.25 -0.35 19.46
N ILE A 15 -8.94 0.44 18.42
CA ILE A 15 -9.92 0.88 17.42
C ILE A 15 -9.40 0.46 16.03
N LEU A 16 -10.30 -0.05 15.17
CA LEU A 16 -9.96 -0.50 13.81
C LEU A 16 -10.54 0.47 12.76
N ASN A 17 -9.70 0.81 11.76
CA ASN A 17 -10.03 1.70 10.61
C ASN A 17 -10.62 3.04 11.07
N VAL A 18 -9.72 4.00 11.34
CA VAL A 18 -10.04 5.28 11.99
C VAL A 18 -9.07 6.38 11.53
N SER A 19 -9.61 7.56 11.17
CA SER A 19 -8.80 8.73 10.77
C SER A 19 -7.99 9.28 11.97
N GLU A 20 -6.95 10.10 11.69
CA GLU A 20 -6.16 10.78 12.74
C GLU A 20 -7.06 11.78 13.48
N GLN A 21 -8.00 12.38 12.71
CA GLN A 21 -9.01 13.31 13.23
C GLN A 21 -9.92 12.62 14.25
N GLU A 22 -10.58 11.53 13.80
CA GLU A 22 -11.56 10.77 14.60
C GLU A 22 -10.92 10.17 15.86
N ALA A 23 -9.73 9.54 15.67
CA ALA A 23 -8.92 8.99 16.76
C ALA A 23 -8.70 10.01 17.90
N ARG A 24 -8.28 11.25 17.56
CA ARG A 24 -8.03 12.30 18.56
C ARG A 24 -9.34 12.92 19.08
N ASP A 25 -10.34 13.09 18.19
CA ASP A 25 -11.56 13.87 18.46
C ASP A 25 -12.48 13.10 19.41
N VAL A 26 -12.90 11.91 18.97
CA VAL A 26 -13.82 11.05 19.71
C VAL A 26 -13.03 10.21 20.74
N PHE A 27 -12.09 9.40 20.22
CA PHE A 27 -11.43 8.33 21.00
C PHE A 27 -10.32 8.87 21.94
N GLY A 28 -9.86 10.11 21.67
CA GLY A 28 -8.88 10.79 22.51
C GLY A 28 -7.50 10.14 22.48
N ALA A 29 -7.06 9.78 21.27
CA ALA A 29 -5.75 9.13 21.05
C ALA A 29 -4.60 10.13 21.20
N SER A 30 -3.44 9.64 21.69
CA SER A 30 -2.24 10.47 21.87
C SER A 30 -1.61 10.79 20.51
N GLU A 31 -0.86 11.90 20.47
CA GLU A 31 -0.14 12.33 19.25
C GLU A 31 1.02 11.36 18.95
N GLN A 32 1.52 10.70 20.02
CA GLN A 32 2.51 9.61 19.91
C GLN A 32 1.82 8.32 19.43
N ALA A 33 0.53 8.16 19.80
CA ALA A 33 -0.30 7.02 19.37
C ALA A 33 -0.78 7.21 17.93
N ILE A 34 -0.81 8.49 17.46
CA ILE A 34 -1.28 8.81 16.09
C ILE A 34 -0.11 8.55 15.15
N ALA A 35 1.01 9.24 15.40
CA ALA A 35 2.31 9.02 14.73
C ALA A 35 2.72 7.52 14.64
N ASP A 36 2.56 6.77 15.76
CA ASP A 36 2.81 5.31 15.78
C ASP A 36 1.91 4.56 14.78
N ALA A 37 0.60 4.80 14.89
CA ALA A 37 -0.41 4.18 14.02
C ALA A 37 -0.26 4.63 12.56
N ARG A 38 0.22 5.86 12.37
CA ARG A 38 0.45 6.48 11.04
C ARG A 38 1.63 5.79 10.36
N LYS A 39 2.72 5.66 11.12
CA LYS A 39 3.92 4.92 10.74
C LYS A 39 3.57 3.47 10.37
N ALA A 40 2.63 2.87 11.11
CA ALA A 40 2.31 1.45 11.02
C ALA A 40 1.30 1.19 9.89
N THR A 41 0.42 2.19 9.62
CA THR A 41 -0.57 2.10 8.53
C THR A 41 0.13 2.30 7.19
N ILE A 42 1.09 3.26 7.16
CA ILE A 42 1.99 3.46 6.01
C ILE A 42 2.78 2.16 5.76
N LEU A 43 3.47 1.69 6.81
CA LEU A 43 4.30 0.45 6.79
C LEU A 43 3.52 -0.77 6.26
N GLN A 44 2.21 -0.82 6.57
CA GLN A 44 1.34 -1.91 6.14
C GLN A 44 0.93 -1.71 4.67
N THR A 45 0.53 -0.47 4.36
CA THR A 45 0.03 -0.08 3.04
C THR A 45 1.07 -0.34 1.93
N LEU A 46 2.32 0.14 2.13
CA LEU A 46 3.34 0.17 1.06
C LEU A 46 3.74 -1.25 0.61
N ARG A 47 3.85 -2.19 1.58
CA ARG A 47 4.19 -3.60 1.28
C ARG A 47 3.04 -4.30 0.56
N ILE A 48 1.81 -4.13 1.10
CA ILE A 48 0.59 -4.75 0.53
C ILE A 48 0.30 -4.15 -0.85
N GLU A 49 0.59 -2.86 -1.02
CA GLU A 49 0.31 -2.06 -2.23
C GLU A 49 1.12 -2.60 -3.41
N ARG A 50 2.39 -2.94 -3.14
CA ARG A 50 3.29 -3.55 -4.13
C ARG A 50 2.68 -4.86 -4.63
N ASP A 51 2.29 -5.71 -3.66
CA ASP A 51 1.61 -6.99 -3.92
C ASP A 51 0.29 -6.77 -4.70
N GLU A 52 -0.44 -5.68 -4.38
CA GLU A 52 -1.71 -5.32 -5.07
C GLU A 52 -1.46 -5.07 -6.56
N ARG A 53 -0.41 -4.29 -6.85
CA ARG A 53 -0.04 -3.92 -8.22
C ARG A 53 0.29 -5.16 -9.06
N LEU A 54 0.87 -6.19 -8.40
CA LEU A 54 1.19 -7.47 -9.05
C LEU A 54 -0.09 -8.32 -9.29
N ARG A 55 -0.84 -8.62 -8.20
CA ARG A 55 -1.95 -9.62 -8.23
C ARG A 55 -3.23 -9.08 -8.91
N ALA A 56 -3.42 -7.75 -8.90
CA ALA A 56 -4.57 -7.10 -9.54
C ALA A 56 -4.34 -7.01 -11.07
N CYS A 57 -3.07 -6.79 -11.46
CA CYS A 57 -2.67 -6.73 -12.88
C CYS A 57 -2.32 -8.14 -13.44
N ASP A 58 -2.64 -9.18 -12.65
CA ASP A 58 -2.41 -10.61 -13.03
C ASP A 58 -3.33 -11.05 -14.19
N TRP A 59 -4.38 -10.25 -14.47
CA TRP A 59 -5.33 -10.50 -15.59
C TRP A 59 -4.63 -10.46 -16.96
N THR A 60 -3.51 -9.72 -17.05
CA THR A 60 -2.71 -9.63 -18.29
C THR A 60 -1.64 -10.73 -18.32
N GLN A 61 -1.15 -11.09 -17.11
CA GLN A 61 -0.06 -12.05 -16.91
C GLN A 61 -0.54 -13.47 -17.27
N VAL A 62 -1.82 -13.75 -17.02
CA VAL A 62 -2.48 -14.95 -17.54
C VAL A 62 -2.67 -14.75 -19.07
N GLN A 63 -1.91 -15.52 -19.87
CA GLN A 63 -1.82 -15.36 -21.33
C GLN A 63 -3.14 -15.70 -22.04
N ASP A 64 -4.12 -16.23 -21.28
CA ASP A 64 -5.48 -16.54 -21.76
C ASP A 64 -6.20 -15.28 -22.34
N VAL A 65 -5.89 -14.09 -21.77
CA VAL A 65 -6.45 -12.80 -22.24
C VAL A 65 -5.97 -12.49 -23.67
N VAL A 66 -6.83 -11.87 -24.49
CA VAL A 66 -6.52 -11.54 -25.88
C VAL A 66 -5.91 -10.12 -25.93
N LEU A 67 -4.60 -10.05 -25.70
CA LEU A 67 -3.79 -8.82 -25.82
C LEU A 67 -2.59 -9.13 -26.73
N THR A 68 -1.97 -8.08 -27.28
CA THR A 68 -0.75 -8.24 -28.06
C THR A 68 0.43 -8.58 -27.14
N ALA A 69 1.48 -9.22 -27.69
CA ALA A 69 2.69 -9.58 -26.93
C ALA A 69 3.34 -8.32 -26.30
N ASP A 70 3.37 -7.23 -27.10
CA ASP A 70 3.82 -5.88 -26.63
C ASP A 70 3.09 -5.42 -25.36
N GLN A 71 1.73 -5.48 -25.39
CA GLN A 71 0.88 -5.09 -24.23
C GLN A 71 1.23 -5.93 -23.00
N LYS A 72 1.20 -7.25 -23.19
CA LYS A 72 1.50 -8.25 -22.16
C LYS A 72 2.94 -8.13 -21.62
N ALA A 73 3.85 -7.55 -22.42
CA ALA A 73 5.29 -7.42 -22.07
C ALA A 73 5.47 -6.17 -21.18
N THR A 74 4.82 -5.08 -21.62
CA THR A 74 4.67 -3.83 -20.85
C THR A 74 4.09 -4.11 -19.44
N TRP A 75 3.11 -5.03 -19.37
CA TRP A 75 2.48 -5.48 -18.10
C TRP A 75 3.38 -6.46 -17.32
N ALA A 76 4.15 -7.28 -18.06
CA ALA A 76 5.15 -8.20 -17.46
C ALA A 76 6.34 -7.41 -16.90
N LYS A 77 6.55 -6.21 -17.48
CA LYS A 77 7.57 -5.24 -17.06
C LYS A 77 7.04 -4.47 -15.85
N TYR A 78 5.71 -4.22 -15.84
CA TYR A 78 5.01 -3.51 -14.75
C TYR A 78 5.32 -4.18 -13.41
N ARG A 79 5.05 -5.51 -13.35
CA ARG A 79 5.35 -6.34 -12.16
C ARG A 79 6.85 -6.28 -11.84
N GLN A 80 7.66 -6.58 -12.85
CA GLN A 80 9.11 -6.73 -12.71
C GLN A 80 9.80 -5.41 -12.30
N ALA A 81 9.17 -4.26 -12.61
CA ALA A 81 9.70 -2.92 -12.26
C ALA A 81 9.43 -2.59 -10.78
N LEU A 82 8.25 -3.02 -10.30
CA LEU A 82 7.88 -2.98 -8.86
C LEU A 82 8.84 -3.86 -8.03
N ARG A 83 9.24 -5.00 -8.61
CA ARG A 83 10.20 -5.94 -7.99
C ARG A 83 11.65 -5.47 -8.18
N ASP A 84 11.89 -4.70 -9.25
CA ASP A 84 13.22 -4.09 -9.56
C ASP A 84 13.55 -3.04 -8.51
N LEU A 85 12.50 -2.36 -8.03
CA LEU A 85 12.56 -1.59 -6.80
C LEU A 85 12.72 -2.57 -5.61
N PRO A 86 13.78 -2.41 -4.76
CA PRO A 86 13.98 -3.28 -3.57
C PRO A 86 12.72 -3.38 -2.71
N GLU A 87 12.21 -4.62 -2.52
CA GLU A 87 11.02 -4.87 -1.69
C GLU A 87 11.31 -4.43 -0.25
N THR A 88 10.89 -3.20 0.05
CA THR A 88 11.25 -2.47 1.26
C THR A 88 10.75 -3.18 2.53
N VAL A 89 11.72 -3.72 3.31
CA VAL A 89 11.44 -4.34 4.61
C VAL A 89 11.29 -3.23 5.67
N THR A 90 10.20 -3.28 6.45
CA THR A 90 9.81 -2.21 7.40
C THR A 90 9.67 -0.88 6.63
N ASP A 91 8.50 -0.73 5.99
CA ASP A 91 8.25 0.27 4.93
C ASP A 91 8.11 1.68 5.52
N LEU A 92 9.26 2.35 5.67
CA LEU A 92 9.35 3.70 6.25
C LEU A 92 10.01 4.67 5.24
N SER A 93 9.71 4.43 3.96
CA SER A 93 10.21 5.26 2.84
C SER A 93 9.10 5.41 1.80
N GLN A 94 8.86 6.66 1.34
CA GLN A 94 7.81 6.99 0.35
C GLN A 94 8.06 6.22 -0.96
N ILE A 95 7.22 5.21 -1.21
CA ILE A 95 7.28 4.37 -2.41
C ILE A 95 6.79 5.15 -3.66
N VAL A 96 7.63 5.22 -4.68
CA VAL A 96 7.27 5.73 -6.01
C VAL A 96 7.58 4.62 -7.01
N TRP A 97 6.52 4.12 -7.65
CA TRP A 97 6.56 2.98 -8.57
C TRP A 97 5.69 3.25 -9.80
N PRO A 98 5.87 2.48 -10.92
CA PRO A 98 5.04 2.65 -12.15
C PRO A 98 3.51 2.66 -11.88
N GLN A 99 2.82 3.59 -12.52
CA GLN A 99 1.37 3.52 -12.74
C GLN A 99 1.15 2.62 -13.96
N LEU A 100 0.04 1.86 -13.97
CA LEU A 100 -0.26 0.91 -15.05
C LEU A 100 -0.34 1.61 -16.43
N PRO A 101 0.12 0.93 -17.54
CA PRO A 101 0.17 1.53 -18.90
C PRO A 101 -1.22 1.86 -19.50
N VAL A 102 -2.18 0.95 -19.28
CA VAL A 102 -3.52 1.02 -19.90
C VAL A 102 -4.54 1.58 -18.88
N MET A 3 -6.46 7.97 4.24
CA MET A 3 -5.66 7.12 5.15
C MET A 3 -6.24 7.18 6.56
N LEU A 4 -6.55 6.00 7.13
CA LEU A 4 -6.98 5.84 8.53
C LEU A 4 -6.01 4.92 9.27
N LEU A 5 -5.90 5.11 10.58
CA LEU A 5 -5.18 4.18 11.46
C LEU A 5 -5.96 2.85 11.56
N HIS A 6 -5.49 1.82 10.83
CA HIS A 6 -6.01 0.43 10.91
C HIS A 6 -6.26 -0.04 12.37
N SER A 7 -5.39 0.38 13.28
CA SER A 7 -5.47 0.05 14.69
C SER A 7 -4.76 1.15 15.51
N VAL A 8 -5.47 1.73 16.48
CA VAL A 8 -4.93 2.73 17.41
C VAL A 8 -5.46 2.43 18.81
N GLU A 9 -4.61 2.60 19.83
CA GLU A 9 -5.01 2.41 21.22
C GLU A 9 -5.36 3.78 21.83
N THR A 10 -6.43 3.78 22.62
CA THR A 10 -6.98 4.97 23.30
C THR A 10 -7.11 4.69 24.81
N PRO A 11 -7.27 5.74 25.68
CA PRO A 11 -7.59 5.55 27.13
C PRO A 11 -8.91 4.75 27.37
N ARG A 12 -9.83 4.83 26.38
CA ARG A 12 -11.17 4.18 26.44
C ARG A 12 -11.18 2.74 25.86
N GLY A 13 -10.00 2.22 25.42
CA GLY A 13 -9.88 0.85 24.88
C GLY A 13 -9.02 0.80 23.62
N GLU A 14 -9.29 -0.16 22.71
CA GLU A 14 -8.66 -0.22 21.38
C GLU A 14 -9.71 0.14 20.32
N ILE A 15 -9.31 0.95 19.33
CA ILE A 15 -10.20 1.46 18.27
C ILE A 15 -9.60 1.10 16.90
N LEU A 16 -10.36 0.37 16.08
CA LEU A 16 -9.90 -0.15 14.78
C LEU A 16 -10.48 0.67 13.61
N ASN A 17 -9.60 1.01 12.63
CA ASN A 17 -9.96 1.64 11.36
C ASN A 17 -10.62 3.02 11.57
N VAL A 18 -9.77 4.00 11.94
CA VAL A 18 -10.20 5.36 12.26
C VAL A 18 -9.08 6.35 11.93
N SER A 19 -9.43 7.50 11.32
CA SER A 19 -8.47 8.55 10.95
C SER A 19 -7.77 9.15 12.18
N GLU A 20 -6.63 9.82 11.96
CA GLU A 20 -5.84 10.46 13.02
C GLU A 20 -6.68 11.58 13.67
N GLN A 21 -7.47 12.26 12.82
CA GLN A 21 -8.33 13.38 13.21
C GLN A 21 -9.39 12.91 14.23
N GLU A 22 -10.17 11.88 13.86
CA GLU A 22 -11.28 11.36 14.69
C GLU A 22 -10.75 10.64 15.95
N ALA A 23 -9.68 9.85 15.78
CA ALA A 23 -8.99 9.18 16.91
C ALA A 23 -8.59 10.18 18.02
N ARG A 24 -7.97 11.31 17.65
CA ARG A 24 -7.57 12.36 18.61
C ARG A 24 -8.80 13.08 19.20
N ASP A 25 -9.77 13.42 18.32
CA ASP A 25 -10.89 14.33 18.65
C ASP A 25 -11.97 13.61 19.49
N VAL A 26 -12.56 12.57 18.89
CA VAL A 26 -13.70 11.82 19.48
C VAL A 26 -13.21 10.79 20.52
N PHE A 27 -12.19 10.01 20.14
CA PHE A 27 -11.69 8.87 20.96
C PHE A 27 -10.60 9.30 21.97
N GLY A 28 -10.10 10.54 21.82
CA GLY A 28 -9.15 11.12 22.77
C GLY A 28 -7.83 10.35 22.88
N ALA A 29 -7.34 9.89 21.72
CA ALA A 29 -6.10 9.12 21.62
C ALA A 29 -4.87 10.01 21.82
N SER A 30 -3.76 9.41 22.22
CA SER A 30 -2.50 10.11 22.52
C SER A 30 -1.65 10.23 21.25
N GLU A 31 -0.87 11.32 21.17
CA GLU A 31 -0.05 11.65 19.99
C GLU A 31 1.04 10.58 19.73
N GLN A 32 1.47 9.90 20.80
CA GLN A 32 2.41 8.76 20.73
C GLN A 32 1.71 7.55 20.08
N ALA A 33 0.41 7.39 20.38
CA ALA A 33 -0.43 6.29 19.86
C ALA A 33 -0.88 6.60 18.41
N ILE A 34 -0.94 7.91 18.07
CA ILE A 34 -1.47 8.35 16.76
C ILE A 34 -0.35 8.20 15.73
N ALA A 35 0.88 8.54 16.18
CA ALA A 35 2.05 8.61 15.30
C ALA A 35 2.58 7.19 15.07
N ASP A 36 2.52 6.35 16.13
CA ASP A 36 2.88 4.92 16.03
C ASP A 36 1.96 4.18 15.05
N ALA A 37 0.64 4.44 15.18
CA ALA A 37 -0.38 3.82 14.32
C ALA A 37 -0.28 4.32 12.88
N ARG A 38 0.04 5.63 12.73
CA ARG A 38 0.24 6.28 11.42
C ARG A 38 1.44 5.65 10.72
N LYS A 39 2.57 5.61 11.45
CA LYS A 39 3.81 4.93 11.05
C LYS A 39 3.53 3.50 10.57
N ALA A 40 2.67 2.78 11.30
CA ALA A 40 2.48 1.35 11.12
C ALA A 40 1.62 1.07 9.88
N THR A 41 0.48 1.80 9.78
CA THR A 41 -0.51 1.60 8.71
C THR A 41 0.02 2.16 7.36
N ILE A 42 0.80 3.26 7.41
CA ILE A 42 1.50 3.80 6.23
C ILE A 42 2.53 2.76 5.74
N LEU A 43 3.44 2.36 6.64
CA LEU A 43 4.49 1.32 6.38
C LEU A 43 3.87 -0.02 5.90
N GLN A 44 2.61 -0.26 6.28
CA GLN A 44 1.84 -1.47 5.89
C GLN A 44 1.32 -1.30 4.46
N THR A 45 0.69 -0.13 4.21
CA THR A 45 0.01 0.16 2.95
C THR A 45 1.03 0.25 1.79
N LEU A 46 2.17 0.92 2.05
CA LEU A 46 3.21 1.19 1.03
C LEU A 46 3.77 -0.14 0.44
N ARG A 47 4.03 -1.11 1.34
CA ARG A 47 4.55 -2.44 0.94
C ARG A 47 3.44 -3.30 0.28
N ILE A 48 2.17 -3.07 0.66
CA ILE A 48 1.02 -3.80 0.09
C ILE A 48 0.74 -3.31 -1.34
N GLU A 49 0.88 -1.98 -1.56
CA GLU A 49 0.53 -1.30 -2.85
C GLU A 49 1.30 -1.91 -4.03
N ARG A 50 2.58 -2.27 -3.83
CA ARG A 50 3.40 -2.88 -4.90
C ARG A 50 2.78 -4.21 -5.34
N ASP A 51 2.41 -5.04 -4.35
CA ASP A 51 1.83 -6.38 -4.58
C ASP A 51 0.47 -6.24 -5.30
N GLU A 52 -0.32 -5.24 -4.87
CA GLU A 52 -1.65 -4.95 -5.43
C GLU A 52 -1.60 -4.75 -6.95
N ARG A 53 -0.71 -3.84 -7.39
CA ARG A 53 -0.61 -3.42 -8.80
C ARG A 53 -0.09 -4.56 -9.69
N LEU A 54 0.91 -5.31 -9.15
CA LEU A 54 1.53 -6.47 -9.84
C LEU A 54 0.48 -7.55 -10.12
N ARG A 55 -0.27 -7.94 -9.06
CA ARG A 55 -1.27 -9.03 -9.14
C ARG A 55 -2.54 -8.57 -9.87
N ALA A 56 -2.78 -7.24 -9.92
CA ALA A 56 -3.93 -6.65 -10.65
C ALA A 56 -3.71 -6.69 -12.17
N CYS A 57 -2.44 -6.88 -12.57
CA CYS A 57 -2.04 -7.01 -13.99
C CYS A 57 -1.87 -8.50 -14.37
N ASP A 58 -2.61 -9.41 -13.68
CA ASP A 58 -2.53 -10.86 -13.96
C ASP A 58 -3.35 -11.23 -15.20
N TRP A 59 -4.46 -10.48 -15.42
CA TRP A 59 -5.45 -10.78 -16.49
C TRP A 59 -4.80 -10.71 -17.89
N THR A 60 -3.73 -9.90 -18.02
CA THR A 60 -2.97 -9.73 -19.26
C THR A 60 -1.97 -10.87 -19.46
N GLN A 61 -1.36 -11.31 -18.36
CA GLN A 61 -0.23 -12.25 -18.38
C GLN A 61 -0.67 -13.71 -18.47
N VAL A 62 -1.97 -13.96 -18.26
CA VAL A 62 -2.56 -15.30 -18.48
C VAL A 62 -2.80 -15.53 -19.99
N GLN A 63 -2.93 -16.81 -20.36
CA GLN A 63 -3.15 -17.24 -21.75
C GLN A 63 -4.65 -17.15 -22.14
N ASP A 64 -5.51 -16.85 -21.15
CA ASP A 64 -6.98 -16.78 -21.33
C ASP A 64 -7.39 -15.55 -22.16
N VAL A 65 -6.58 -14.49 -22.11
CA VAL A 65 -6.81 -13.24 -22.87
C VAL A 65 -6.04 -13.31 -24.22
N VAL A 66 -6.61 -12.68 -25.26
CA VAL A 66 -6.01 -12.63 -26.60
C VAL A 66 -5.31 -11.26 -26.77
N LEU A 67 -4.02 -11.20 -26.38
CA LEU A 67 -3.19 -9.99 -26.57
C LEU A 67 -1.96 -10.38 -27.38
N THR A 68 -1.36 -9.42 -28.09
CA THR A 68 -0.13 -9.67 -28.88
C THR A 68 1.07 -9.84 -27.93
N ALA A 69 2.18 -10.40 -28.46
CA ALA A 69 3.43 -10.56 -27.70
C ALA A 69 3.88 -9.20 -27.12
N ASP A 70 3.84 -8.17 -27.99
CA ASP A 70 4.11 -6.76 -27.62
C ASP A 70 3.30 -6.29 -26.38
N GLN A 71 1.99 -6.56 -26.39
CA GLN A 71 1.07 -6.12 -25.30
C GLN A 71 1.40 -6.85 -23.98
N LYS A 72 1.43 -8.19 -24.06
CA LYS A 72 1.75 -9.09 -22.91
C LYS A 72 3.21 -8.89 -22.39
N ALA A 73 4.09 -8.37 -23.28
CA ALA A 73 5.50 -8.15 -22.93
C ALA A 73 5.59 -6.83 -22.13
N THR A 74 5.12 -5.74 -22.75
CA THR A 74 5.05 -4.40 -22.12
C THR A 74 4.35 -4.41 -20.72
N TRP A 75 3.35 -5.30 -20.52
CA TRP A 75 2.74 -5.52 -19.18
C TRP A 75 3.70 -6.28 -18.24
N ALA A 76 4.49 -7.21 -18.80
CA ALA A 76 5.55 -7.93 -18.07
C ALA A 76 6.75 -7.01 -17.74
N LYS A 77 6.95 -5.97 -18.58
CA LYS A 77 8.02 -4.96 -18.40
C LYS A 77 7.55 -3.94 -17.35
N TYR A 78 6.22 -3.71 -17.29
CA TYR A 78 5.59 -2.90 -16.23
C TYR A 78 5.74 -3.59 -14.89
N ARG A 79 5.43 -4.91 -14.87
CA ARG A 79 5.51 -5.74 -13.66
C ARG A 79 6.95 -5.73 -13.15
N GLN A 80 7.89 -6.02 -14.07
CA GLN A 80 9.34 -6.06 -13.79
C GLN A 80 9.87 -4.71 -13.28
N ALA A 81 9.42 -3.63 -13.91
CA ALA A 81 9.82 -2.25 -13.55
C ALA A 81 9.43 -1.94 -12.10
N LEU A 82 8.15 -2.19 -11.78
CA LEU A 82 7.55 -1.88 -10.48
C LEU A 82 8.18 -2.75 -9.37
N ARG A 83 8.27 -4.07 -9.61
CA ARG A 83 8.77 -5.04 -8.61
C ARG A 83 10.27 -4.84 -8.33
N ASP A 84 10.99 -4.27 -9.32
CA ASP A 84 12.44 -3.99 -9.23
C ASP A 84 12.72 -2.99 -8.08
N LEU A 85 11.79 -2.01 -7.93
CA LEU A 85 11.83 -1.00 -6.87
C LEU A 85 11.70 -1.67 -5.48
N PRO A 86 12.72 -1.52 -4.56
CA PRO A 86 12.64 -2.06 -3.17
C PRO A 86 11.41 -1.54 -2.39
N GLU A 87 10.69 -2.46 -1.71
CA GLU A 87 9.49 -2.13 -0.93
C GLU A 87 9.87 -1.50 0.44
N THR A 88 8.88 -1.33 1.33
CA THR A 88 9.03 -0.58 2.58
C THR A 88 9.89 -1.32 3.61
N VAL A 89 10.90 -0.61 4.13
CA VAL A 89 11.75 -1.06 5.26
C VAL A 89 11.45 -0.16 6.48
N THR A 90 12.32 -0.18 7.52
CA THR A 90 12.18 0.74 8.68
C THR A 90 12.40 2.20 8.25
N ASP A 91 13.27 2.42 7.23
CA ASP A 91 13.45 3.74 6.61
C ASP A 91 12.19 4.07 5.79
N LEU A 92 11.38 5.01 6.32
CA LEU A 92 10.11 5.41 5.70
C LEU A 92 10.37 6.25 4.45
N SER A 93 10.40 5.60 3.28
CA SER A 93 10.55 6.24 1.97
C SER A 93 9.20 6.24 1.24
N GLN A 94 8.93 7.32 0.47
CA GLN A 94 7.70 7.43 -0.34
C GLN A 94 7.80 6.52 -1.58
N ILE A 95 6.68 5.88 -1.93
CA ILE A 95 6.58 4.92 -3.03
C ILE A 95 6.20 5.65 -4.35
N VAL A 96 7.14 5.71 -5.30
CA VAL A 96 6.88 6.21 -6.67
C VAL A 96 7.36 5.17 -7.70
N TRP A 97 6.37 4.54 -8.34
CA TRP A 97 6.58 3.50 -9.37
C TRP A 97 5.70 3.85 -10.60
N PRO A 98 6.01 3.30 -11.83
CA PRO A 98 5.34 3.72 -13.09
C PRO A 98 3.82 3.45 -13.12
N GLN A 99 3.14 4.16 -14.01
CA GLN A 99 1.73 3.91 -14.36
C GLN A 99 1.68 2.77 -15.39
N LEU A 100 0.63 1.94 -15.35
CA LEU A 100 0.47 0.80 -16.27
C LEU A 100 0.25 1.30 -17.74
N PRO A 101 0.80 0.58 -18.77
CA PRO A 101 0.89 1.07 -20.18
C PRO A 101 -0.47 1.55 -20.76
N VAL A 102 -1.50 0.69 -20.64
CA VAL A 102 -2.83 0.93 -21.25
C VAL A 102 -3.64 1.96 -20.42
N MET A 3 -6.26 8.97 3.92
CA MET A 3 -5.64 7.94 4.78
C MET A 3 -6.13 8.10 6.23
N LEU A 4 -6.54 6.99 6.85
CA LEU A 4 -6.91 6.94 8.27
C LEU A 4 -6.20 5.76 8.96
N LEU A 5 -6.09 5.85 10.28
CA LEU A 5 -5.49 4.82 11.13
C LEU A 5 -6.42 3.61 11.20
N HIS A 6 -6.05 2.53 10.48
CA HIS A 6 -6.75 1.23 10.53
C HIS A 6 -6.90 0.68 11.97
N SER A 7 -5.93 0.97 12.84
CA SER A 7 -5.91 0.46 14.22
C SER A 7 -5.00 1.34 15.09
N VAL A 8 -5.60 2.03 16.08
CA VAL A 8 -4.87 2.86 17.08
C VAL A 8 -5.25 2.40 18.50
N GLU A 9 -4.27 2.47 19.42
CA GLU A 9 -4.48 2.13 20.83
C GLU A 9 -4.80 3.42 21.61
N THR A 10 -5.97 3.42 22.25
CA THR A 10 -6.49 4.53 23.07
C THR A 10 -6.66 4.02 24.52
N PRO A 11 -6.74 4.92 25.56
CA PRO A 11 -7.01 4.51 26.97
C PRO A 11 -8.39 3.83 27.18
N ARG A 12 -9.29 3.97 26.17
CA ARG A 12 -10.65 3.35 26.18
C ARG A 12 -10.67 1.98 25.43
N GLY A 13 -9.52 1.60 24.82
CA GLY A 13 -9.37 0.29 24.15
C GLY A 13 -8.70 0.39 22.80
N GLU A 14 -9.06 -0.50 21.86
CA GLU A 14 -8.56 -0.47 20.48
C GLU A 14 -9.63 0.14 19.57
N ILE A 15 -9.23 1.11 18.74
CA ILE A 15 -10.13 1.86 17.86
C ILE A 15 -9.70 1.63 16.40
N LEU A 16 -10.57 0.95 15.65
CA LEU A 16 -10.34 0.58 14.23
C LEU A 16 -10.94 1.63 13.30
N ASN A 17 -10.27 1.85 12.14
CA ASN A 17 -10.75 2.69 11.03
C ASN A 17 -11.16 4.09 11.51
N VAL A 18 -10.16 4.94 11.74
CA VAL A 18 -10.35 6.22 12.44
C VAL A 18 -9.26 7.23 12.01
N SER A 19 -9.65 8.50 11.80
CA SER A 19 -8.70 9.56 11.43
C SER A 19 -7.87 10.01 12.65
N GLU A 20 -6.78 10.74 12.39
CA GLU A 20 -5.91 11.33 13.43
C GLU A 20 -6.70 12.35 14.28
N GLN A 21 -7.63 13.06 13.60
CA GLN A 21 -8.53 14.02 14.24
C GLN A 21 -9.48 13.30 15.22
N GLU A 22 -10.25 12.34 14.66
CA GLU A 22 -11.33 11.63 15.37
C GLU A 22 -10.76 10.87 16.59
N ALA A 23 -9.66 10.15 16.36
CA ALA A 23 -8.89 9.43 17.40
C ALA A 23 -8.55 10.32 18.61
N ARG A 24 -7.94 11.49 18.38
CA ARG A 24 -7.52 12.40 19.49
C ARG A 24 -8.72 13.11 20.13
N ASP A 25 -9.72 13.46 19.30
CA ASP A 25 -10.85 14.32 19.70
C ASP A 25 -11.89 13.53 20.52
N VAL A 26 -12.42 12.46 19.91
CA VAL A 26 -13.47 11.61 20.50
C VAL A 26 -12.88 10.49 21.37
N PHE A 27 -11.83 9.84 20.87
CA PHE A 27 -11.30 8.60 21.47
C PHE A 27 -10.10 8.84 22.40
N GLY A 28 -9.57 10.08 22.38
CA GLY A 28 -8.49 10.49 23.28
C GLY A 28 -7.19 9.71 23.07
N ALA A 29 -6.84 9.50 21.79
CA ALA A 29 -5.60 8.79 21.39
C ALA A 29 -4.38 9.69 21.55
N SER A 30 -3.28 9.13 22.04
CA SER A 30 -2.04 9.87 22.30
C SER A 30 -1.31 10.17 20.98
N GLU A 31 -0.54 11.26 20.95
CA GLU A 31 0.26 11.64 19.76
C GLU A 31 1.36 10.59 19.47
N GLN A 32 1.76 9.85 20.52
CA GLN A 32 2.65 8.68 20.40
C GLN A 32 1.92 7.57 19.65
N ALA A 33 0.62 7.42 19.97
CA ALA A 33 -0.26 6.37 19.42
C ALA A 33 -0.73 6.75 18.00
N ILE A 34 -0.73 8.07 17.70
CA ILE A 34 -1.28 8.61 16.45
C ILE A 34 -0.24 8.43 15.35
N ALA A 35 1.01 8.71 15.71
CA ALA A 35 2.13 8.68 14.77
C ALA A 35 2.53 7.22 14.52
N ASP A 36 2.41 6.40 15.59
CA ASP A 36 2.65 4.94 15.58
C ASP A 36 1.65 4.20 14.66
N ALA A 37 0.36 4.50 14.84
CA ALA A 37 -0.73 3.80 14.12
C ALA A 37 -0.83 4.27 12.66
N ARG A 38 -0.55 5.59 12.45
CA ARG A 38 -0.41 6.16 11.10
C ARG A 38 0.75 5.48 10.37
N LYS A 39 1.90 5.40 11.06
CA LYS A 39 3.11 4.69 10.59
C LYS A 39 2.79 3.23 10.28
N ALA A 40 1.87 2.63 11.03
CA ALA A 40 1.61 1.19 10.96
C ALA A 40 0.79 0.87 9.70
N THR A 41 -0.26 1.68 9.49
CA THR A 41 -1.19 1.56 8.35
C THR A 41 -0.46 1.91 7.04
N ILE A 42 0.41 2.95 7.08
CA ILE A 42 1.25 3.36 5.94
C ILE A 42 2.24 2.24 5.58
N LEU A 43 3.10 1.86 6.55
CA LEU A 43 4.14 0.78 6.41
C LEU A 43 3.54 -0.54 5.89
N GLN A 44 2.26 -0.77 6.17
CA GLN A 44 1.53 -1.95 5.75
C GLN A 44 1.14 -1.78 4.26
N THR A 45 0.47 -0.63 3.99
CA THR A 45 -0.14 -0.31 2.67
C THR A 45 0.92 -0.17 1.55
N LEU A 46 2.12 0.33 1.88
CA LEU A 46 3.22 0.51 0.89
C LEU A 46 3.60 -0.84 0.26
N ARG A 47 3.50 -1.90 1.08
CA ARG A 47 3.87 -3.26 0.70
C ARG A 47 2.64 -4.08 0.22
N ILE A 48 1.42 -3.63 0.57
CA ILE A 48 0.19 -4.26 0.06
C ILE A 48 -0.04 -3.85 -1.40
N GLU A 49 -0.18 -2.52 -1.63
CA GLU A 49 -0.56 -1.94 -2.94
C GLU A 49 0.33 -2.44 -4.09
N ARG A 50 1.67 -2.54 -3.84
CA ARG A 50 2.60 -3.10 -4.85
C ARG A 50 2.19 -4.54 -5.24
N ASP A 51 1.94 -5.39 -4.22
CA ASP A 51 1.57 -6.81 -4.41
C ASP A 51 0.22 -6.94 -5.11
N GLU A 52 -0.71 -6.02 -4.78
CA GLU A 52 -2.06 -5.99 -5.37
C GLU A 52 -1.98 -5.85 -6.89
N ARG A 53 -1.19 -4.88 -7.35
CA ARG A 53 -1.07 -4.52 -8.77
C ARG A 53 -0.30 -5.63 -9.55
N LEU A 54 0.65 -6.31 -8.86
CA LEU A 54 1.43 -7.42 -9.44
C LEU A 54 0.52 -8.64 -9.69
N ARG A 55 -0.23 -9.06 -8.64
CA ARG A 55 -1.09 -10.26 -8.67
C ARG A 55 -2.38 -10.00 -9.48
N ALA A 56 -2.76 -8.72 -9.62
CA ALA A 56 -3.92 -8.30 -10.44
C ALA A 56 -3.54 -8.24 -11.91
N CYS A 57 -2.24 -8.01 -12.20
CA CYS A 57 -1.70 -8.03 -13.57
C CYS A 57 -0.94 -9.36 -13.80
N ASP A 58 -1.44 -10.44 -13.18
CA ASP A 58 -0.92 -11.82 -13.35
C ASP A 58 -1.66 -12.52 -14.51
N TRP A 59 -2.88 -12.04 -14.82
CA TRP A 59 -3.74 -12.56 -15.90
C TRP A 59 -3.00 -12.58 -17.26
N THR A 60 -2.17 -11.55 -17.46
CA THR A 60 -1.42 -11.33 -18.72
C THR A 60 -0.12 -12.15 -18.74
N GLN A 61 0.37 -12.51 -17.55
CA GLN A 61 1.68 -13.18 -17.39
C GLN A 61 1.56 -14.71 -17.51
N VAL A 62 0.34 -15.24 -17.27
CA VAL A 62 0.07 -16.68 -17.37
C VAL A 62 0.05 -17.13 -18.85
N GLN A 63 0.35 -18.42 -19.09
CA GLN A 63 0.36 -19.03 -20.45
C GLN A 63 -1.07 -19.18 -21.02
N ASP A 64 -2.07 -19.12 -20.11
CA ASP A 64 -3.50 -19.32 -20.44
C ASP A 64 -4.02 -18.22 -21.40
N VAL A 65 -3.71 -16.95 -21.08
CA VAL A 65 -4.24 -15.78 -21.82
C VAL A 65 -3.65 -15.72 -23.24
N VAL A 66 -4.48 -15.30 -24.20
CA VAL A 66 -4.09 -15.16 -25.61
C VAL A 66 -3.82 -13.68 -25.90
N LEU A 67 -2.54 -13.29 -25.86
CA LEU A 67 -2.10 -11.90 -26.12
C LEU A 67 -0.90 -11.91 -27.08
N THR A 68 -0.61 -10.74 -27.68
CA THR A 68 0.58 -10.56 -28.54
C THR A 68 1.82 -10.34 -27.67
N ALA A 69 3.01 -10.48 -28.28
CA ALA A 69 4.29 -10.21 -27.59
C ALA A 69 4.34 -8.74 -27.11
N ASP A 70 3.87 -7.82 -27.99
CA ASP A 70 3.72 -6.39 -27.67
C ASP A 70 2.97 -6.15 -26.35
N GLN A 71 1.81 -6.82 -26.21
CA GLN A 71 0.94 -6.69 -25.00
C GLN A 71 1.60 -7.33 -23.77
N LYS A 72 2.02 -8.59 -23.91
CA LYS A 72 2.62 -9.41 -22.82
C LYS A 72 3.96 -8.85 -22.31
N ALA A 73 4.71 -8.15 -23.18
CA ALA A 73 6.08 -7.67 -22.85
C ALA A 73 5.98 -6.34 -22.11
N THR A 74 5.22 -5.42 -22.71
CA THR A 74 4.82 -4.12 -22.09
C THR A 74 4.18 -4.34 -20.67
N TRP A 75 3.35 -5.40 -20.55
CA TRP A 75 2.73 -5.79 -19.26
C TRP A 75 3.78 -6.38 -18.29
N ALA A 76 4.70 -7.20 -18.84
CA ALA A 76 5.79 -7.81 -18.06
C ALA A 76 6.80 -6.74 -17.61
N LYS A 77 6.90 -5.66 -18.40
CA LYS A 77 7.84 -4.56 -18.16
C LYS A 77 7.29 -3.67 -17.03
N TYR A 78 5.96 -3.48 -17.05
CA TYR A 78 5.20 -2.81 -15.98
C TYR A 78 5.40 -3.55 -14.65
N ARG A 79 5.16 -4.88 -14.69
CA ARG A 79 5.23 -5.76 -13.51
C ARG A 79 6.65 -5.75 -12.93
N GLN A 80 7.65 -5.95 -13.82
CA GLN A 80 9.07 -5.97 -13.46
C GLN A 80 9.54 -4.64 -12.87
N ALA A 81 9.09 -3.52 -13.47
CA ALA A 81 9.49 -2.17 -13.04
C ALA A 81 8.92 -1.83 -11.65
N LEU A 82 7.68 -2.29 -11.40
CA LEU A 82 6.99 -2.15 -10.12
C LEU A 82 7.78 -2.83 -8.99
N ARG A 83 8.14 -4.11 -9.19
CA ARG A 83 8.92 -4.89 -8.19
C ARG A 83 10.39 -4.46 -8.18
N ASP A 84 10.86 -3.86 -9.31
CA ASP A 84 12.23 -3.30 -9.43
C ASP A 84 12.38 -2.08 -8.51
N LEU A 85 11.28 -1.32 -8.35
CA LEU A 85 11.17 -0.28 -7.32
C LEU A 85 11.01 -0.97 -5.95
N PRO A 86 12.05 -0.92 -5.06
CA PRO A 86 11.97 -1.55 -3.74
C PRO A 86 11.21 -0.67 -2.71
N GLU A 87 10.54 -1.33 -1.75
CA GLU A 87 9.88 -0.66 -0.62
C GLU A 87 10.94 -0.26 0.44
N THR A 88 10.61 0.77 1.23
CA THR A 88 11.46 1.26 2.32
C THR A 88 10.60 1.93 3.39
N VAL A 89 11.09 1.87 4.64
CA VAL A 89 10.45 2.51 5.80
C VAL A 89 11.30 3.70 6.31
N THR A 90 12.64 3.62 6.12
CA THR A 90 13.60 4.62 6.63
C THR A 90 14.48 5.15 5.50
N ASP A 91 13.84 5.84 4.54
CA ASP A 91 14.52 6.58 3.46
C ASP A 91 13.55 7.64 2.93
N LEU A 92 12.66 7.24 2.00
CA LEU A 92 11.61 8.11 1.46
C LEU A 92 10.26 7.35 1.52
N SER A 93 9.33 7.82 2.38
CA SER A 93 7.99 7.20 2.54
C SER A 93 7.00 7.77 1.51
N GLN A 94 7.34 7.54 0.23
CA GLN A 94 6.47 7.80 -0.94
C GLN A 94 6.55 6.60 -1.86
N ILE A 95 5.46 6.33 -2.60
CA ILE A 95 5.31 5.12 -3.43
C ILE A 95 4.81 5.49 -4.83
N VAL A 96 5.75 5.82 -5.74
CA VAL A 96 5.43 6.22 -7.12
C VAL A 96 5.95 5.12 -8.06
N TRP A 97 5.10 4.11 -8.27
CA TRP A 97 5.39 2.93 -9.12
C TRP A 97 4.75 3.10 -10.52
N PRO A 98 5.21 2.34 -11.57
CA PRO A 98 4.71 2.47 -12.97
C PRO A 98 3.18 2.40 -13.08
N GLN A 99 2.61 3.30 -13.89
CA GLN A 99 1.19 3.26 -14.25
C GLN A 99 1.02 2.27 -15.40
N LEU A 100 -0.03 1.43 -15.35
CA LEU A 100 -0.22 0.35 -16.31
C LEU A 100 -0.59 0.91 -17.71
N PRO A 101 -0.15 0.23 -18.82
CA PRO A 101 -0.21 0.79 -20.20
C PRO A 101 -1.65 1.13 -20.69
N VAL A 102 -2.66 0.41 -20.17
CA VAL A 102 -4.07 0.58 -20.57
C VAL A 102 -4.65 1.90 -19.97
N MET A 3 -5.51 7.80 3.72
CA MET A 3 -5.63 6.57 4.53
C MET A 3 -6.24 6.86 5.90
N LEU A 4 -6.55 5.78 6.62
CA LEU A 4 -7.01 5.82 8.02
C LEU A 4 -6.35 4.69 8.81
N LEU A 5 -6.15 4.93 10.11
CA LEU A 5 -5.42 4.03 11.01
C LEU A 5 -6.14 2.69 11.17
N HIS A 6 -5.65 1.64 10.47
CA HIS A 6 -6.11 0.23 10.62
C HIS A 6 -6.23 -0.21 12.10
N SER A 7 -5.41 0.39 12.97
CA SER A 7 -5.44 0.18 14.43
C SER A 7 -4.72 1.34 15.13
N VAL A 8 -5.35 1.91 16.19
CA VAL A 8 -4.75 2.99 17.00
C VAL A 8 -4.97 2.71 18.50
N GLU A 9 -4.03 3.16 19.32
CA GLU A 9 -4.10 3.02 20.78
C GLU A 9 -4.76 4.27 21.40
N THR A 10 -5.81 4.05 22.21
CA THR A 10 -6.61 5.11 22.86
C THR A 10 -6.65 4.87 24.40
N PRO A 11 -6.99 5.90 25.25
CA PRO A 11 -7.19 5.70 26.71
C PRO A 11 -8.34 4.71 27.01
N ARG A 12 -9.31 4.64 26.07
CA ARG A 12 -10.49 3.75 26.15
C ARG A 12 -10.25 2.35 25.50
N GLY A 13 -9.01 2.05 25.08
CA GLY A 13 -8.66 0.71 24.55
C GLY A 13 -7.87 0.79 23.25
N GLU A 14 -8.28 0.01 22.24
CA GLU A 14 -7.72 0.06 20.88
C GLU A 14 -8.88 0.11 19.87
N ILE A 15 -8.70 0.90 18.80
CA ILE A 15 -9.77 1.21 17.83
C ILE A 15 -9.30 0.83 16.43
N LEU A 16 -10.03 -0.10 15.80
CA LEU A 16 -9.71 -0.63 14.47
C LEU A 16 -10.40 0.22 13.38
N ASN A 17 -9.57 0.69 12.42
CA ASN A 17 -10.01 1.41 11.19
C ASN A 17 -10.73 2.73 11.54
N VAL A 18 -9.91 3.80 11.63
CA VAL A 18 -10.31 5.13 12.10
C VAL A 18 -9.29 6.18 11.62
N SER A 19 -9.75 7.32 11.09
CA SER A 19 -8.85 8.42 10.65
C SER A 19 -8.11 9.06 11.85
N GLU A 20 -7.00 9.78 11.58
CA GLU A 20 -6.18 10.41 12.65
C GLU A 20 -7.00 11.47 13.41
N GLN A 21 -7.85 12.16 12.64
CA GLN A 21 -8.63 13.31 13.10
C GLN A 21 -9.79 12.81 13.99
N GLU A 22 -10.49 11.75 13.52
CA GLU A 22 -11.57 11.10 14.30
C GLU A 22 -11.01 10.45 15.58
N ALA A 23 -9.88 9.73 15.44
CA ALA A 23 -9.15 9.12 16.56
C ALA A 23 -8.84 10.13 17.69
N ARG A 24 -8.29 11.31 17.34
CA ARG A 24 -7.92 12.35 18.34
C ARG A 24 -9.17 13.04 18.90
N ASP A 25 -10.18 13.28 18.05
CA ASP A 25 -11.37 14.08 18.40
C ASP A 25 -12.36 13.27 19.26
N VAL A 26 -12.87 12.18 18.67
CA VAL A 26 -13.89 11.32 19.29
C VAL A 26 -13.23 10.39 20.33
N PHE A 27 -12.30 9.56 19.86
CA PHE A 27 -11.69 8.47 20.66
C PHE A 27 -10.62 8.97 21.64
N GLY A 28 -10.06 10.17 21.37
CA GLY A 28 -9.11 10.82 22.27
C GLY A 28 -7.71 10.17 22.28
N ALA A 29 -7.31 9.62 21.13
CA ALA A 29 -6.01 8.94 20.95
C ALA A 29 -4.83 9.92 21.06
N SER A 30 -3.71 9.44 21.62
CA SER A 30 -2.51 10.24 21.88
C SER A 30 -1.80 10.60 20.56
N GLU A 31 -1.07 11.72 20.55
CA GLU A 31 -0.38 12.22 19.35
C GLU A 31 0.80 11.29 18.96
N GLN A 32 1.37 10.61 19.98
CA GLN A 32 2.39 9.55 19.80
C GLN A 32 1.72 8.25 19.33
N ALA A 33 0.45 8.04 19.73
CA ALA A 33 -0.35 6.86 19.35
C ALA A 33 -0.87 7.00 17.91
N ILE A 34 -0.97 8.26 17.43
CA ILE A 34 -1.49 8.57 16.08
C ILE A 34 -0.34 8.37 15.09
N ALA A 35 0.76 9.12 15.33
CA ALA A 35 2.04 8.96 14.62
C ALA A 35 2.48 7.48 14.48
N ASP A 36 2.41 6.72 15.59
CA ASP A 36 2.70 5.27 15.61
C ASP A 36 1.77 4.51 14.64
N ALA A 37 0.45 4.74 14.80
CA ALA A 37 -0.61 4.03 14.04
C ALA A 37 -0.53 4.29 12.52
N ARG A 38 -0.35 5.57 12.17
CA ARG A 38 -0.31 6.04 10.78
C ARG A 38 0.93 5.50 10.08
N LYS A 39 2.07 5.53 10.79
CA LYS A 39 3.33 4.94 10.31
C LYS A 39 3.17 3.44 10.11
N ALA A 40 2.39 2.80 11.00
CA ALA A 40 2.26 1.34 11.02
C ALA A 40 1.35 0.86 9.88
N THR A 41 0.31 1.68 9.58
CA THR A 41 -0.67 1.38 8.54
C THR A 41 -0.07 1.65 7.15
N ILE A 42 0.72 2.75 7.04
CA ILE A 42 1.47 3.10 5.81
C ILE A 42 2.51 2.01 5.52
N LEU A 43 3.41 1.77 6.49
CA LEU A 43 4.51 0.76 6.40
C LEU A 43 4.00 -0.64 6.01
N GLN A 44 2.79 -0.97 6.50
CA GLN A 44 2.12 -2.25 6.21
C GLN A 44 1.62 -2.24 4.74
N THR A 45 0.95 -1.11 4.40
CA THR A 45 0.38 -0.85 3.06
C THR A 45 1.44 -0.95 1.95
N LEU A 46 2.67 -0.43 2.22
CA LEU A 46 3.78 -0.43 1.23
C LEU A 46 4.14 -1.88 0.85
N ARG A 47 4.43 -2.68 1.88
CA ARG A 47 4.86 -4.09 1.74
C ARG A 47 3.73 -4.94 1.11
N ILE A 48 2.46 -4.58 1.40
CA ILE A 48 1.27 -5.22 0.81
C ILE A 48 1.09 -4.80 -0.67
N GLU A 49 1.40 -3.51 -0.99
CA GLU A 49 1.21 -2.93 -2.35
C GLU A 49 1.98 -3.72 -3.41
N ARG A 50 3.23 -4.11 -3.09
CA ARG A 50 4.06 -4.93 -3.99
C ARG A 50 3.29 -6.18 -4.44
N ASP A 51 2.85 -6.96 -3.45
CA ASP A 51 2.17 -8.24 -3.68
C ASP A 51 0.87 -8.03 -4.47
N GLU A 52 0.06 -7.04 -4.02
CA GLU A 52 -1.26 -6.72 -4.62
C GLU A 52 -1.15 -6.31 -6.10
N ARG A 53 -0.07 -5.57 -6.45
CA ARG A 53 0.13 -5.08 -7.83
C ARG A 53 0.69 -6.19 -8.74
N LEU A 54 1.54 -7.08 -8.18
CA LEU A 54 2.13 -8.22 -8.91
C LEU A 54 1.04 -9.29 -9.24
N ARG A 55 0.11 -9.52 -8.29
CA ARG A 55 -1.06 -10.41 -8.52
C ARG A 55 -2.13 -9.68 -9.35
N ALA A 56 -2.07 -8.33 -9.38
CA ALA A 56 -2.91 -7.50 -10.28
C ALA A 56 -2.41 -7.57 -11.74
N CYS A 57 -1.30 -8.31 -11.97
CA CYS A 57 -0.79 -8.63 -13.31
C CYS A 57 -1.05 -10.11 -13.66
N ASP A 58 -1.56 -10.91 -12.70
CA ASP A 58 -1.75 -12.37 -12.87
C ASP A 58 -2.67 -12.70 -14.06
N TRP A 59 -3.65 -11.79 -14.32
CA TRP A 59 -4.58 -11.92 -15.45
C TRP A 59 -3.86 -11.75 -16.81
N THR A 60 -2.82 -10.89 -16.88
CA THR A 60 -2.05 -10.66 -18.12
C THR A 60 -1.03 -11.79 -18.35
N GLN A 61 -0.62 -12.45 -17.26
CA GLN A 61 0.44 -13.48 -17.27
C GLN A 61 -0.13 -14.91 -17.40
N VAL A 62 -1.45 -15.06 -17.23
CA VAL A 62 -2.16 -16.34 -17.50
C VAL A 62 -2.49 -16.44 -19.00
N GLN A 63 -2.54 -17.67 -19.55
CA GLN A 63 -2.80 -17.92 -20.99
C GLN A 63 -4.29 -17.72 -21.35
N ASP A 64 -5.14 -17.44 -20.36
CA ASP A 64 -6.59 -17.22 -20.55
C ASP A 64 -6.87 -15.88 -21.27
N VAL A 65 -5.98 -14.87 -21.07
CA VAL A 65 -6.18 -13.51 -21.61
C VAL A 65 -5.66 -13.39 -23.07
N VAL A 66 -6.31 -12.53 -23.87
CA VAL A 66 -5.88 -12.19 -25.23
C VAL A 66 -5.52 -10.69 -25.28
N LEU A 67 -4.21 -10.42 -25.36
CA LEU A 67 -3.65 -9.05 -25.47
C LEU A 67 -2.54 -9.08 -26.52
N THR A 68 -2.16 -7.90 -27.03
CA THR A 68 -1.03 -7.75 -27.95
C THR A 68 0.30 -8.01 -27.22
N ALA A 69 1.37 -8.31 -27.99
CA ALA A 69 2.74 -8.45 -27.45
C ALA A 69 3.13 -7.19 -26.67
N ASP A 70 2.75 -6.01 -27.25
CA ASP A 70 2.89 -4.70 -26.60
C ASP A 70 2.34 -4.71 -25.16
N GLN A 71 1.07 -5.13 -25.02
CA GLN A 71 0.33 -5.07 -23.73
C GLN A 71 0.93 -6.05 -22.70
N LYS A 72 1.11 -7.32 -23.11
CA LYS A 72 1.59 -8.40 -22.21
C LYS A 72 3.05 -8.18 -21.76
N ALA A 73 3.85 -7.51 -22.61
CA ALA A 73 5.29 -7.29 -22.33
C ALA A 73 5.44 -6.05 -21.42
N THR A 74 4.71 -4.98 -21.78
CA THR A 74 4.53 -3.77 -20.93
C THR A 74 4.06 -4.13 -19.49
N TRP A 75 3.13 -5.10 -19.38
CA TRP A 75 2.62 -5.60 -18.08
C TRP A 75 3.65 -6.47 -17.37
N ALA A 76 4.40 -7.27 -18.16
CA ALA A 76 5.50 -8.09 -17.64
C ALA A 76 6.66 -7.19 -17.17
N LYS A 77 6.82 -6.04 -17.85
CA LYS A 77 7.90 -5.06 -17.60
C LYS A 77 7.54 -4.20 -16.39
N TYR A 78 6.23 -3.96 -16.23
CA TYR A 78 5.63 -3.31 -15.04
C TYR A 78 5.95 -4.14 -13.79
N ARG A 79 5.70 -5.46 -13.92
CA ARG A 79 5.89 -6.42 -12.83
C ARG A 79 7.40 -6.55 -12.48
N GLN A 80 8.25 -6.68 -13.52
CA GLN A 80 9.72 -6.79 -13.36
C GLN A 80 10.34 -5.53 -12.71
N ALA A 81 9.89 -4.34 -13.15
CA ALA A 81 10.41 -3.06 -12.63
C ALA A 81 10.06 -2.91 -11.14
N LEU A 82 8.81 -3.24 -10.80
CA LEU A 82 8.26 -3.15 -9.43
C LEU A 82 9.02 -4.10 -8.47
N ARG A 83 9.11 -5.39 -8.86
CA ARG A 83 9.74 -6.44 -8.01
C ARG A 83 11.24 -6.17 -7.78
N ASP A 84 11.89 -5.55 -8.79
CA ASP A 84 13.34 -5.25 -8.77
C ASP A 84 13.66 -4.23 -7.67
N LEU A 85 12.86 -3.14 -7.62
CA LEU A 85 12.98 -2.11 -6.58
C LEU A 85 12.36 -2.61 -5.26
N PRO A 86 13.19 -2.90 -4.19
CA PRO A 86 12.68 -3.42 -2.89
C PRO A 86 12.04 -2.33 -2.02
N GLU A 87 11.73 -2.66 -0.76
CA GLU A 87 11.29 -1.66 0.24
C GLU A 87 12.01 -1.92 1.57
N THR A 88 11.97 -0.91 2.44
CA THR A 88 12.55 -0.95 3.77
C THR A 88 11.42 -0.80 4.82
N VAL A 89 11.08 -1.92 5.46
CA VAL A 89 9.98 -1.99 6.46
C VAL A 89 10.51 -1.61 7.87
N THR A 90 10.89 -0.33 7.99
CA THR A 90 11.42 0.29 9.23
C THR A 90 10.73 1.66 9.46
N ASP A 91 11.27 2.50 10.38
CA ASP A 91 10.71 3.82 10.74
C ASP A 91 10.92 4.84 9.59
N LEU A 92 10.05 4.76 8.56
CA LEU A 92 10.03 5.67 7.39
C LEU A 92 8.93 5.22 6.39
N SER A 93 8.89 5.86 5.21
CA SER A 93 8.03 5.46 4.10
C SER A 93 8.58 6.01 2.76
N GLN A 94 9.29 5.14 2.00
CA GLN A 94 9.84 5.50 0.69
C GLN A 94 9.71 4.30 -0.28
N ILE A 95 8.70 4.37 -1.18
CA ILE A 95 8.49 3.39 -2.26
C ILE A 95 8.11 4.14 -3.54
N VAL A 96 9.01 4.19 -4.53
CA VAL A 96 8.71 4.70 -5.88
C VAL A 96 8.82 3.54 -6.87
N TRP A 97 7.67 3.07 -7.36
CA TRP A 97 7.57 1.92 -8.29
C TRP A 97 6.52 2.23 -9.37
N PRO A 98 6.50 1.50 -10.54
CA PRO A 98 5.59 1.83 -11.67
C PRO A 98 4.08 1.75 -11.29
N GLN A 99 3.31 2.67 -11.89
CA GLN A 99 1.84 2.64 -11.91
C GLN A 99 1.41 1.94 -13.21
N LEU A 100 0.37 1.07 -13.13
CA LEU A 100 -0.01 0.16 -14.24
C LEU A 100 -0.47 0.92 -15.51
N PRO A 101 -0.20 0.37 -16.75
CA PRO A 101 -0.52 1.05 -18.03
C PRO A 101 -2.04 1.23 -18.26
N VAL A 102 -2.82 0.19 -17.92
CA VAL A 102 -4.29 0.17 -18.09
C VAL A 102 -4.95 0.82 -16.85
N MET A 3 -5.27 7.82 3.62
CA MET A 3 -4.58 7.05 4.67
C MET A 3 -5.26 7.30 6.04
N LEU A 4 -5.98 6.29 6.54
CA LEU A 4 -6.55 6.28 7.91
C LEU A 4 -5.87 5.16 8.74
N LEU A 5 -5.85 5.32 10.07
CA LEU A 5 -5.22 4.34 10.98
C LEU A 5 -6.02 3.02 11.03
N HIS A 6 -5.50 1.97 10.33
CA HIS A 6 -5.97 0.56 10.43
C HIS A 6 -6.27 0.11 11.88
N SER A 7 -5.50 0.62 12.85
CA SER A 7 -5.67 0.30 14.27
C SER A 7 -4.86 1.28 15.14
N VAL A 8 -5.53 1.96 16.07
CA VAL A 8 -4.90 2.86 17.07
C VAL A 8 -5.39 2.48 18.47
N GLU A 9 -4.44 2.10 19.34
CA GLU A 9 -4.73 1.70 20.72
C GLU A 9 -4.88 2.99 21.56
N THR A 10 -6.13 3.47 21.66
CA THR A 10 -6.48 4.73 22.35
C THR A 10 -6.74 4.45 23.87
N PRO A 11 -6.81 5.51 24.76
CA PRO A 11 -7.07 5.33 26.22
C PRO A 11 -8.36 4.54 26.55
N ARG A 12 -9.40 4.65 25.69
CA ARG A 12 -10.70 3.95 25.88
C ARG A 12 -10.65 2.48 25.38
N GLY A 13 -9.61 2.18 24.57
CA GLY A 13 -9.42 0.86 23.98
C GLY A 13 -8.85 0.95 22.59
N GLU A 14 -8.65 -0.20 21.94
CA GLU A 14 -8.05 -0.26 20.59
C GLU A 14 -9.16 -0.08 19.54
N ILE A 15 -8.92 0.79 18.54
CA ILE A 15 -9.95 1.29 17.61
C ILE A 15 -9.49 0.98 16.16
N LEU A 16 -10.27 0.17 15.45
CA LEU A 16 -9.95 -0.28 14.08
C LEU A 16 -10.52 0.71 13.03
N ASN A 17 -9.75 0.87 11.93
CA ASN A 17 -10.08 1.73 10.75
C ASN A 17 -10.76 3.06 11.13
N VAL A 18 -9.95 4.02 11.58
CA VAL A 18 -10.39 5.38 11.92
C VAL A 18 -9.34 6.40 11.44
N SER A 19 -9.80 7.54 10.93
CA SER A 19 -8.93 8.64 10.50
C SER A 19 -8.18 9.27 11.70
N GLU A 20 -6.98 9.81 11.44
CA GLU A 20 -6.07 10.34 12.49
C GLU A 20 -6.73 11.39 13.39
N GLN A 21 -7.41 12.35 12.76
CA GLN A 21 -8.00 13.51 13.46
C GLN A 21 -9.17 13.08 14.35
N GLU A 22 -10.01 12.15 13.83
CA GLU A 22 -11.16 11.60 14.57
C GLU A 22 -10.67 10.76 15.76
N ALA A 23 -9.65 9.92 15.50
CA ALA A 23 -8.92 9.17 16.54
C ALA A 23 -8.48 10.08 17.70
N ARG A 24 -7.98 11.28 17.37
CA ARG A 24 -7.54 12.27 18.37
C ARG A 24 -8.71 12.85 19.18
N ASP A 25 -9.76 13.29 18.45
CA ASP A 25 -10.85 14.10 19.02
C ASP A 25 -11.82 13.20 19.80
N VAL A 26 -12.44 12.26 19.08
CA VAL A 26 -13.50 11.39 19.60
C VAL A 26 -12.90 10.30 20.50
N PHE A 27 -11.87 9.60 20.00
CA PHE A 27 -11.33 8.40 20.66
C PHE A 27 -10.16 8.74 21.60
N GLY A 28 -9.68 10.01 21.58
CA GLY A 28 -8.75 10.52 22.59
C GLY A 28 -7.29 10.08 22.40
N ALA A 29 -6.95 9.60 21.20
CA ALA A 29 -5.57 9.21 20.86
C ALA A 29 -4.67 10.44 20.75
N SER A 30 -3.49 10.37 21.39
CA SER A 30 -2.51 11.45 21.41
C SER A 30 -1.65 11.43 20.14
N GLU A 31 -0.86 12.49 19.95
CA GLU A 31 -0.09 12.73 18.70
C GLU A 31 1.00 11.66 18.49
N GLN A 32 1.52 11.12 19.61
CA GLN A 32 2.53 10.04 19.61
C GLN A 32 1.85 8.68 19.35
N ALA A 33 0.57 8.58 19.76
CA ALA A 33 -0.28 7.40 19.55
C ALA A 33 -0.79 7.34 18.11
N ILE A 34 -0.85 8.51 17.44
CA ILE A 34 -1.34 8.62 16.06
C ILE A 34 -0.21 8.21 15.13
N ALA A 35 0.95 8.88 15.29
CA ALA A 35 2.21 8.52 14.63
C ALA A 35 2.60 7.03 14.78
N ASP A 36 2.36 6.45 15.96
CA ASP A 36 2.52 4.98 16.20
C ASP A 36 1.64 4.17 15.22
N ALA A 37 0.35 4.50 15.21
CA ALA A 37 -0.64 3.85 14.33
C ALA A 37 -0.42 4.19 12.84
N ARG A 38 0.23 5.35 12.58
CA ARG A 38 0.62 5.77 11.23
C ARG A 38 1.72 4.86 10.72
N LYS A 39 2.74 4.69 11.56
CA LYS A 39 3.87 3.78 11.34
C LYS A 39 3.38 2.35 11.08
N ALA A 40 2.28 1.97 11.76
CA ALA A 40 1.75 0.59 11.76
C ALA A 40 0.93 0.33 10.47
N THR A 41 0.05 1.29 10.12
CA THR A 41 -0.78 1.22 8.91
C THR A 41 0.12 1.24 7.67
N ILE A 42 0.93 2.33 7.55
CA ILE A 42 1.90 2.52 6.44
C ILE A 42 2.78 1.27 6.25
N LEU A 43 3.29 0.74 7.38
CA LEU A 43 4.13 -0.49 7.44
C LEU A 43 3.53 -1.62 6.59
N GLN A 44 2.28 -1.98 6.91
CA GLN A 44 1.59 -3.13 6.28
C GLN A 44 1.07 -2.73 4.88
N THR A 45 0.69 -1.45 4.74
CA THR A 45 0.05 -0.90 3.52
C THR A 45 1.04 -0.81 2.34
N LEU A 46 2.34 -0.60 2.60
CA LEU A 46 3.37 -0.58 1.54
C LEU A 46 3.48 -1.98 0.90
N ARG A 47 3.39 -2.99 1.77
CA ARG A 47 3.41 -4.41 1.39
C ARG A 47 2.14 -4.72 0.56
N ILE A 48 0.96 -4.34 1.11
CA ILE A 48 -0.35 -4.61 0.48
C ILE A 48 -0.44 -3.98 -0.93
N GLU A 49 -0.22 -2.65 -0.99
CA GLU A 49 -0.27 -1.84 -2.24
C GLU A 49 0.58 -2.44 -3.36
N ARG A 50 1.83 -2.79 -3.01
CA ARG A 50 2.78 -3.47 -3.90
C ARG A 50 2.14 -4.73 -4.51
N ASP A 51 1.62 -5.60 -3.63
CA ASP A 51 1.01 -6.88 -4.02
C ASP A 51 -0.35 -6.69 -4.75
N GLU A 52 -1.03 -5.54 -4.51
CA GLU A 52 -2.32 -5.21 -5.18
C GLU A 52 -2.06 -4.84 -6.65
N ARG A 53 -0.93 -4.18 -6.89
CA ARG A 53 -0.53 -3.76 -8.24
C ARG A 53 0.06 -4.95 -9.01
N LEU A 54 0.63 -5.93 -8.27
CA LEU A 54 1.21 -7.16 -8.84
C LEU A 54 0.11 -8.17 -9.25
N ARG A 55 -0.98 -8.27 -8.45
CA ARG A 55 -2.14 -9.13 -8.80
C ARG A 55 -2.97 -8.48 -9.93
N ALA A 56 -2.92 -7.13 -10.02
CA ALA A 56 -3.58 -6.35 -11.09
C ALA A 56 -2.92 -6.57 -12.48
N CYS A 57 -1.70 -7.11 -12.49
CA CYS A 57 -0.94 -7.41 -13.73
C CYS A 57 -0.67 -8.91 -13.87
N ASP A 58 -1.16 -9.71 -12.92
CA ASP A 58 -0.92 -11.17 -12.90
C ASP A 58 -1.71 -11.88 -14.01
N TRP A 59 -2.96 -11.42 -14.23
CA TRP A 59 -3.89 -12.01 -15.22
C TRP A 59 -3.36 -11.88 -16.67
N THR A 60 -2.48 -10.91 -16.91
CA THR A 60 -1.91 -10.64 -18.25
C THR A 60 -0.70 -11.54 -18.55
N GLN A 61 -0.06 -12.06 -17.47
CA GLN A 61 1.19 -12.82 -17.57
C GLN A 61 0.93 -14.34 -17.54
N VAL A 62 -0.25 -14.75 -17.03
CA VAL A 62 -0.67 -16.16 -17.05
C VAL A 62 -1.00 -16.62 -18.50
N GLN A 63 -0.89 -17.94 -18.75
CA GLN A 63 -1.10 -18.53 -20.09
C GLN A 63 -2.59 -18.47 -20.53
N ASP A 64 -3.50 -18.24 -19.55
CA ASP A 64 -4.95 -18.16 -19.79
C ASP A 64 -5.29 -17.09 -20.84
N VAL A 65 -4.80 -15.87 -20.58
CA VAL A 65 -5.08 -14.70 -21.42
C VAL A 65 -4.30 -14.82 -22.76
N VAL A 66 -4.89 -14.28 -23.82
CA VAL A 66 -4.27 -14.24 -25.16
C VAL A 66 -4.18 -12.76 -25.59
N LEU A 67 -3.04 -12.14 -25.29
CA LEU A 67 -2.74 -10.75 -25.66
C LEU A 67 -1.67 -10.76 -26.76
N THR A 68 -1.28 -9.57 -27.24
CA THR A 68 -0.10 -9.42 -28.12
C THR A 68 1.18 -9.41 -27.28
N ALA A 69 2.35 -9.59 -27.94
CA ALA A 69 3.67 -9.43 -27.30
C ALA A 69 3.79 -8.02 -26.71
N ASP A 70 3.31 -7.01 -27.49
CA ASP A 70 3.21 -5.60 -27.06
C ASP A 70 2.50 -5.48 -25.68
N GLN A 71 1.27 -6.01 -25.61
CA GLN A 71 0.40 -5.87 -24.42
C GLN A 71 1.02 -6.57 -23.21
N LYS A 72 1.44 -7.83 -23.41
CA LYS A 72 2.09 -8.67 -22.37
C LYS A 72 3.43 -8.08 -21.90
N ALA A 73 4.09 -7.28 -22.75
CA ALA A 73 5.42 -6.69 -22.43
C ALA A 73 5.22 -5.44 -21.57
N THR A 74 4.32 -4.56 -22.05
CA THR A 74 3.88 -3.33 -21.33
C THR A 74 3.37 -3.66 -19.89
N TRP A 75 2.73 -4.83 -19.74
CA TRP A 75 2.29 -5.33 -18.42
C TRP A 75 3.43 -6.05 -17.65
N ALA A 76 4.33 -6.71 -18.41
CA ALA A 76 5.52 -7.40 -17.84
C ALA A 76 6.49 -6.39 -17.22
N LYS A 77 6.57 -5.21 -17.83
CA LYS A 77 7.49 -4.16 -17.40
C LYS A 77 6.89 -3.42 -16.20
N TYR A 78 5.54 -3.41 -16.11
CA TYR A 78 4.81 -2.83 -14.98
C TYR A 78 5.12 -3.60 -13.68
N ARG A 79 4.92 -4.92 -13.72
CA ARG A 79 5.15 -5.80 -12.56
C ARG A 79 6.65 -5.81 -12.18
N GLN A 80 7.52 -5.90 -13.21
CA GLN A 80 8.98 -5.98 -13.05
C GLN A 80 9.60 -4.64 -12.59
N ALA A 81 8.95 -3.50 -12.91
CA ALA A 81 9.45 -2.15 -12.53
C ALA A 81 9.16 -1.86 -11.06
N LEU A 82 8.06 -2.43 -10.56
CA LEU A 82 7.70 -2.36 -9.15
C LEU A 82 8.61 -3.31 -8.34
N ARG A 83 8.85 -4.51 -8.91
CA ARG A 83 9.78 -5.50 -8.33
C ARG A 83 11.24 -5.03 -8.41
N ASP A 84 11.54 -4.14 -9.37
CA ASP A 84 12.85 -3.47 -9.53
C ASP A 84 13.19 -2.71 -8.24
N LEU A 85 12.17 -2.04 -7.67
CA LEU A 85 12.25 -1.44 -6.33
C LEU A 85 12.32 -2.57 -5.27
N PRO A 86 13.05 -2.40 -4.14
CA PRO A 86 13.09 -3.42 -3.05
C PRO A 86 11.69 -3.68 -2.49
N GLU A 87 11.39 -4.97 -2.20
CA GLU A 87 10.09 -5.39 -1.67
C GLU A 87 9.77 -4.58 -0.39
N THR A 88 8.75 -3.72 -0.52
CA THR A 88 8.39 -2.71 0.49
C THR A 88 7.68 -3.36 1.70
N VAL A 89 8.49 -4.01 2.54
CA VAL A 89 8.08 -4.47 3.88
C VAL A 89 8.31 -3.32 4.87
N THR A 90 9.37 -2.54 4.57
CA THR A 90 9.75 -1.31 5.25
C THR A 90 10.86 -0.64 4.43
N ASP A 91 10.86 0.69 4.39
CA ASP A 91 11.85 1.48 3.62
C ASP A 91 11.80 2.96 4.06
N LEU A 92 12.85 3.73 3.74
CA LEU A 92 12.94 5.17 4.09
C LEU A 92 12.71 6.07 2.86
N SER A 93 12.48 5.45 1.69
CA SER A 93 12.17 6.16 0.44
C SER A 93 10.64 6.42 0.33
N GLN A 94 10.27 7.48 -0.39
CA GLN A 94 8.88 7.75 -0.77
C GLN A 94 8.44 6.70 -1.80
N ILE A 95 7.34 5.96 -1.50
CA ILE A 95 6.87 4.86 -2.36
C ILE A 95 6.29 5.39 -3.70
N VAL A 96 7.18 5.61 -4.68
CA VAL A 96 6.80 6.03 -6.03
C VAL A 96 7.03 4.84 -6.96
N TRP A 97 5.96 4.10 -7.21
CA TRP A 97 5.96 2.86 -8.01
C TRP A 97 5.10 3.07 -9.27
N PRO A 98 5.35 2.29 -10.38
CA PRO A 98 4.63 2.48 -11.66
C PRO A 98 3.10 2.33 -11.52
N GLN A 99 2.37 3.14 -12.28
CA GLN A 99 0.92 3.01 -12.46
C GLN A 99 0.68 2.12 -13.70
N LEU A 100 -0.42 1.34 -13.68
CA LEU A 100 -0.73 0.38 -14.76
C LEU A 100 -1.01 1.09 -16.11
N PRO A 101 -0.60 0.46 -17.26
CA PRO A 101 -0.72 1.10 -18.61
C PRO A 101 -2.18 1.27 -19.09
N VAL A 102 -3.01 0.25 -18.84
CA VAL A 102 -4.39 0.19 -19.38
C VAL A 102 -5.38 0.67 -18.30
N MET A 3 -4.89 9.99 4.31
CA MET A 3 -4.35 8.86 5.09
C MET A 3 -5.09 8.72 6.43
N LEU A 4 -5.65 7.53 6.68
CA LEU A 4 -6.26 7.17 7.96
C LEU A 4 -5.46 6.01 8.57
N LEU A 5 -5.49 5.89 9.89
CA LEU A 5 -4.83 4.81 10.64
C LEU A 5 -5.53 3.47 10.38
N HIS A 6 -4.74 2.39 10.34
CA HIS A 6 -5.22 1.02 10.10
C HIS A 6 -5.73 0.43 11.43
N SER A 7 -4.97 0.72 12.50
CA SER A 7 -5.22 0.24 13.85
C SER A 7 -4.52 1.17 14.85
N VAL A 8 -5.31 2.05 15.50
CA VAL A 8 -4.78 3.01 16.50
C VAL A 8 -5.00 2.49 17.93
N GLU A 9 -3.99 2.71 18.76
CA GLU A 9 -4.07 2.44 20.19
C GLU A 9 -4.77 3.63 20.88
N THR A 10 -5.90 3.34 21.54
CA THR A 10 -6.75 4.35 22.20
C THR A 10 -6.85 4.05 23.72
N PRO A 11 -7.23 5.05 24.59
CA PRO A 11 -7.47 4.81 26.05
C PRO A 11 -8.65 3.84 26.31
N ARG A 12 -9.50 3.68 25.29
CA ARG A 12 -10.70 2.83 25.34
C ARG A 12 -10.46 1.46 24.67
N GLY A 13 -9.23 1.22 24.16
CA GLY A 13 -8.87 -0.05 23.53
C GLY A 13 -8.03 0.14 22.28
N GLU A 14 -8.50 -0.39 21.15
CA GLU A 14 -7.84 -0.25 19.85
C GLU A 14 -8.91 -0.15 18.77
N ILE A 15 -8.85 0.86 17.87
CA ILE A 15 -9.91 1.12 16.87
C ILE A 15 -9.32 0.92 15.46
N LEU A 16 -10.05 0.19 14.60
CA LEU A 16 -9.60 -0.16 13.25
C LEU A 16 -10.19 0.81 12.20
N ASN A 17 -9.30 1.34 11.32
CA ASN A 17 -9.65 2.20 10.17
C ASN A 17 -10.36 3.49 10.61
N VAL A 18 -9.55 4.50 10.93
CA VAL A 18 -10.01 5.78 11.49
C VAL A 18 -8.92 6.85 11.25
N SER A 19 -9.34 8.08 10.87
CA SER A 19 -8.42 9.21 10.65
C SER A 19 -7.77 9.67 11.96
N GLU A 20 -6.63 10.35 11.84
CA GLU A 20 -5.93 10.93 13.00
C GLU A 20 -6.78 12.04 13.66
N GLN A 21 -7.66 12.65 12.87
CA GLN A 21 -8.66 13.63 13.35
C GLN A 21 -9.64 12.96 14.34
N GLU A 22 -10.35 11.94 13.84
CA GLU A 22 -11.42 11.24 14.60
C GLU A 22 -10.83 10.47 15.80
N ALA A 23 -9.66 9.86 15.59
CA ALA A 23 -8.87 9.25 16.68
C ALA A 23 -8.68 10.20 17.89
N ARG A 24 -8.18 11.43 17.64
CA ARG A 24 -8.00 12.46 18.69
C ARG A 24 -9.35 12.92 19.27
N ASP A 25 -10.31 13.19 18.37
CA ASP A 25 -11.56 13.91 18.69
C ASP A 25 -12.57 12.98 19.42
N VAL A 26 -12.99 11.93 18.71
CA VAL A 26 -14.00 10.98 19.19
C VAL A 26 -13.41 9.99 20.20
N PHE A 27 -12.30 9.35 19.82
CA PHE A 27 -11.73 8.22 20.57
C PHE A 27 -10.73 8.67 21.66
N GLY A 28 -10.40 9.98 21.66
CA GLY A 28 -9.54 10.58 22.69
C GLY A 28 -8.13 10.01 22.72
N ALA A 29 -7.70 9.45 21.57
CA ALA A 29 -6.42 8.75 21.42
C ALA A 29 -5.24 9.71 21.56
N SER A 30 -4.15 9.20 22.16
CA SER A 30 -2.93 9.95 22.42
C SER A 30 -2.18 10.24 21.11
N GLU A 31 -1.52 11.39 21.05
CA GLU A 31 -0.81 11.86 19.84
C GLU A 31 0.41 10.95 19.57
N GLN A 32 1.00 10.44 20.67
CA GLN A 32 2.14 9.50 20.62
C GLN A 32 1.68 8.12 20.11
N ALA A 33 0.45 7.73 20.52
CA ALA A 33 -0.16 6.45 20.13
C ALA A 33 -0.64 6.50 18.69
N ILE A 34 -0.99 7.71 18.21
CA ILE A 34 -1.44 7.95 16.83
C ILE A 34 -0.21 8.09 15.92
N ALA A 35 0.93 8.47 16.54
CA ALA A 35 2.20 8.72 15.82
C ALA A 35 2.84 7.37 15.47
N ASP A 36 2.82 6.45 16.47
CA ASP A 36 3.23 5.05 16.31
C ASP A 36 2.28 4.32 15.31
N ALA A 37 0.97 4.59 15.44
CA ALA A 37 -0.07 4.05 14.52
C ALA A 37 0.11 4.59 13.09
N ARG A 38 0.51 5.86 13.00
CA ARG A 38 0.75 6.57 11.71
C ARG A 38 1.93 5.91 11.01
N LYS A 39 3.01 5.72 11.77
CA LYS A 39 4.22 5.01 11.35
C LYS A 39 3.88 3.59 10.86
N ALA A 40 2.94 2.93 11.56
CA ALA A 40 2.63 1.51 11.34
C ALA A 40 1.74 1.36 10.10
N THR A 41 0.84 2.35 9.89
CA THR A 41 -0.11 2.35 8.76
C THR A 41 0.63 2.66 7.47
N ILE A 42 1.53 3.66 7.50
CA ILE A 42 2.37 4.01 6.35
C ILE A 42 3.24 2.79 5.96
N LEU A 43 4.04 2.33 6.93
CA LEU A 43 4.95 1.16 6.80
C LEU A 43 4.25 -0.09 6.19
N GLN A 44 2.99 -0.30 6.58
CA GLN A 44 2.20 -1.46 6.14
C GLN A 44 1.60 -1.22 4.73
N THR A 45 0.90 -0.09 4.60
CA THR A 45 0.12 0.28 3.40
C THR A 45 1.01 0.37 2.15
N LEU A 46 2.23 0.93 2.28
CA LEU A 46 3.17 1.09 1.15
C LEU A 46 3.53 -0.26 0.50
N ARG A 47 3.97 -1.23 1.32
CA ARG A 47 4.37 -2.56 0.83
C ARG A 47 3.16 -3.39 0.36
N ILE A 48 1.97 -3.11 0.94
CA ILE A 48 0.70 -3.74 0.49
C ILE A 48 0.33 -3.23 -0.91
N GLU A 49 0.42 -1.89 -1.09
CA GLU A 49 0.09 -1.20 -2.36
C GLU A 49 0.81 -1.85 -3.55
N ARG A 50 2.11 -2.14 -3.34
CA ARG A 50 2.96 -2.74 -4.37
C ARG A 50 2.35 -4.06 -4.87
N ASP A 51 2.14 -5.00 -3.92
CA ASP A 51 1.72 -6.36 -4.24
C ASP A 51 0.27 -6.43 -4.71
N GLU A 52 -0.58 -5.48 -4.25
CA GLU A 52 -2.00 -5.41 -4.64
C GLU A 52 -2.15 -5.09 -6.14
N ARG A 53 -1.48 -4.03 -6.58
CA ARG A 53 -1.55 -3.58 -8.00
C ARG A 53 -0.86 -4.59 -8.95
N LEU A 54 0.12 -5.35 -8.41
CA LEU A 54 0.79 -6.44 -9.14
C LEU A 54 -0.17 -7.62 -9.42
N ARG A 55 -0.79 -8.15 -8.34
CA ARG A 55 -1.68 -9.33 -8.40
C ARG A 55 -3.03 -8.97 -9.06
N ALA A 56 -3.39 -7.67 -9.05
CA ALA A 56 -4.57 -7.16 -9.77
C ALA A 56 -4.32 -7.26 -11.28
N CYS A 57 -3.16 -6.75 -11.69
CA CYS A 57 -2.74 -6.70 -13.09
C CYS A 57 -2.26 -8.08 -13.62
N ASP A 58 -2.25 -9.11 -12.75
CA ASP A 58 -1.84 -10.48 -13.10
C ASP A 58 -2.82 -11.15 -14.10
N TRP A 59 -4.02 -10.54 -14.30
CA TRP A 59 -5.03 -11.00 -15.28
C TRP A 59 -4.46 -10.97 -16.72
N THR A 60 -3.41 -10.16 -16.94
CA THR A 60 -2.75 -10.03 -18.27
C THR A 60 -1.68 -11.11 -18.48
N GLN A 61 -1.32 -11.81 -17.40
CA GLN A 61 -0.25 -12.82 -17.38
C GLN A 61 -0.83 -14.25 -17.37
N VAL A 62 -2.11 -14.38 -16.96
CA VAL A 62 -2.83 -15.68 -16.96
C VAL A 62 -3.04 -16.22 -18.39
N GLN A 63 -3.34 -17.54 -18.49
CA GLN A 63 -3.53 -18.23 -19.77
C GLN A 63 -4.90 -17.91 -20.40
N ASP A 64 -5.84 -17.43 -19.57
CA ASP A 64 -7.22 -17.10 -19.97
C ASP A 64 -7.26 -15.91 -20.96
N VAL A 65 -6.46 -14.88 -20.67
CA VAL A 65 -6.54 -13.58 -21.35
C VAL A 65 -6.05 -13.64 -22.82
N VAL A 66 -6.69 -12.84 -23.69
CA VAL A 66 -6.30 -12.65 -25.09
C VAL A 66 -5.84 -11.19 -25.30
N LEU A 67 -4.52 -11.00 -25.45
CA LEU A 67 -3.89 -9.71 -25.76
C LEU A 67 -2.78 -9.96 -26.80
N THR A 68 -2.14 -8.89 -27.27
CA THR A 68 -0.97 -9.00 -28.16
C THR A 68 0.29 -9.29 -27.32
N ALA A 69 1.34 -9.81 -27.96
CA ALA A 69 2.64 -10.06 -27.29
C ALA A 69 3.19 -8.76 -26.70
N ASP A 70 3.10 -7.68 -27.50
CA ASP A 70 3.47 -6.30 -27.11
C ASP A 70 2.82 -5.89 -25.77
N GLN A 71 1.47 -5.98 -25.71
CA GLN A 71 0.67 -5.61 -24.51
C GLN A 71 1.08 -6.46 -23.30
N LYS A 72 1.03 -7.79 -23.47
CA LYS A 72 1.38 -8.78 -22.42
C LYS A 72 2.83 -8.61 -21.90
N ALA A 73 3.72 -8.05 -22.74
CA ALA A 73 5.15 -7.87 -22.39
C ALA A 73 5.33 -6.57 -21.60
N THR A 74 4.62 -5.52 -22.06
CA THR A 74 4.49 -4.23 -21.35
C THR A 74 4.00 -4.44 -19.91
N TRP A 75 3.01 -5.32 -19.74
CA TRP A 75 2.47 -5.71 -18.43
C TRP A 75 3.45 -6.62 -17.64
N ALA A 76 4.18 -7.47 -18.37
CA ALA A 76 5.20 -8.36 -17.78
C ALA A 76 6.40 -7.55 -17.27
N LYS A 77 6.64 -6.38 -17.89
CA LYS A 77 7.74 -5.47 -17.55
C LYS A 77 7.28 -4.52 -16.43
N TYR A 78 5.97 -4.21 -16.46
CA TYR A 78 5.26 -3.44 -15.42
C TYR A 78 5.44 -4.12 -14.05
N ARG A 79 5.34 -5.46 -14.05
CA ARG A 79 5.53 -6.26 -12.84
C ARG A 79 6.96 -6.09 -12.26
N GLN A 80 7.97 -6.19 -13.15
CA GLN A 80 9.39 -6.21 -12.74
C GLN A 80 9.84 -4.83 -12.17
N ALA A 81 9.48 -3.77 -12.89
CA ALA A 81 9.82 -2.38 -12.53
C ALA A 81 9.13 -1.93 -11.22
N LEU A 82 8.03 -2.62 -10.89
CA LEU A 82 7.20 -2.33 -9.70
C LEU A 82 7.73 -3.13 -8.48
N ARG A 83 8.06 -4.43 -8.75
CA ARG A 83 8.65 -5.37 -7.76
C ARG A 83 10.05 -4.94 -7.32
N ASP A 84 10.70 -4.11 -8.15
CA ASP A 84 12.02 -3.48 -7.86
C ASP A 84 12.13 -2.96 -6.40
N LEU A 85 10.99 -2.47 -5.86
CA LEU A 85 10.87 -2.09 -4.44
C LEU A 85 10.66 -3.38 -3.62
N PRO A 86 11.66 -3.84 -2.81
CA PRO A 86 11.57 -5.13 -2.07
C PRO A 86 10.52 -5.09 -0.95
N GLU A 87 9.94 -6.27 -0.64
CA GLU A 87 8.93 -6.43 0.42
C GLU A 87 9.59 -6.21 1.79
N THR A 88 10.62 -7.04 2.05
CA THR A 88 11.37 -7.04 3.29
C THR A 88 12.45 -5.95 3.28
N VAL A 89 12.03 -4.75 3.67
CA VAL A 89 12.89 -3.57 3.80
C VAL A 89 12.79 -3.04 5.23
N THR A 90 13.94 -2.75 5.86
CA THR A 90 14.01 -2.24 7.24
C THR A 90 13.61 -0.74 7.30
N ASP A 91 13.53 -0.11 6.11
CA ASP A 91 13.10 1.28 5.95
C ASP A 91 12.59 1.50 4.52
N LEU A 92 11.26 1.49 4.34
CA LEU A 92 10.62 1.90 3.08
C LEU A 92 10.37 3.41 3.20
N SER A 93 11.31 4.21 2.67
CA SER A 93 11.30 5.67 2.80
C SER A 93 10.08 6.27 2.08
N GLN A 94 10.10 6.22 0.74
CA GLN A 94 9.04 6.76 -0.13
C GLN A 94 8.77 5.76 -1.26
N ILE A 95 7.56 5.84 -1.85
CA ILE A 95 7.11 4.88 -2.89
C ILE A 95 7.17 5.53 -4.29
N VAL A 96 7.86 4.83 -5.21
CA VAL A 96 8.01 5.22 -6.62
C VAL A 96 7.84 3.96 -7.46
N TRP A 97 6.68 3.80 -8.10
CA TRP A 97 6.39 2.63 -8.94
C TRP A 97 5.57 3.05 -10.17
N PRO A 98 5.67 2.28 -11.31
CA PRO A 98 4.86 2.54 -12.52
C PRO A 98 3.34 2.37 -12.27
N GLN A 99 2.54 3.22 -12.93
CA GLN A 99 1.09 3.00 -13.10
C GLN A 99 0.88 2.24 -14.41
N LEU A 100 -0.19 1.43 -14.48
CA LEU A 100 -0.49 0.55 -15.64
C LEU A 100 -0.45 1.27 -17.02
N PRO A 101 0.00 0.56 -18.11
CA PRO A 101 0.19 1.18 -19.45
C PRO A 101 -1.15 1.54 -20.15
N VAL A 102 -2.18 0.73 -19.87
CA VAL A 102 -3.51 0.87 -20.48
C VAL A 102 -4.33 1.90 -19.68
N MET A 3 -6.80 7.52 3.64
CA MET A 3 -5.91 6.86 4.62
C MET A 3 -6.39 7.17 6.03
N LEU A 4 -6.72 6.11 6.77
CA LEU A 4 -7.05 6.16 8.20
C LEU A 4 -6.32 5.03 8.94
N LEU A 5 -6.15 5.19 10.25
CA LEU A 5 -5.54 4.18 11.12
C LEU A 5 -6.50 2.99 11.28
N HIS A 6 -6.22 1.90 10.54
CA HIS A 6 -6.96 0.62 10.62
C HIS A 6 -7.11 0.07 12.07
N SER A 7 -6.21 0.49 12.96
CA SER A 7 -6.29 0.18 14.38
C SER A 7 -5.37 1.16 15.14
N VAL A 8 -5.86 1.62 16.30
CA VAL A 8 -5.14 2.56 17.18
C VAL A 8 -5.56 2.28 18.64
N GLU A 9 -4.58 2.20 19.54
CA GLU A 9 -4.84 1.97 20.96
C GLU A 9 -4.98 3.32 21.68
N THR A 10 -6.23 3.65 22.01
CA THR A 10 -6.62 4.89 22.71
C THR A 10 -6.70 4.62 24.25
N PRO A 11 -6.80 5.68 25.13
CA PRO A 11 -6.96 5.51 26.60
C PRO A 11 -8.24 4.75 27.01
N ARG A 12 -9.28 4.80 26.15
CA ARG A 12 -10.56 4.09 26.40
C ARG A 12 -10.47 2.60 25.96
N GLY A 13 -9.38 2.25 25.24
CA GLY A 13 -9.14 0.88 24.78
C GLY A 13 -8.69 0.84 23.32
N GLU A 14 -8.84 -0.33 22.68
CA GLU A 14 -8.45 -0.51 21.27
C GLU A 14 -9.61 -0.08 20.37
N ILE A 15 -9.29 0.69 19.32
CA ILE A 15 -10.28 1.29 18.38
C ILE A 15 -9.87 0.91 16.95
N LEU A 16 -10.77 0.25 16.22
CA LEU A 16 -10.50 -0.29 14.87
C LEU A 16 -11.09 0.64 13.79
N ASN A 17 -10.22 1.10 12.87
CA ASN A 17 -10.59 1.83 11.64
C ASN A 17 -11.21 3.20 11.96
N VAL A 18 -10.34 4.21 12.11
CA VAL A 18 -10.72 5.59 12.43
C VAL A 18 -9.65 6.57 11.90
N SER A 19 -10.08 7.78 11.51
CA SER A 19 -9.18 8.85 11.06
C SER A 19 -8.34 9.40 12.23
N GLU A 20 -7.22 10.05 11.89
CA GLU A 20 -6.29 10.68 12.85
C GLU A 20 -7.02 11.73 13.71
N GLN A 21 -7.79 12.58 13.03
CA GLN A 21 -8.53 13.69 13.67
C GLN A 21 -9.55 13.16 14.70
N GLU A 22 -10.46 12.30 14.21
CA GLU A 22 -11.58 11.77 15.02
C GLU A 22 -11.07 10.93 16.21
N ALA A 23 -10.05 10.09 15.96
CA ALA A 23 -9.33 9.35 17.00
C ALA A 23 -8.89 10.26 18.18
N ARG A 24 -8.16 11.36 17.88
CA ARG A 24 -7.62 12.28 18.91
C ARG A 24 -8.74 13.00 19.71
N ASP A 25 -9.76 13.44 18.97
CA ASP A 25 -10.83 14.32 19.51
C ASP A 25 -11.86 13.51 20.30
N VAL A 26 -12.53 12.57 19.61
CA VAL A 26 -13.62 11.74 20.19
C VAL A 26 -13.04 10.65 21.12
N PHE A 27 -12.18 9.80 20.55
CA PHE A 27 -11.67 8.59 21.23
C PHE A 27 -10.52 8.92 22.20
N GLY A 28 -9.97 10.14 22.08
CA GLY A 28 -8.96 10.64 23.01
C GLY A 28 -7.56 10.11 22.76
N ALA A 29 -7.31 9.63 21.53
CA ALA A 29 -6.03 9.02 21.12
C ALA A 29 -4.84 9.98 21.28
N SER A 30 -3.75 9.47 21.86
CA SER A 30 -2.48 10.19 21.96
C SER A 30 -1.90 10.44 20.56
N GLU A 31 -1.26 11.60 20.38
CA GLU A 31 -0.65 11.99 19.10
C GLU A 31 0.56 11.08 18.78
N GLN A 32 1.18 10.54 19.86
CA GLN A 32 2.25 9.54 19.77
C GLN A 32 1.73 8.20 19.20
N ALA A 33 0.46 7.86 19.54
CA ALA A 33 -0.22 6.66 19.03
C ALA A 33 -0.58 6.89 17.56
N ILE A 34 -1.26 8.01 17.28
CA ILE A 34 -1.47 8.55 15.91
C ILE A 34 -0.18 8.58 15.06
N ALA A 35 0.97 8.76 15.69
CA ALA A 35 2.25 8.84 14.98
C ALA A 35 2.70 7.42 14.57
N ASP A 36 2.79 6.54 15.58
CA ASP A 36 3.18 5.12 15.39
C ASP A 36 2.26 4.36 14.41
N ALA A 37 0.94 4.50 14.60
CA ALA A 37 -0.08 3.78 13.82
C ALA A 37 -0.23 4.36 12.40
N ARG A 38 0.01 5.68 12.23
CA ARG A 38 0.08 6.30 10.88
C ARG A 38 1.26 5.69 10.10
N LYS A 39 2.44 5.76 10.75
CA LYS A 39 3.69 5.17 10.26
C LYS A 39 3.52 3.70 9.87
N ALA A 40 2.76 2.95 10.69
CA ALA A 40 2.64 1.50 10.57
C ALA A 40 1.61 1.12 9.47
N THR A 41 0.52 1.91 9.36
CA THR A 41 -0.53 1.69 8.35
C THR A 41 0.04 1.94 6.95
N ILE A 42 0.81 3.04 6.81
CA ILE A 42 1.54 3.38 5.57
C ILE A 42 2.58 2.29 5.25
N LEU A 43 3.47 2.01 6.23
CA LEU A 43 4.56 1.00 6.12
C LEU A 43 4.04 -0.38 5.67
N GLN A 44 2.86 -0.75 6.17
CA GLN A 44 2.25 -2.05 5.89
C GLN A 44 1.59 -2.05 4.51
N THR A 45 0.78 -1.01 4.24
CA THR A 45 0.02 -0.86 2.98
C THR A 45 0.94 -0.90 1.77
N LEU A 46 1.97 -0.03 1.75
CA LEU A 46 2.87 0.16 0.59
C LEU A 46 3.69 -1.12 0.31
N ARG A 47 4.20 -1.70 1.39
CA ARG A 47 4.99 -2.95 1.37
C ARG A 47 4.18 -4.09 0.72
N ILE A 48 2.91 -4.19 1.14
CA ILE A 48 1.97 -5.21 0.65
C ILE A 48 1.45 -4.87 -0.77
N GLU A 49 1.24 -3.56 -1.04
CA GLU A 49 0.55 -3.05 -2.25
C GLU A 49 1.36 -3.36 -3.51
N ARG A 50 2.70 -3.28 -3.37
CA ARG A 50 3.66 -3.68 -4.41
C ARG A 50 3.41 -5.14 -4.81
N ASP A 51 3.20 -6.00 -3.80
CA ASP A 51 3.02 -7.44 -3.99
C ASP A 51 1.59 -7.75 -4.49
N GLU A 52 0.62 -6.88 -4.15
CA GLU A 52 -0.77 -7.00 -4.61
C GLU A 52 -0.85 -6.82 -6.13
N ARG A 53 -0.12 -5.82 -6.63
CA ARG A 53 -0.06 -5.53 -8.07
C ARG A 53 0.85 -6.50 -8.84
N LEU A 54 1.84 -7.11 -8.13
CA LEU A 54 2.68 -8.20 -8.69
C LEU A 54 1.84 -9.46 -8.97
N ARG A 55 1.08 -9.89 -7.94
CA ARG A 55 0.24 -11.11 -8.02
C ARG A 55 -0.97 -10.88 -8.94
N ALA A 56 -1.45 -9.61 -9.00
CA ALA A 56 -2.57 -9.21 -9.88
C ALA A 56 -2.13 -9.22 -11.35
N CYS A 57 -0.92 -8.66 -11.62
CA CYS A 57 -0.35 -8.54 -12.99
C CYS A 57 -0.08 -9.92 -13.63
N ASP A 58 -0.10 -10.98 -12.81
CA ASP A 58 0.13 -12.36 -13.29
C ASP A 58 -1.04 -12.87 -14.17
N TRP A 59 -2.19 -12.12 -14.20
CA TRP A 59 -3.37 -12.46 -15.03
C TRP A 59 -3.00 -12.54 -16.54
N THR A 60 -2.09 -11.65 -16.96
CA THR A 60 -1.64 -11.52 -18.37
C THR A 60 -0.38 -12.35 -18.62
N GLN A 61 0.32 -12.69 -17.54
CA GLN A 61 1.59 -13.45 -17.60
C GLN A 61 1.30 -14.96 -17.78
N VAL A 62 0.10 -15.41 -17.34
CA VAL A 62 -0.35 -16.81 -17.54
C VAL A 62 -0.82 -17.03 -18.99
N GLN A 63 -0.76 -18.30 -19.44
CA GLN A 63 -1.06 -18.69 -20.85
C GLN A 63 -2.58 -18.89 -21.09
N ASP A 64 -3.39 -18.61 -20.07
CA ASP A 64 -4.87 -18.70 -20.15
C ASP A 64 -5.44 -17.58 -21.04
N VAL A 65 -4.95 -16.35 -20.83
CA VAL A 65 -5.40 -15.16 -21.56
C VAL A 65 -4.61 -15.00 -22.87
N VAL A 66 -5.24 -14.36 -23.87
CA VAL A 66 -4.62 -14.05 -25.17
C VAL A 66 -4.57 -12.52 -25.34
N LEU A 67 -3.36 -12.01 -25.51
CA LEU A 67 -3.07 -10.58 -25.74
C LEU A 67 -1.90 -10.51 -26.74
N THR A 68 -1.67 -9.33 -27.33
CA THR A 68 -0.55 -9.12 -28.26
C THR A 68 0.78 -9.09 -27.48
N ALA A 69 1.90 -9.35 -28.17
CA ALA A 69 3.24 -9.21 -27.58
C ALA A 69 3.45 -7.77 -27.05
N ASP A 70 2.91 -6.80 -27.82
CA ASP A 70 2.84 -5.37 -27.43
C ASP A 70 2.26 -5.19 -26.01
N GLN A 71 1.05 -5.77 -25.78
CA GLN A 71 0.33 -5.68 -24.49
C GLN A 71 1.09 -6.40 -23.38
N LYS A 72 1.43 -7.67 -23.63
CA LYS A 72 2.07 -8.58 -22.65
C LYS A 72 3.49 -8.13 -22.26
N ALA A 73 4.17 -7.38 -23.14
CA ALA A 73 5.56 -6.89 -22.88
C ALA A 73 5.48 -5.61 -22.03
N THR A 74 4.54 -4.73 -22.41
CA THR A 74 4.19 -3.52 -21.63
C THR A 74 3.78 -3.90 -20.18
N TRP A 75 3.02 -5.01 -20.05
CA TRP A 75 2.64 -5.61 -18.76
C TRP A 75 3.85 -6.29 -18.07
N ALA A 76 4.78 -6.84 -18.89
CA ALA A 76 5.97 -7.56 -18.38
C ALA A 76 7.01 -6.59 -17.77
N LYS A 77 7.06 -5.34 -18.30
CA LYS A 77 7.98 -4.28 -17.80
C LYS A 77 7.43 -3.70 -16.49
N TYR A 78 6.10 -3.64 -16.42
CA TYR A 78 5.33 -3.24 -15.21
C TYR A 78 5.75 -4.11 -14.01
N ARG A 79 5.70 -5.43 -14.23
CA ARG A 79 6.01 -6.44 -13.20
C ARG A 79 7.53 -6.45 -12.89
N GLN A 80 8.35 -6.46 -13.96
CA GLN A 80 9.84 -6.37 -13.92
C GLN A 80 10.36 -5.19 -13.06
N ALA A 81 9.67 -4.05 -13.13
CA ALA A 81 10.03 -2.86 -12.36
C ALA A 81 9.88 -3.11 -10.85
N LEU A 82 8.70 -3.62 -10.48
CA LEU A 82 8.31 -3.91 -9.09
C LEU A 82 9.23 -4.92 -8.39
N ARG A 83 9.76 -5.92 -9.15
CA ARG A 83 10.66 -6.96 -8.56
C ARG A 83 12.09 -6.39 -8.34
N ASP A 84 12.45 -5.40 -9.16
CA ASP A 84 13.81 -4.79 -9.17
C ASP A 84 13.97 -3.73 -8.06
N LEU A 85 12.84 -3.30 -7.46
CA LEU A 85 12.82 -2.31 -6.36
C LEU A 85 13.58 -2.85 -5.12
N PRO A 86 14.44 -2.02 -4.43
CA PRO A 86 15.24 -2.44 -3.22
C PRO A 86 14.35 -2.54 -1.94
N GLU A 87 13.31 -3.38 -2.03
CA GLU A 87 12.25 -3.51 -1.01
C GLU A 87 12.58 -4.58 0.04
N THR A 88 13.82 -5.08 0.02
CA THR A 88 14.39 -5.91 1.11
C THR A 88 14.42 -5.09 2.42
N VAL A 89 14.87 -3.82 2.29
CA VAL A 89 14.95 -2.85 3.39
C VAL A 89 13.80 -1.80 3.26
N THR A 90 12.85 -2.10 2.35
CA THR A 90 11.77 -1.18 1.90
C THR A 90 12.29 0.23 1.59
N ASP A 91 12.86 0.37 0.39
CA ASP A 91 13.46 1.63 -0.09
C ASP A 91 12.38 2.69 -0.35
N LEU A 92 11.27 2.25 -0.93
CA LEU A 92 10.16 3.12 -1.31
C LEU A 92 9.29 3.46 -0.09
N SER A 93 9.66 4.54 0.61
CA SER A 93 8.77 5.26 1.53
C SER A 93 7.85 6.14 0.68
N GLN A 94 8.49 6.86 -0.27
CA GLN A 94 7.81 7.59 -1.33
C GLN A 94 7.59 6.61 -2.50
N ILE A 95 6.52 5.81 -2.43
CA ILE A 95 6.22 4.79 -3.43
C ILE A 95 5.85 5.45 -4.76
N VAL A 96 6.79 5.47 -5.72
CA VAL A 96 6.53 5.89 -7.09
C VAL A 96 6.87 4.69 -7.96
N TRP A 97 5.88 3.81 -8.11
CA TRP A 97 5.98 2.57 -8.90
C TRP A 97 5.10 2.70 -10.16
N PRO A 98 5.31 1.84 -11.22
CA PRO A 98 4.53 1.95 -12.48
C PRO A 98 3.00 1.78 -12.27
N GLN A 99 2.23 2.54 -13.05
CA GLN A 99 0.77 2.38 -13.16
C GLN A 99 0.48 1.44 -14.34
N LEU A 100 -0.50 0.53 -14.17
CA LEU A 100 -0.84 -0.48 -15.19
C LEU A 100 -1.35 0.18 -16.50
N PRO A 101 -0.96 -0.38 -17.69
CA PRO A 101 -1.17 0.27 -19.03
C PRO A 101 -2.65 0.52 -19.38
N VAL A 102 -3.56 -0.21 -18.72
CA VAL A 102 -5.00 -0.13 -18.97
C VAL A 102 -5.60 1.11 -18.24
N MET A 3 -4.25 9.69 3.67
CA MET A 3 -3.80 8.61 4.57
C MET A 3 -4.46 8.75 5.95
N LEU A 4 -5.18 7.70 6.36
CA LEU A 4 -5.80 7.58 7.70
C LEU A 4 -5.18 6.39 8.44
N LEU A 5 -5.23 6.40 9.78
CA LEU A 5 -4.78 5.28 10.63
C LEU A 5 -5.53 3.97 10.27
N HIS A 6 -4.83 2.85 10.42
CA HIS A 6 -5.33 1.51 10.01
C HIS A 6 -5.85 0.76 11.25
N SER A 7 -5.15 0.97 12.38
CA SER A 7 -5.45 0.34 13.66
C SER A 7 -4.71 1.08 14.78
N VAL A 8 -5.41 2.03 15.43
CA VAL A 8 -4.86 2.84 16.54
C VAL A 8 -5.44 2.35 17.88
N GLU A 9 -4.56 1.96 18.81
CA GLU A 9 -4.95 1.53 20.14
C GLU A 9 -5.10 2.76 21.05
N THR A 10 -6.34 3.26 21.10
CA THR A 10 -6.76 4.39 21.95
C THR A 10 -6.89 3.91 23.42
N PRO A 11 -6.91 4.83 24.45
CA PRO A 11 -7.12 4.44 25.88
C PRO A 11 -8.39 3.58 26.16
N ARG A 12 -9.42 3.72 25.30
CA ARG A 12 -10.71 2.98 25.41
C ARG A 12 -10.68 1.64 24.63
N GLY A 13 -9.66 1.44 23.78
CA GLY A 13 -9.49 0.20 23.01
C GLY A 13 -8.90 0.43 21.64
N GLU A 14 -8.84 -0.62 20.82
CA GLU A 14 -8.26 -0.57 19.46
C GLU A 14 -9.36 -0.14 18.47
N ILE A 15 -9.02 0.80 17.56
CA ILE A 15 -9.98 1.45 16.65
C ILE A 15 -9.41 1.41 15.23
N LEU A 16 -10.12 0.72 14.33
CA LEU A 16 -9.69 0.49 12.94
C LEU A 16 -10.07 1.68 12.03
N ASN A 17 -9.31 1.82 10.92
CA ASN A 17 -9.56 2.77 9.80
C ASN A 17 -10.23 4.11 10.20
N VAL A 18 -9.46 4.98 10.87
CA VAL A 18 -9.93 6.33 11.30
C VAL A 18 -8.87 7.38 10.98
N SER A 19 -9.35 8.63 10.82
CA SER A 19 -8.49 9.80 10.63
C SER A 19 -7.85 10.17 11.99
N GLU A 20 -6.57 10.59 11.94
CA GLU A 20 -5.80 11.01 13.14
C GLU A 20 -6.56 12.07 13.98
N GLN A 21 -7.25 12.98 13.27
CA GLN A 21 -8.04 14.06 13.88
C GLN A 21 -9.27 13.51 14.65
N GLU A 22 -9.98 12.53 14.05
CA GLU A 22 -11.19 11.91 14.67
C GLU A 22 -10.79 11.05 15.87
N ALA A 23 -9.77 10.21 15.65
CA ALA A 23 -9.16 9.38 16.70
C ALA A 23 -8.87 10.19 18.00
N ARG A 24 -8.19 11.34 17.88
CA ARG A 24 -7.86 12.18 19.05
C ARG A 24 -9.10 12.90 19.62
N ASP A 25 -10.07 13.23 18.75
CA ASP A 25 -11.24 14.05 19.12
C ASP A 25 -12.29 13.21 19.87
N VAL A 26 -12.84 12.22 19.16
CA VAL A 26 -13.93 11.35 19.64
C VAL A 26 -13.39 10.22 20.53
N PHE A 27 -12.38 9.51 20.02
CA PHE A 27 -11.84 8.28 20.64
C PHE A 27 -10.73 8.58 21.66
N GLY A 28 -10.37 9.88 21.79
CA GLY A 28 -9.40 10.34 22.79
C GLY A 28 -8.04 9.67 22.69
N ALA A 29 -7.64 9.37 21.44
CA ALA A 29 -6.44 8.59 21.13
C ALA A 29 -5.16 9.31 21.57
N SER A 30 -4.27 8.55 22.23
CA SER A 30 -2.95 9.03 22.65
C SER A 30 -2.14 9.45 21.43
N GLU A 31 -1.40 10.56 21.53
CA GLU A 31 -0.60 11.10 20.41
C GLU A 31 0.61 10.18 20.10
N GLN A 32 1.06 9.43 21.14
CA GLN A 32 2.03 8.32 20.99
C GLN A 32 1.46 7.22 20.08
N ALA A 33 0.16 6.95 20.25
CA ALA A 33 -0.55 5.90 19.49
C ALA A 33 -0.77 6.36 18.05
N ILE A 34 -1.34 7.59 17.89
CA ILE A 34 -1.39 8.33 16.58
C ILE A 34 -0.05 8.30 15.81
N ALA A 35 1.07 8.39 16.54
CA ALA A 35 2.41 8.46 15.92
C ALA A 35 2.82 7.06 15.43
N ASP A 36 2.78 6.10 16.37
CA ASP A 36 3.06 4.66 16.10
C ASP A 36 2.19 4.08 14.99
N ALA A 37 0.89 4.34 15.08
CA ALA A 37 -0.13 3.79 14.17
C ALA A 37 -0.05 4.46 12.80
N ARG A 38 0.39 5.72 12.75
CA ARG A 38 0.66 6.42 11.47
C ARG A 38 1.87 5.79 10.81
N LYS A 39 2.94 5.61 11.60
CA LYS A 39 4.15 4.88 11.18
C LYS A 39 3.82 3.43 10.77
N ALA A 40 2.85 2.81 11.45
CA ALA A 40 2.50 1.39 11.25
C ALA A 40 1.66 1.22 9.98
N THR A 41 0.72 2.16 9.78
CA THR A 41 -0.17 2.18 8.60
C THR A 41 0.68 2.40 7.35
N ILE A 42 1.58 3.41 7.41
CA ILE A 42 2.52 3.72 6.32
C ILE A 42 3.39 2.50 6.03
N LEU A 43 4.17 2.05 7.03
CA LEU A 43 5.13 0.92 6.92
C LEU A 43 4.47 -0.36 6.37
N GLN A 44 3.20 -0.57 6.74
CA GLN A 44 2.43 -1.76 6.34
C GLN A 44 1.97 -1.60 4.88
N THR A 45 1.39 -0.43 4.61
CA THR A 45 0.77 -0.08 3.32
C THR A 45 1.82 0.02 2.22
N LEU A 46 3.02 0.55 2.50
CA LEU A 46 4.08 0.74 1.46
C LEU A 46 4.53 -0.63 0.89
N ARG A 47 4.40 -1.68 1.71
CA ARG A 47 4.69 -3.06 1.30
C ARG A 47 3.47 -3.65 0.56
N ILE A 48 2.29 -3.63 1.24
CA ILE A 48 1.04 -4.26 0.74
C ILE A 48 0.58 -3.66 -0.60
N GLU A 49 0.77 -2.34 -0.74
CA GLU A 49 0.30 -1.50 -1.87
C GLU A 49 0.81 -2.08 -3.19
N ARG A 50 2.15 -2.28 -3.25
CA ARG A 50 2.82 -2.77 -4.45
C ARG A 50 2.38 -4.19 -4.78
N ASP A 51 2.19 -5.05 -3.76
CA ASP A 51 1.77 -6.46 -3.94
C ASP A 51 0.37 -6.52 -4.57
N GLU A 52 -0.52 -5.60 -4.12
CA GLU A 52 -1.88 -5.47 -4.65
C GLU A 52 -1.88 -4.94 -6.11
N ARG A 53 -0.83 -4.17 -6.46
CA ARG A 53 -0.65 -3.70 -7.85
C ARG A 53 -0.03 -4.81 -8.72
N LEU A 54 0.85 -5.65 -8.12
CA LEU A 54 1.58 -6.72 -8.83
C LEU A 54 0.63 -7.87 -9.19
N ARG A 55 -0.38 -8.12 -8.33
CA ARG A 55 -1.48 -9.08 -8.63
C ARG A 55 -2.48 -8.44 -9.62
N ALA A 56 -2.68 -7.10 -9.51
CA ALA A 56 -3.54 -6.32 -10.44
C ALA A 56 -2.85 -6.09 -11.82
N CYS A 57 -1.63 -6.61 -11.96
CA CYS A 57 -0.92 -6.69 -13.26
C CYS A 57 -0.48 -8.15 -13.54
N ASP A 58 -0.95 -9.10 -12.70
CA ASP A 58 -0.67 -10.56 -12.85
C ASP A 58 -1.84 -11.28 -13.53
N TRP A 59 -3.03 -10.61 -13.55
CA TRP A 59 -4.22 -11.13 -14.26
C TRP A 59 -3.94 -11.22 -15.77
N THR A 60 -3.01 -10.38 -16.24
CA THR A 60 -2.56 -10.35 -17.64
C THR A 60 -1.50 -11.44 -17.91
N GLN A 61 -0.79 -11.84 -16.85
CA GLN A 61 0.36 -12.76 -16.94
C GLN A 61 -0.07 -14.23 -16.96
N VAL A 62 -1.27 -14.51 -16.41
CA VAL A 62 -1.87 -15.86 -16.47
C VAL A 62 -2.33 -16.18 -17.91
N GLN A 63 -2.27 -17.48 -18.30
CA GLN A 63 -2.67 -17.92 -19.65
C GLN A 63 -4.20 -17.97 -19.84
N ASP A 64 -4.95 -17.77 -18.73
CA ASP A 64 -6.42 -17.68 -18.74
C ASP A 64 -6.89 -16.56 -19.69
N VAL A 65 -6.22 -15.40 -19.59
CA VAL A 65 -6.50 -14.24 -20.44
C VAL A 65 -5.74 -14.38 -21.78
N VAL A 66 -6.40 -13.95 -22.87
CA VAL A 66 -5.84 -13.96 -24.22
C VAL A 66 -5.52 -12.51 -24.62
N LEU A 67 -4.23 -12.18 -24.59
CA LEU A 67 -3.70 -10.85 -24.96
C LEU A 67 -2.59 -11.03 -25.99
N THR A 68 -2.18 -9.92 -26.64
CA THR A 68 -1.05 -9.94 -27.58
C THR A 68 0.28 -10.07 -26.80
N ALA A 69 1.35 -10.46 -27.52
CA ALA A 69 2.71 -10.54 -26.95
C ALA A 69 3.12 -9.17 -26.40
N ASP A 70 2.79 -8.12 -27.18
CA ASP A 70 2.94 -6.69 -26.78
C ASP A 70 2.32 -6.41 -25.39
N GLN A 71 1.02 -6.72 -25.24
CA GLN A 71 0.26 -6.46 -24.00
C GLN A 71 0.91 -7.16 -22.81
N LYS A 72 1.04 -8.49 -22.93
CA LYS A 72 1.60 -9.38 -21.87
C LYS A 72 3.06 -9.02 -21.49
N ALA A 73 3.80 -8.39 -22.43
CA ALA A 73 5.24 -8.05 -22.21
C ALA A 73 5.31 -6.69 -21.47
N THR A 74 4.54 -5.70 -21.98
CA THR A 74 4.33 -4.38 -21.36
C THR A 74 3.93 -4.50 -19.87
N TRP A 75 3.00 -5.45 -19.58
CA TRP A 75 2.55 -5.73 -18.20
C TRP A 75 3.64 -6.48 -17.40
N ALA A 76 4.43 -7.35 -18.09
CA ALA A 76 5.57 -8.08 -17.46
C ALA A 76 6.70 -7.12 -17.09
N LYS A 77 6.81 -6.02 -17.86
CA LYS A 77 7.87 -5.01 -17.68
C LYS A 77 7.40 -3.98 -16.65
N TYR A 78 6.08 -3.72 -16.63
CA TYR A 78 5.44 -2.83 -15.67
C TYR A 78 5.62 -3.35 -14.24
N ARG A 79 5.21 -4.62 -14.03
CA ARG A 79 5.25 -5.27 -12.71
C ARG A 79 6.70 -5.34 -12.21
N GLN A 80 7.62 -5.58 -13.15
CA GLN A 80 9.06 -5.67 -12.89
C GLN A 80 9.65 -4.28 -12.54
N ALA A 81 9.15 -3.24 -13.23
CA ALA A 81 9.60 -1.84 -13.02
C ALA A 81 9.01 -1.24 -11.73
N LEU A 82 7.97 -1.88 -11.19
CA LEU A 82 7.29 -1.43 -9.96
C LEU A 82 8.05 -2.02 -8.76
N ARG A 83 8.24 -3.37 -8.80
CA ARG A 83 9.00 -4.11 -7.77
C ARG A 83 10.50 -3.73 -7.79
N ASP A 84 10.96 -3.20 -8.94
CA ASP A 84 12.35 -2.68 -9.14
C ASP A 84 12.75 -1.70 -8.02
N LEU A 85 11.78 -0.89 -7.58
CA LEU A 85 11.95 0.06 -6.47
C LEU A 85 12.27 -0.68 -5.15
N PRO A 86 13.12 -0.06 -4.25
CA PRO A 86 13.53 -0.67 -2.96
C PRO A 86 12.33 -1.16 -2.10
N GLU A 87 12.35 -2.46 -1.76
CA GLU A 87 11.32 -3.10 -0.91
C GLU A 87 11.48 -2.64 0.56
N THR A 88 12.73 -2.32 0.96
CA THR A 88 13.02 -1.67 2.25
C THR A 88 12.55 -0.20 2.17
N VAL A 89 11.26 -0.03 2.46
CA VAL A 89 10.58 1.26 2.35
C VAL A 89 10.93 2.19 3.53
N THR A 90 11.17 3.48 3.24
CA THR A 90 11.60 4.47 4.25
C THR A 90 10.41 4.91 5.14
N ASP A 91 10.73 5.42 6.34
CA ASP A 91 9.75 5.76 7.38
C ASP A 91 9.00 7.06 7.02
N LEU A 92 7.65 6.99 7.04
CA LEU A 92 6.74 8.12 6.79
C LEU A 92 7.06 8.82 5.45
N SER A 93 6.79 8.12 4.34
CA SER A 93 7.08 8.61 2.99
C SER A 93 5.96 8.18 2.02
N GLN A 94 5.65 9.07 1.06
CA GLN A 94 4.67 8.79 0.00
C GLN A 94 5.38 8.04 -1.14
N ILE A 95 5.06 6.75 -1.24
CA ILE A 95 5.48 5.86 -2.33
C ILE A 95 4.99 6.37 -3.71
N VAL A 96 5.91 6.41 -4.70
CA VAL A 96 5.60 6.77 -6.09
C VAL A 96 6.24 5.73 -7.03
N TRP A 97 5.39 5.09 -7.84
CA TRP A 97 5.78 4.06 -8.82
C TRP A 97 4.98 4.25 -10.12
N PRO A 98 5.37 3.61 -11.29
CA PRO A 98 4.67 3.81 -12.58
C PRO A 98 3.18 3.41 -12.51
N GLN A 99 2.39 4.07 -13.34
CA GLN A 99 0.98 3.74 -13.55
C GLN A 99 0.87 2.62 -14.59
N LEU A 100 -0.11 1.71 -14.39
CA LEU A 100 -0.33 0.56 -15.31
C LEU A 100 -0.72 1.04 -16.73
N PRO A 101 -0.30 0.30 -17.80
CA PRO A 101 -0.42 0.77 -19.21
C PRO A 101 -1.88 1.10 -19.61
N VAL A 102 -2.81 0.19 -19.30
CA VAL A 102 -4.21 0.30 -19.72
C VAL A 102 -5.01 1.05 -18.63
N MET A 3 -4.85 7.10 3.60
CA MET A 3 -4.44 6.07 4.58
C MET A 3 -5.03 6.42 5.95
N LEU A 4 -5.85 5.51 6.47
CA LEU A 4 -6.35 5.55 7.85
C LEU A 4 -5.60 4.49 8.66
N LEU A 5 -5.47 4.72 9.97
CA LEU A 5 -4.81 3.79 10.88
C LEU A 5 -5.76 2.62 11.19
N HIS A 6 -5.48 1.44 10.59
CA HIS A 6 -6.24 0.19 10.79
C HIS A 6 -6.38 -0.24 12.28
N SER A 7 -5.59 0.37 13.17
CA SER A 7 -5.67 0.14 14.62
C SER A 7 -5.05 1.34 15.35
N VAL A 8 -5.78 1.92 16.32
CA VAL A 8 -5.28 3.01 17.20
C VAL A 8 -5.68 2.69 18.64
N GLU A 9 -4.70 2.36 19.49
CA GLU A 9 -4.97 2.11 20.91
C GLU A 9 -5.14 3.46 21.65
N THR A 10 -6.41 3.86 21.82
CA THR A 10 -6.80 5.09 22.53
C THR A 10 -7.05 4.74 24.01
N PRO A 11 -7.12 5.74 24.96
CA PRO A 11 -7.38 5.47 26.41
C PRO A 11 -8.80 4.90 26.70
N ARG A 12 -9.66 4.80 25.67
CA ARG A 12 -10.99 4.14 25.77
C ARG A 12 -10.98 2.74 25.14
N GLY A 13 -9.79 2.28 24.68
CA GLY A 13 -9.61 0.98 24.04
C GLY A 13 -9.04 1.13 22.63
N GLU A 14 -8.74 -0.01 21.98
CA GLU A 14 -8.18 0.01 20.61
C GLU A 14 -9.32 0.21 19.60
N ILE A 15 -9.06 0.99 18.54
CA ILE A 15 -10.07 1.44 17.58
C ILE A 15 -9.63 1.01 16.17
N LEU A 16 -10.35 0.03 15.61
CA LEU A 16 -10.02 -0.55 14.31
C LEU A 16 -10.55 0.33 13.16
N ASN A 17 -9.61 0.81 12.31
CA ASN A 17 -9.86 1.56 11.06
C ASN A 17 -10.52 2.92 11.33
N VAL A 18 -9.68 3.88 11.75
CA VAL A 18 -10.09 5.26 11.97
C VAL A 18 -9.00 6.20 11.42
N SER A 19 -9.43 7.34 10.84
CA SER A 19 -8.53 8.40 10.42
C SER A 19 -7.96 9.12 11.65
N GLU A 20 -6.73 9.65 11.52
CA GLU A 20 -6.03 10.33 12.64
C GLU A 20 -6.90 11.46 13.22
N GLN A 21 -7.62 12.18 12.35
CA GLN A 21 -8.48 13.32 12.74
C GLN A 21 -9.56 12.90 13.77
N GLU A 22 -10.36 11.87 13.44
CA GLU A 22 -11.46 11.40 14.30
C GLU A 22 -10.91 10.74 15.58
N ALA A 23 -9.79 10.00 15.41
CA ALA A 23 -9.00 9.46 16.52
C ALA A 23 -8.68 10.54 17.58
N ARG A 24 -8.18 11.72 17.14
CA ARG A 24 -7.83 12.85 18.04
C ARG A 24 -9.05 13.32 18.85
N ASP A 25 -10.12 13.66 18.09
CA ASP A 25 -11.26 14.45 18.57
C ASP A 25 -12.20 13.60 19.43
N VAL A 26 -12.78 12.57 18.80
CA VAL A 26 -13.84 11.73 19.43
C VAL A 26 -13.21 10.71 20.38
N PHE A 27 -12.25 9.93 19.86
CA PHE A 27 -11.64 8.80 20.59
C PHE A 27 -10.58 9.25 21.60
N GLY A 28 -10.13 10.53 21.48
CA GLY A 28 -9.15 11.10 22.41
C GLY A 28 -7.82 10.37 22.38
N ALA A 29 -7.38 10.03 21.16
CA ALA A 29 -6.18 9.22 20.93
C ALA A 29 -4.92 10.02 21.26
N SER A 30 -3.95 9.33 21.87
CA SER A 30 -2.62 9.89 22.12
C SER A 30 -1.88 10.09 20.80
N GLU A 31 -1.04 11.14 20.77
CA GLU A 31 -0.18 11.44 19.62
C GLU A 31 0.94 10.39 19.52
N GLN A 32 1.23 9.72 20.65
CA GLN A 32 2.08 8.51 20.71
C GLN A 32 1.49 7.39 19.83
N ALA A 33 0.17 7.17 19.98
CA ALA A 33 -0.54 6.10 19.29
C ALA A 33 -0.74 6.45 17.81
N ILE A 34 -1.39 7.60 17.55
CA ILE A 34 -1.47 8.22 16.19
C ILE A 34 -0.11 8.25 15.42
N ALA A 35 1.02 8.43 16.12
CA ALA A 35 2.34 8.48 15.45
C ALA A 35 2.77 7.06 15.08
N ASP A 36 2.85 6.20 16.11
CA ASP A 36 3.21 4.77 15.99
C ASP A 36 2.40 4.02 14.93
N ALA A 37 1.08 4.17 15.02
CA ALA A 37 0.12 3.46 14.18
C ALA A 37 0.08 4.03 12.75
N ARG A 38 0.35 5.34 12.59
CA ARG A 38 0.52 5.93 11.23
C ARG A 38 1.74 5.31 10.58
N LYS A 39 2.87 5.38 11.30
CA LYS A 39 4.15 4.77 10.92
C LYS A 39 4.00 3.29 10.55
N ALA A 40 3.19 2.55 11.33
CA ALA A 40 3.09 1.09 11.20
C ALA A 40 2.16 0.70 10.03
N THR A 41 1.03 1.44 9.90
CA THR A 41 0.07 1.23 8.79
C THR A 41 0.75 1.54 7.45
N ILE A 42 1.43 2.70 7.38
CA ILE A 42 2.24 3.12 6.21
C ILE A 42 3.32 2.07 5.89
N LEU A 43 4.19 1.78 6.88
CA LEU A 43 5.31 0.80 6.74
C LEU A 43 4.82 -0.57 6.22
N GLN A 44 3.58 -0.93 6.58
CA GLN A 44 2.95 -2.17 6.13
C GLN A 44 2.40 -2.00 4.69
N THR A 45 1.78 -0.85 4.43
CA THR A 45 1.12 -0.53 3.14
C THR A 45 2.16 -0.34 2.01
N LEU A 46 3.40 0.06 2.36
CA LEU A 46 4.51 0.20 1.39
C LEU A 46 4.90 -1.18 0.81
N ARG A 47 4.63 -2.22 1.61
CA ARG A 47 4.87 -3.63 1.23
C ARG A 47 3.61 -4.25 0.59
N ILE A 48 2.43 -3.85 1.09
CA ILE A 48 1.13 -4.39 0.61
C ILE A 48 0.86 -3.95 -0.84
N GLU A 49 0.90 -2.62 -1.06
CA GLU A 49 0.54 -1.97 -2.35
C GLU A 49 1.26 -2.59 -3.56
N ARG A 50 2.57 -2.93 -3.41
CA ARG A 50 3.33 -3.54 -4.50
C ARG A 50 2.72 -4.92 -4.84
N ASP A 51 2.58 -5.78 -3.83
CA ASP A 51 2.07 -7.15 -4.00
C ASP A 51 0.62 -7.14 -4.54
N GLU A 52 -0.17 -6.14 -4.12
CA GLU A 52 -1.58 -6.00 -4.54
C GLU A 52 -1.69 -5.66 -6.03
N ARG A 53 -0.86 -4.72 -6.50
CA ARG A 53 -0.83 -4.32 -7.92
C ARG A 53 -0.35 -5.47 -8.81
N LEU A 54 0.67 -6.20 -8.32
CA LEU A 54 1.25 -7.36 -9.03
C LEU A 54 0.23 -8.50 -9.17
N ARG A 55 -0.51 -8.80 -8.07
CA ARG A 55 -1.50 -9.90 -8.05
C ARG A 55 -2.83 -9.48 -8.69
N ALA A 56 -3.10 -8.16 -8.76
CA ALA A 56 -4.32 -7.63 -9.38
C ALA A 56 -4.27 -7.81 -10.90
N CYS A 57 -3.07 -7.63 -11.46
CA CYS A 57 -2.83 -7.80 -12.90
C CYS A 57 -2.34 -9.23 -13.21
N ASP A 58 -2.76 -10.20 -12.38
CA ASP A 58 -2.48 -11.64 -12.58
C ASP A 58 -3.03 -12.12 -13.93
N TRP A 59 -4.15 -11.49 -14.35
CA TRP A 59 -4.84 -11.82 -15.59
C TRP A 59 -3.95 -11.56 -16.83
N THR A 60 -3.12 -10.49 -16.80
CA THR A 60 -2.21 -10.15 -17.93
C THR A 60 -0.99 -11.09 -17.95
N GLN A 61 -0.65 -11.61 -16.76
CA GLN A 61 0.57 -12.42 -16.55
C GLN A 61 0.31 -13.91 -16.83
N VAL A 62 -0.96 -14.32 -16.74
CA VAL A 62 -1.37 -15.69 -17.08
C VAL A 62 -1.55 -15.80 -18.62
N GLN A 63 -1.21 -16.99 -19.16
CA GLN A 63 -1.33 -17.25 -20.61
C GLN A 63 -2.80 -17.46 -21.04
N ASP A 64 -3.71 -17.58 -20.04
CA ASP A 64 -5.16 -17.77 -20.25
C ASP A 64 -5.78 -16.60 -21.04
N VAL A 65 -5.31 -15.37 -20.77
CA VAL A 65 -5.81 -14.15 -21.46
C VAL A 65 -5.27 -14.11 -22.92
N VAL A 66 -6.07 -13.54 -23.81
CA VAL A 66 -5.71 -13.39 -25.22
C VAL A 66 -5.38 -11.92 -25.55
N LEU A 67 -4.14 -11.56 -25.24
CA LEU A 67 -3.55 -10.24 -25.52
C LEU A 67 -2.41 -10.41 -26.53
N THR A 68 -1.97 -9.32 -27.17
CA THR A 68 -0.78 -9.36 -28.03
C THR A 68 0.47 -9.50 -27.16
N ALA A 69 1.56 -10.03 -27.76
CA ALA A 69 2.87 -10.15 -27.09
C ALA A 69 3.33 -8.76 -26.56
N ASP A 70 3.12 -7.74 -27.39
CA ASP A 70 3.33 -6.31 -27.04
C ASP A 70 2.62 -5.93 -25.71
N GLN A 71 1.31 -6.18 -25.64
CA GLN A 71 0.47 -5.80 -24.47
C GLN A 71 0.94 -6.53 -23.20
N LYS A 72 1.14 -7.84 -23.35
CA LYS A 72 1.63 -8.72 -22.26
C LYS A 72 3.05 -8.35 -21.80
N ALA A 73 3.84 -7.73 -22.70
CA ALA A 73 5.25 -7.36 -22.41
C ALA A 73 5.26 -6.03 -21.65
N THR A 74 4.52 -5.05 -22.20
CA THR A 74 4.27 -3.74 -21.57
C THR A 74 3.80 -3.89 -20.11
N TRP A 75 2.88 -4.85 -19.87
CA TRP A 75 2.42 -5.21 -18.52
C TRP A 75 3.54 -5.90 -17.70
N ALA A 76 4.29 -6.81 -18.33
CA ALA A 76 5.38 -7.57 -17.67
C ALA A 76 6.58 -6.68 -17.30
N LYS A 77 6.74 -5.58 -18.05
CA LYS A 77 7.79 -4.58 -17.82
C LYS A 77 7.37 -3.64 -16.68
N TYR A 78 6.06 -3.30 -16.64
CA TYR A 78 5.43 -2.58 -15.52
C TYR A 78 5.58 -3.38 -14.21
N ARG A 79 5.42 -4.70 -14.31
CA ARG A 79 5.59 -5.64 -13.18
C ARG A 79 7.03 -5.59 -12.65
N GLN A 80 7.99 -5.85 -13.56
CA GLN A 80 9.42 -5.88 -13.23
C GLN A 80 9.91 -4.53 -12.68
N ALA A 81 9.33 -3.45 -13.19
CA ALA A 81 9.67 -2.08 -12.77
C ALA A 81 9.21 -1.84 -11.32
N LEU A 82 7.91 -2.01 -11.09
CA LEU A 82 7.27 -1.84 -9.77
C LEU A 82 7.94 -2.69 -8.67
N ARG A 83 8.16 -3.98 -8.96
CA ARG A 83 8.66 -4.97 -7.98
C ARG A 83 10.08 -4.62 -7.49
N ASP A 84 10.83 -3.85 -8.32
CA ASP A 84 12.20 -3.40 -8.03
C ASP A 84 12.26 -2.59 -6.72
N LEU A 85 11.14 -1.92 -6.38
CA LEU A 85 10.97 -1.20 -5.10
C LEU A 85 11.03 -2.18 -3.92
N PRO A 86 11.74 -1.81 -2.80
CA PRO A 86 12.09 -2.76 -1.71
C PRO A 86 10.88 -3.33 -0.93
N GLU A 87 11.04 -4.57 -0.40
CA GLU A 87 10.08 -5.19 0.54
C GLU A 87 10.31 -4.68 1.97
N THR A 88 11.41 -3.94 2.17
CA THR A 88 11.76 -3.34 3.47
C THR A 88 12.15 -1.87 3.27
N VAL A 89 11.37 -0.96 3.88
CA VAL A 89 11.62 0.49 3.81
C VAL A 89 12.71 0.92 4.81
N THR A 90 13.50 1.94 4.43
CA THR A 90 14.54 2.54 5.27
C THR A 90 13.89 3.52 6.31
N ASP A 91 14.73 4.39 6.92
CA ASP A 91 14.30 5.36 7.95
C ASP A 91 13.18 6.30 7.44
N LEU A 92 13.31 6.73 6.18
CA LEU A 92 12.32 7.58 5.49
C LEU A 92 12.49 7.40 3.98
N SER A 93 11.48 6.75 3.37
CA SER A 93 11.46 6.51 1.93
C SER A 93 10.03 6.14 1.48
N GLN A 94 9.31 7.11 0.92
CA GLN A 94 8.02 6.85 0.27
C GLN A 94 8.31 6.16 -1.08
N ILE A 95 7.76 4.95 -1.24
CA ILE A 95 7.91 4.17 -2.47
C ILE A 95 7.32 4.91 -3.70
N VAL A 96 8.15 5.18 -4.71
CA VAL A 96 7.69 5.69 -6.01
C VAL A 96 7.83 4.56 -7.03
N TRP A 97 6.70 4.10 -7.56
CA TRP A 97 6.64 2.99 -8.53
C TRP A 97 5.65 3.33 -9.66
N PRO A 98 5.80 2.71 -10.89
CA PRO A 98 4.98 3.07 -12.06
C PRO A 98 3.45 2.84 -11.87
N GLN A 99 2.67 3.62 -12.63
CA GLN A 99 1.22 3.43 -12.79
C GLN A 99 0.98 2.37 -13.89
N LEU A 100 -0.17 1.67 -13.84
CA LEU A 100 -0.55 0.66 -14.86
C LEU A 100 -0.55 1.26 -16.29
N PRO A 101 0.01 0.52 -17.30
CA PRO A 101 0.31 1.06 -18.66
C PRO A 101 -0.95 1.36 -19.50
N VAL A 102 -2.07 0.71 -19.16
CA VAL A 102 -3.38 0.97 -19.76
C VAL A 102 -4.00 2.18 -19.04
N MET A 3 -5.92 9.00 4.13
CA MET A 3 -5.19 8.08 5.02
C MET A 3 -5.85 8.14 6.41
N LEU A 4 -6.40 7.00 6.85
CA LEU A 4 -6.93 6.77 8.21
C LEU A 4 -6.07 5.72 8.93
N LEU A 5 -6.02 5.77 10.26
CA LEU A 5 -5.29 4.80 11.09
C LEU A 5 -6.01 3.43 11.12
N HIS A 6 -5.43 2.42 10.44
CA HIS A 6 -5.79 0.97 10.57
C HIS A 6 -6.08 0.53 12.02
N SER A 7 -5.29 1.04 12.98
CA SER A 7 -5.42 0.68 14.41
C SER A 7 -4.64 1.68 15.29
N VAL A 8 -5.36 2.53 16.06
CA VAL A 8 -4.76 3.45 17.05
C VAL A 8 -4.91 2.88 18.47
N GLU A 9 -3.89 3.12 19.31
CA GLU A 9 -3.90 2.70 20.72
C GLU A 9 -4.41 3.87 21.58
N THR A 10 -5.64 3.72 22.11
CA THR A 10 -6.33 4.73 22.94
C THR A 10 -6.48 4.21 24.40
N PRO A 11 -6.72 5.12 25.41
CA PRO A 11 -6.96 4.71 26.84
C PRO A 11 -8.19 3.78 27.04
N ARG A 12 -9.07 3.70 26.01
CA ARG A 12 -10.30 2.89 26.06
C ARG A 12 -10.15 1.54 25.32
N GLY A 13 -9.06 1.40 24.52
CA GLY A 13 -8.75 0.15 23.83
C GLY A 13 -8.01 0.37 22.53
N GLU A 14 -8.16 -0.57 21.58
CA GLU A 14 -7.66 -0.42 20.21
C GLU A 14 -8.85 -0.04 19.32
N ILE A 15 -8.65 0.95 18.42
CA ILE A 15 -9.72 1.49 17.57
C ILE A 15 -9.29 1.33 16.10
N LEU A 16 -10.13 0.65 15.29
CA LEU A 16 -9.76 0.20 13.93
C LEU A 16 -10.33 1.13 12.84
N ASN A 17 -9.60 1.20 11.70
CA ASN A 17 -9.97 1.93 10.45
C ASN A 17 -10.55 3.33 10.72
N VAL A 18 -9.92 4.04 11.64
CA VAL A 18 -10.40 5.30 12.20
C VAL A 18 -9.49 6.47 11.76
N SER A 19 -10.11 7.62 11.46
CA SER A 19 -9.40 8.89 11.22
C SER A 19 -8.68 9.31 12.51
N GLU A 20 -7.53 10.01 12.38
CA GLU A 20 -6.79 10.55 13.55
C GLU A 20 -7.48 11.78 14.15
N GLN A 21 -8.28 12.47 13.32
CA GLN A 21 -9.17 13.53 13.79
C GLN A 21 -10.23 12.93 14.74
N GLU A 22 -10.86 11.83 14.27
CA GLU A 22 -11.89 11.10 15.02
C GLU A 22 -11.28 10.50 16.32
N ALA A 23 -10.11 9.87 16.14
CA ALA A 23 -9.31 9.27 17.22
C ALA A 23 -9.08 10.22 18.40
N ARG A 24 -8.54 11.43 18.12
CA ARG A 24 -8.19 12.39 19.20
C ARG A 24 -9.45 13.06 19.79
N ASP A 25 -10.49 13.27 18.97
CA ASP A 25 -11.72 13.97 19.39
C ASP A 25 -12.62 13.06 20.25
N VAL A 26 -13.08 11.97 19.61
CA VAL A 26 -14.01 11.00 20.22
C VAL A 26 -13.27 10.04 21.17
N PHE A 27 -12.31 9.29 20.60
CA PHE A 27 -11.68 8.15 21.29
C PHE A 27 -10.56 8.59 22.26
N GLY A 28 -10.20 9.88 22.18
CA GLY A 28 -9.23 10.50 23.09
C GLY A 28 -7.82 9.95 22.95
N ALA A 29 -7.36 9.84 21.70
CA ALA A 29 -6.01 9.36 21.37
C ALA A 29 -4.98 10.48 21.53
N SER A 30 -3.76 10.10 21.90
CA SER A 30 -2.62 11.01 22.04
C SER A 30 -1.98 11.26 20.67
N GLU A 31 -1.28 12.40 20.55
CA GLU A 31 -0.59 12.81 19.32
C GLU A 31 0.61 11.89 19.03
N GLN A 32 1.14 11.28 20.11
CA GLN A 32 2.22 10.28 20.04
C GLN A 32 1.62 8.90 19.65
N ALA A 33 0.38 8.66 20.11
CA ALA A 33 -0.39 7.45 19.79
C ALA A 33 -0.90 7.50 18.34
N ILE A 34 -1.01 8.73 17.78
CA ILE A 34 -1.46 8.93 16.41
C ILE A 34 -0.28 8.61 15.49
N ALA A 35 0.83 9.32 15.71
CA ALA A 35 2.13 9.08 15.04
C ALA A 35 2.53 7.59 14.98
N ASP A 36 2.34 6.85 16.08
CA ASP A 36 2.61 5.39 16.14
C ASP A 36 1.66 4.60 15.21
N ALA A 37 0.36 4.89 15.30
CA ALA A 37 -0.69 4.25 14.46
C ALA A 37 -0.54 4.64 12.97
N ARG A 38 -0.04 5.85 12.77
CA ARG A 38 0.23 6.45 11.46
C ARG A 38 1.40 5.70 10.83
N LYS A 39 2.44 5.50 11.66
CA LYS A 39 3.62 4.70 11.32
C LYS A 39 3.21 3.27 10.96
N ALA A 40 2.21 2.74 11.68
CA ALA A 40 1.83 1.33 11.61
C ALA A 40 1.00 1.06 10.34
N THR A 41 0.08 2.01 10.02
CA THR A 41 -0.80 1.92 8.85
C THR A 41 0.02 2.07 7.57
N ILE A 42 0.88 3.12 7.56
CA ILE A 42 1.79 3.40 6.43
C ILE A 42 2.78 2.24 6.23
N LEU A 43 3.37 1.73 7.32
CA LEU A 43 4.28 0.56 7.31
C LEU A 43 3.61 -0.66 6.63
N GLN A 44 2.29 -0.81 6.85
CA GLN A 44 1.49 -1.89 6.26
C GLN A 44 1.26 -1.61 4.75
N THR A 45 0.93 -0.33 4.47
CA THR A 45 0.53 0.18 3.14
C THR A 45 1.63 -0.02 2.08
N LEU A 46 2.83 0.49 2.38
CA LEU A 46 3.96 0.54 1.40
C LEU A 46 4.37 -0.89 0.95
N ARG A 47 4.15 -1.87 1.84
CA ARG A 47 4.41 -3.29 1.54
C ARG A 47 3.27 -3.88 0.66
N ILE A 48 2.01 -3.54 0.99
CA ILE A 48 0.82 -4.09 0.33
C ILE A 48 0.64 -3.55 -1.11
N GLU A 49 0.82 -2.22 -1.29
CA GLU A 49 0.54 -1.50 -2.56
C GLU A 49 1.22 -2.17 -3.77
N ARG A 50 2.53 -2.45 -3.62
CA ARG A 50 3.34 -3.05 -4.68
C ARG A 50 2.83 -4.46 -5.04
N ASP A 51 2.64 -5.34 -4.04
CA ASP A 51 2.19 -6.74 -4.28
C ASP A 51 0.84 -6.76 -5.01
N GLU A 52 -0.04 -5.84 -4.61
CA GLU A 52 -1.38 -5.71 -5.18
C GLU A 52 -1.35 -5.26 -6.64
N ARG A 53 -0.57 -4.21 -6.98
CA ARG A 53 -0.49 -3.69 -8.35
C ARG A 53 0.31 -4.63 -9.28
N LEU A 54 1.23 -5.43 -8.69
CA LEU A 54 1.96 -6.50 -9.39
C LEU A 54 0.98 -7.57 -9.90
N ARG A 55 0.16 -8.08 -8.96
CA ARG A 55 -0.81 -9.15 -9.24
C ARG A 55 -2.08 -8.59 -9.93
N ALA A 56 -2.30 -7.26 -9.84
CA ALA A 56 -3.40 -6.58 -10.54
C ALA A 56 -3.10 -6.51 -12.05
N CYS A 57 -1.85 -6.16 -12.37
CA CYS A 57 -1.36 -6.05 -13.77
C CYS A 57 -1.11 -7.44 -14.40
N ASP A 58 -1.31 -8.51 -13.61
CA ASP A 58 -1.16 -9.91 -14.06
C ASP A 58 -2.34 -10.36 -14.96
N TRP A 59 -3.40 -9.49 -15.05
CA TRP A 59 -4.58 -9.73 -15.92
C TRP A 59 -4.16 -9.86 -17.40
N THR A 60 -3.02 -9.25 -17.75
CA THR A 60 -2.45 -9.28 -19.10
C THR A 60 -1.60 -10.54 -19.33
N GLN A 61 -0.94 -10.98 -18.26
CA GLN A 61 0.02 -12.09 -18.28
C GLN A 61 -0.66 -13.42 -18.60
N VAL A 62 -1.90 -13.59 -18.10
CA VAL A 62 -2.70 -14.79 -18.36
C VAL A 62 -3.18 -14.86 -19.83
N GLN A 63 -3.55 -16.08 -20.24
CA GLN A 63 -4.04 -16.36 -21.60
C GLN A 63 -5.57 -16.17 -21.70
N ASP A 64 -6.23 -15.89 -20.54
CA ASP A 64 -7.68 -15.59 -20.46
C ASP A 64 -8.00 -14.32 -21.25
N VAL A 65 -7.06 -13.36 -21.25
CA VAL A 65 -7.15 -12.15 -22.06
C VAL A 65 -6.47 -12.38 -23.43
N VAL A 66 -6.98 -11.71 -24.47
CA VAL A 66 -6.42 -11.75 -25.83
C VAL A 66 -5.84 -10.37 -26.14
N LEU A 67 -4.53 -10.22 -25.87
CA LEU A 67 -3.76 -8.98 -26.12
C LEU A 67 -2.56 -9.32 -27.02
N THR A 68 -2.02 -8.30 -27.70
CA THR A 68 -0.86 -8.48 -28.58
C THR A 68 0.40 -8.79 -27.75
N ALA A 69 1.47 -9.27 -28.41
CA ALA A 69 2.77 -9.49 -27.77
C ALA A 69 3.29 -8.17 -27.16
N ASP A 70 3.18 -7.09 -27.97
CA ASP A 70 3.49 -5.70 -27.55
C ASP A 70 2.81 -5.32 -26.21
N GLN A 71 1.51 -5.63 -26.10
CA GLN A 71 0.72 -5.40 -24.87
C GLN A 71 1.27 -6.24 -23.71
N LYS A 72 1.22 -7.57 -23.87
CA LYS A 72 1.54 -8.56 -22.81
C LYS A 72 3.01 -8.51 -22.34
N ALA A 73 3.92 -8.05 -23.23
CA ALA A 73 5.38 -8.03 -22.96
C ALA A 73 5.76 -6.75 -22.20
N THR A 74 5.29 -5.59 -22.74
CA THR A 74 5.37 -4.28 -22.03
C THR A 74 4.80 -4.38 -20.59
N TRP A 75 3.64 -5.05 -20.46
CA TRP A 75 3.00 -5.31 -19.15
C TRP A 75 3.85 -6.30 -18.31
N ALA A 76 4.49 -7.29 -18.98
CA ALA A 76 5.39 -8.26 -18.33
C ALA A 76 6.65 -7.59 -17.81
N LYS A 77 7.12 -6.59 -18.56
CA LYS A 77 8.39 -5.90 -18.30
C LYS A 77 8.19 -4.86 -17.19
N TYR A 78 6.98 -4.29 -17.15
CA TYR A 78 6.50 -3.42 -16.07
C TYR A 78 6.50 -4.19 -14.73
N ARG A 79 5.94 -5.41 -14.80
CA ARG A 79 5.81 -6.33 -13.67
C ARG A 79 7.22 -6.72 -13.14
N GLN A 80 8.09 -7.15 -14.06
CA GLN A 80 9.48 -7.53 -13.75
C GLN A 80 10.30 -6.35 -13.19
N ALA A 81 9.97 -5.12 -13.64
CA ALA A 81 10.66 -3.89 -13.19
C ALA A 81 10.28 -3.52 -11.75
N LEU A 82 8.97 -3.57 -11.45
CA LEU A 82 8.42 -3.08 -10.19
C LEU A 82 8.77 -4.05 -9.04
N ARG A 83 8.70 -5.36 -9.30
CA ARG A 83 9.03 -6.39 -8.29
C ARG A 83 10.52 -6.31 -7.89
N ASP A 84 11.35 -5.80 -8.82
CA ASP A 84 12.80 -5.69 -8.68
C ASP A 84 13.20 -4.49 -7.77
N LEU A 85 12.22 -3.66 -7.36
CA LEU A 85 12.44 -2.59 -6.35
C LEU A 85 12.79 -3.20 -4.96
N PRO A 86 13.67 -2.50 -4.15
CA PRO A 86 14.16 -2.93 -2.81
C PRO A 86 13.15 -3.78 -1.99
N GLU A 87 13.49 -5.06 -1.79
CA GLU A 87 12.66 -6.02 -1.05
C GLU A 87 12.54 -5.60 0.42
N THR A 88 11.28 -5.56 0.91
CA THR A 88 10.91 -4.96 2.21
C THR A 88 11.26 -3.46 2.18
N VAL A 89 10.35 -2.67 1.58
CA VAL A 89 10.51 -1.22 1.43
C VAL A 89 10.65 -0.51 2.79
N THR A 90 11.50 0.51 2.83
CA THR A 90 11.83 1.25 4.05
C THR A 90 10.60 2.01 4.59
N ASP A 91 9.99 1.45 5.64
CA ASP A 91 8.72 1.95 6.23
C ASP A 91 8.85 3.40 6.78
N LEU A 92 10.09 3.78 7.14
CA LEU A 92 10.40 5.13 7.67
C LEU A 92 10.42 6.21 6.56
N SER A 93 10.47 5.76 5.29
CA SER A 93 10.45 6.66 4.11
C SER A 93 9.29 6.25 3.19
N GLN A 94 8.96 7.11 2.21
CA GLN A 94 7.86 6.85 1.24
C GLN A 94 8.40 6.11 -0.01
N ILE A 95 7.50 5.85 -0.97
CA ILE A 95 7.76 4.96 -2.12
C ILE A 95 7.36 5.63 -3.46
N VAL A 96 8.22 5.50 -4.48
CA VAL A 96 7.88 5.79 -5.87
C VAL A 96 8.19 4.54 -6.71
N TRP A 97 7.17 3.99 -7.36
CA TRP A 97 7.29 2.82 -8.25
C TRP A 97 6.78 3.17 -9.65
N PRO A 98 7.23 2.40 -10.71
CA PRO A 98 6.72 2.57 -12.10
C PRO A 98 5.18 2.57 -12.18
N GLN A 99 4.63 3.44 -13.02
CA GLN A 99 3.20 3.46 -13.36
C GLN A 99 2.99 2.56 -14.58
N LEU A 100 1.84 1.86 -14.64
CA LEU A 100 1.52 0.90 -15.72
C LEU A 100 1.28 1.65 -17.08
N PRO A 101 1.55 0.97 -18.26
CA PRO A 101 1.60 1.64 -19.59
C PRO A 101 0.26 2.27 -20.09
N VAL A 102 -0.85 1.96 -19.41
CA VAL A 102 -2.18 2.50 -19.76
C VAL A 102 -2.58 3.58 -18.74
N MET A 3 -5.09 9.30 4.45
CA MET A 3 -5.46 7.96 4.95
C MET A 3 -6.03 8.04 6.37
N LEU A 4 -6.70 6.96 6.78
CA LEU A 4 -7.17 6.76 8.16
C LEU A 4 -6.35 5.64 8.82
N LEU A 5 -6.18 5.73 10.14
CA LEU A 5 -5.48 4.72 10.95
C LEU A 5 -6.32 3.44 11.01
N HIS A 6 -5.89 2.38 10.27
CA HIS A 6 -6.54 1.04 10.27
C HIS A 6 -6.90 0.52 11.69
N SER A 7 -6.08 0.92 12.68
CA SER A 7 -6.30 0.64 14.10
C SER A 7 -5.31 1.49 14.93
N VAL A 8 -5.85 2.23 15.92
CA VAL A 8 -5.06 3.05 16.87
C VAL A 8 -5.23 2.48 18.29
N GLU A 9 -4.22 2.70 19.15
CA GLU A 9 -4.28 2.34 20.58
C GLU A 9 -4.85 3.52 21.38
N THR A 10 -5.80 3.22 22.29
CA THR A 10 -6.52 4.23 23.09
C THR A 10 -6.65 3.74 24.55
N PRO A 11 -6.89 4.67 25.55
CA PRO A 11 -7.22 4.28 26.96
C PRO A 11 -8.48 3.37 27.06
N ARG A 12 -9.43 3.56 26.14
CA ARG A 12 -10.69 2.77 26.09
C ARG A 12 -10.50 1.41 25.38
N GLY A 13 -9.28 1.16 24.84
CA GLY A 13 -8.91 -0.12 24.25
C GLY A 13 -8.32 0.03 22.86
N GLU A 14 -8.86 -0.70 21.88
CA GLU A 14 -8.39 -0.69 20.48
C GLU A 14 -9.52 -0.18 19.58
N ILE A 15 -9.20 0.79 18.69
CA ILE A 15 -10.18 1.45 17.80
C ILE A 15 -9.77 1.21 16.35
N LEU A 16 -10.69 0.63 15.56
CA LEU A 16 -10.44 0.28 14.14
C LEU A 16 -10.97 1.39 13.21
N ASN A 17 -10.19 1.67 12.14
CA ASN A 17 -10.57 2.56 11.01
C ASN A 17 -11.04 3.94 11.51
N VAL A 18 -10.07 4.82 11.73
CA VAL A 18 -10.30 6.13 12.37
C VAL A 18 -9.25 7.15 11.92
N SER A 19 -9.69 8.39 11.65
CA SER A 19 -8.76 9.49 11.30
C SER A 19 -8.00 9.95 12.55
N GLU A 20 -6.93 10.74 12.35
CA GLU A 20 -6.02 11.16 13.43
C GLU A 20 -6.70 12.10 14.43
N GLN A 21 -7.36 13.14 13.91
CA GLN A 21 -8.03 14.17 14.73
C GLN A 21 -9.26 13.58 15.44
N GLU A 22 -9.96 12.67 14.75
CA GLU A 22 -11.11 11.94 15.31
C GLU A 22 -10.68 11.04 16.47
N ALA A 23 -9.61 10.26 16.22
CA ALA A 23 -8.95 9.43 17.25
C ALA A 23 -8.65 10.25 18.53
N ARG A 24 -8.07 11.46 18.37
CA ARG A 24 -7.73 12.34 19.50
C ARG A 24 -9.00 12.90 20.20
N ASP A 25 -9.99 13.31 19.39
CA ASP A 25 -11.18 14.06 19.88
C ASP A 25 -12.18 13.11 20.56
N VAL A 26 -12.67 12.15 19.78
CA VAL A 26 -13.70 11.20 20.22
C VAL A 26 -13.09 10.13 21.14
N PHE A 27 -12.03 9.47 20.66
CA PHE A 27 -11.49 8.23 21.28
C PHE A 27 -10.34 8.50 22.27
N GLY A 28 -9.81 9.74 22.25
CA GLY A 28 -8.75 10.15 23.18
C GLY A 28 -7.43 9.43 22.97
N ALA A 29 -7.05 9.22 21.71
CA ALA A 29 -5.77 8.59 21.32
C ALA A 29 -4.62 9.60 21.47
N SER A 30 -3.50 9.13 22.04
CA SER A 30 -2.35 9.97 22.38
C SER A 30 -1.48 10.24 21.14
N GLU A 31 -0.66 11.30 21.21
CA GLU A 31 0.14 11.78 20.05
C GLU A 31 1.19 10.75 19.57
N GLN A 32 1.65 9.89 20.51
CA GLN A 32 2.57 8.77 20.19
C GLN A 32 1.77 7.61 19.55
N ALA A 33 0.49 7.48 19.95
CA ALA A 33 -0.42 6.45 19.44
C ALA A 33 -0.93 6.84 18.03
N ILE A 34 -0.91 8.16 17.73
CA ILE A 34 -1.44 8.68 16.47
C ILE A 34 -0.38 8.43 15.40
N ALA A 35 0.82 9.03 15.63
CA ALA A 35 2.04 8.77 14.85
C ALA A 35 2.33 7.26 14.64
N ASP A 36 2.17 6.45 15.70
CA ASP A 36 2.38 4.98 15.62
C ASP A 36 1.48 4.33 14.54
N ALA A 37 0.18 4.55 14.68
CA ALA A 37 -0.84 3.91 13.82
C ALA A 37 -0.85 4.51 12.39
N ARG A 38 -0.55 5.82 12.30
CA ARG A 38 -0.39 6.54 11.01
C ARG A 38 0.79 5.93 10.24
N LYS A 39 1.94 5.84 10.94
CA LYS A 39 3.18 5.24 10.42
C LYS A 39 2.99 3.78 10.07
N ALA A 40 2.12 3.08 10.81
CA ALA A 40 1.90 1.65 10.64
C ALA A 40 1.03 1.41 9.40
N THR A 41 0.04 2.30 9.20
CA THR A 41 -0.85 2.27 8.04
C THR A 41 -0.07 2.60 6.76
N ILE A 42 0.69 3.72 6.79
CA ILE A 42 1.50 4.17 5.65
C ILE A 42 2.59 3.13 5.30
N LEU A 43 3.47 2.81 6.25
CA LEU A 43 4.61 1.85 6.06
C LEU A 43 4.14 0.48 5.53
N GLN A 44 2.93 0.06 5.96
CA GLN A 44 2.34 -1.21 5.52
C GLN A 44 1.77 -1.05 4.09
N THR A 45 1.12 0.12 3.85
CA THR A 45 0.57 0.49 2.54
C THR A 45 1.69 0.60 1.50
N LEU A 46 2.87 1.11 1.90
CA LEU A 46 4.02 1.33 0.99
C LEU A 46 4.54 0.02 0.37
N ARG A 47 4.32 -1.10 1.10
CA ARG A 47 4.71 -2.44 0.64
C ARG A 47 3.55 -3.12 -0.11
N ILE A 48 2.34 -3.09 0.49
CA ILE A 48 1.12 -3.72 -0.10
C ILE A 48 0.70 -3.02 -1.41
N GLU A 49 1.10 -1.75 -1.55
CA GLU A 49 0.73 -0.87 -2.70
C GLU A 49 1.11 -1.53 -4.03
N ARG A 50 2.34 -2.10 -4.09
CA ARG A 50 2.82 -2.80 -5.28
C ARG A 50 1.97 -4.04 -5.56
N ASP A 51 1.62 -4.78 -4.49
CA ASP A 51 0.77 -6.00 -4.58
C ASP A 51 -0.60 -5.67 -5.15
N GLU A 52 -1.12 -4.48 -4.79
CA GLU A 52 -2.42 -3.97 -5.27
C GLU A 52 -2.38 -3.63 -6.76
N ARG A 53 -1.23 -3.10 -7.21
CA ARG A 53 -1.02 -2.74 -8.63
C ARG A 53 -0.73 -3.99 -9.48
N LEU A 54 -0.17 -5.04 -8.85
CA LEU A 54 0.11 -6.33 -9.52
C LEU A 54 -1.20 -7.11 -9.73
N ARG A 55 -2.02 -7.22 -8.67
CA ARG A 55 -3.34 -7.89 -8.77
C ARG A 55 -4.31 -7.07 -9.64
N ALA A 56 -4.01 -5.75 -9.82
CA ALA A 56 -4.71 -4.88 -10.77
C ALA A 56 -4.33 -5.24 -12.23
N CYS A 57 -3.05 -5.59 -12.46
CA CYS A 57 -2.54 -5.97 -13.80
C CYS A 57 -2.51 -7.50 -13.98
N ASP A 58 -3.12 -8.24 -13.03
CA ASP A 58 -3.20 -9.72 -13.06
C ASP A 58 -4.03 -10.24 -14.26
N TRP A 59 -4.92 -9.36 -14.76
CA TRP A 59 -5.83 -9.68 -15.89
C TRP A 59 -5.05 -9.96 -17.19
N THR A 60 -3.81 -9.44 -17.30
CA THR A 60 -2.93 -9.67 -18.46
C THR A 60 -2.01 -10.88 -18.25
N GLN A 61 -1.87 -11.31 -16.98
CA GLN A 61 -0.93 -12.38 -16.59
C GLN A 61 -1.58 -13.76 -16.67
N VAL A 62 -2.93 -13.78 -16.68
CA VAL A 62 -3.69 -15.00 -16.99
C VAL A 62 -3.50 -15.39 -18.48
N GLN A 63 -3.57 -16.71 -18.77
CA GLN A 63 -3.35 -17.23 -20.14
C GLN A 63 -4.58 -16.99 -21.04
N ASP A 64 -5.72 -16.67 -20.43
CA ASP A 64 -7.00 -16.47 -21.13
C ASP A 64 -7.01 -15.17 -21.98
N VAL A 65 -6.34 -14.10 -21.47
CA VAL A 65 -6.36 -12.77 -22.13
C VAL A 65 -5.74 -12.84 -23.54
N VAL A 66 -6.42 -12.20 -24.51
CA VAL A 66 -5.98 -12.15 -25.92
C VAL A 66 -5.31 -10.79 -26.18
N LEU A 67 -3.97 -10.80 -26.26
CA LEU A 67 -3.14 -9.62 -26.53
C LEU A 67 -1.96 -10.04 -27.42
N THR A 68 -1.24 -9.06 -27.98
CA THR A 68 0.00 -9.32 -28.74
C THR A 68 1.15 -9.70 -27.79
N ALA A 69 2.26 -10.20 -28.37
CA ALA A 69 3.48 -10.54 -27.60
C ALA A 69 3.99 -9.29 -26.87
N ASP A 70 4.07 -8.17 -27.62
CA ASP A 70 4.44 -6.84 -27.11
C ASP A 70 3.58 -6.42 -25.90
N GLN A 71 2.25 -6.54 -26.02
CA GLN A 71 1.30 -6.16 -24.95
C GLN A 71 1.55 -6.99 -23.68
N LYS A 72 1.56 -8.31 -23.85
CA LYS A 72 1.78 -9.29 -22.77
C LYS A 72 3.20 -9.16 -22.15
N ALA A 73 4.13 -8.58 -22.95
CA ALA A 73 5.53 -8.42 -22.52
C ALA A 73 5.61 -7.17 -21.64
N THR A 74 5.23 -6.03 -22.23
CA THR A 74 5.18 -4.70 -21.57
C THR A 74 4.41 -4.74 -20.21
N TRP A 75 3.34 -5.53 -20.14
CA TRP A 75 2.56 -5.75 -18.90
C TRP A 75 3.34 -6.58 -17.87
N ALA A 76 4.06 -7.61 -18.34
CA ALA A 76 4.92 -8.47 -17.50
C ALA A 76 6.21 -7.71 -17.10
N LYS A 77 6.61 -6.75 -17.94
CA LYS A 77 7.83 -5.94 -17.72
C LYS A 77 7.48 -4.76 -16.81
N TYR A 78 6.18 -4.38 -16.80
CA TYR A 78 5.61 -3.44 -15.83
C TYR A 78 5.79 -4.01 -14.42
N ARG A 79 5.50 -5.32 -14.28
CA ARG A 79 5.60 -6.03 -12.98
C ARG A 79 7.05 -6.04 -12.49
N GLN A 80 7.95 -6.48 -13.38
CA GLN A 80 9.37 -6.68 -13.08
C GLN A 80 10.06 -5.34 -12.77
N ALA A 81 9.59 -4.28 -13.44
CA ALA A 81 10.08 -2.91 -13.21
C ALA A 81 9.49 -2.32 -11.91
N LEU A 82 8.26 -2.73 -11.58
CA LEU A 82 7.51 -2.22 -10.41
C LEU A 82 8.20 -2.73 -9.13
N ARG A 83 8.48 -4.05 -9.10
CA ARG A 83 9.16 -4.70 -7.97
C ARG A 83 10.64 -4.27 -7.88
N ASP A 84 11.20 -3.87 -9.04
CA ASP A 84 12.60 -3.39 -9.14
C ASP A 84 12.79 -2.09 -8.36
N LEU A 85 11.87 -1.12 -8.58
CA LEU A 85 11.88 0.16 -7.85
C LEU A 85 11.40 -0.08 -6.40
N PRO A 86 12.13 0.47 -5.38
CA PRO A 86 12.03 0.01 -3.97
C PRO A 86 10.65 0.24 -3.29
N GLU A 87 10.11 -0.82 -2.68
CA GLU A 87 9.05 -0.72 -1.66
C GLU A 87 9.69 -0.07 -0.40
N THR A 88 9.73 1.27 -0.39
CA THR A 88 10.43 2.04 0.64
C THR A 88 9.75 1.89 2.03
N VAL A 89 10.13 0.78 2.68
CA VAL A 89 9.70 0.40 4.03
C VAL A 89 10.95 0.42 4.94
N THR A 90 12.15 0.32 4.29
CA THR A 90 13.47 0.51 4.93
C THR A 90 13.49 1.80 5.77
N ASP A 91 12.85 2.84 5.21
CA ASP A 91 12.59 4.11 5.87
C ASP A 91 11.16 4.54 5.48
N LEU A 92 10.48 5.29 6.37
CA LEU A 92 9.14 5.81 6.09
C LEU A 92 9.25 6.98 5.10
N SER A 93 9.17 6.67 3.80
CA SER A 93 9.22 7.65 2.69
C SER A 93 8.34 7.18 1.54
N GLN A 94 7.95 8.12 0.67
CA GLN A 94 7.03 7.88 -0.47
C GLN A 94 7.61 6.86 -1.47
N ILE A 95 6.73 6.03 -2.02
CA ILE A 95 7.09 4.97 -2.99
C ILE A 95 6.94 5.46 -4.44
N VAL A 96 7.96 5.23 -5.29
CA VAL A 96 7.89 5.50 -6.73
C VAL A 96 8.22 4.20 -7.50
N TRP A 97 7.30 3.85 -8.39
CA TRP A 97 7.43 2.74 -9.34
C TRP A 97 6.81 3.18 -10.69
N PRO A 98 7.09 2.46 -11.83
CA PRO A 98 6.52 2.83 -13.15
C PRO A 98 4.97 2.82 -13.16
N GLN A 99 4.42 3.70 -13.99
CA GLN A 99 3.00 3.68 -14.38
C GLN A 99 2.82 2.61 -15.47
N LEU A 100 1.65 1.94 -15.47
CA LEU A 100 1.34 0.89 -16.45
C LEU A 100 1.12 1.51 -17.86
N PRO A 101 1.41 0.73 -18.96
CA PRO A 101 1.52 1.29 -20.36
C PRO A 101 0.28 2.08 -20.83
N VAL A 102 -0.88 1.75 -20.27
CA VAL A 102 -2.16 2.41 -20.61
C VAL A 102 -2.25 3.77 -19.86
N MET A 3 -5.33 8.39 3.60
CA MET A 3 -4.64 7.49 4.57
C MET A 3 -5.33 7.59 5.94
N LEU A 4 -5.74 6.43 6.47
CA LEU A 4 -6.30 6.29 7.83
C LEU A 4 -5.49 5.25 8.62
N LEU A 5 -5.44 5.38 9.94
CA LEU A 5 -4.78 4.42 10.83
C LEU A 5 -5.56 3.09 10.83
N HIS A 6 -5.05 2.09 10.10
CA HIS A 6 -5.58 0.69 10.11
C HIS A 6 -5.84 0.13 11.54
N SER A 7 -5.09 0.62 12.55
CA SER A 7 -5.28 0.20 13.94
C SER A 7 -4.55 1.16 14.90
N VAL A 8 -5.30 2.08 15.56
CA VAL A 8 -4.76 2.96 16.62
C VAL A 8 -5.14 2.40 18.00
N GLU A 9 -4.28 2.62 18.99
CA GLU A 9 -4.53 2.26 20.38
C GLU A 9 -4.91 3.52 21.16
N THR A 10 -6.21 3.67 21.43
CA THR A 10 -6.76 4.78 22.22
C THR A 10 -6.85 4.35 23.71
N PRO A 11 -6.94 5.29 24.70
CA PRO A 11 -7.15 4.94 26.14
C PRO A 11 -8.41 4.07 26.37
N ARG A 12 -9.40 4.17 25.46
CA ARG A 12 -10.70 3.45 25.57
C ARG A 12 -10.71 2.13 24.76
N GLY A 13 -9.51 1.63 24.35
CA GLY A 13 -9.37 0.35 23.65
C GLY A 13 -8.63 0.47 22.33
N GLU A 14 -8.57 -0.64 21.58
CA GLU A 14 -7.96 -0.65 20.23
C GLU A 14 -9.07 -0.41 19.20
N ILE A 15 -8.80 0.41 18.18
CA ILE A 15 -9.78 0.84 17.16
C ILE A 15 -9.22 0.51 15.77
N LEU A 16 -9.98 -0.28 14.98
CA LEU A 16 -9.57 -0.72 13.63
C LEU A 16 -10.18 0.21 12.55
N ASN A 17 -9.29 0.74 11.67
CA ASN A 17 -9.64 1.52 10.47
C ASN A 17 -10.35 2.84 10.84
N VAL A 18 -9.53 3.82 11.21
CA VAL A 18 -9.98 5.15 11.65
C VAL A 18 -8.89 6.18 11.27
N SER A 19 -9.29 7.35 10.77
CA SER A 19 -8.36 8.44 10.48
C SER A 19 -7.82 9.02 11.79
N GLU A 20 -6.58 9.48 11.77
CA GLU A 20 -5.91 10.10 12.92
C GLU A 20 -6.69 11.32 13.46
N GLN A 21 -7.29 12.10 12.56
CA GLN A 21 -8.12 13.26 12.93
C GLN A 21 -9.37 12.83 13.72
N GLU A 22 -10.03 11.74 13.29
CA GLU A 22 -11.20 11.17 14.00
C GLU A 22 -10.76 10.56 15.35
N ALA A 23 -9.62 9.85 15.32
CA ALA A 23 -8.93 9.34 16.52
C ALA A 23 -8.75 10.46 17.58
N ARG A 24 -8.46 11.68 17.11
CA ARG A 24 -8.33 12.88 17.98
C ARG A 24 -9.69 13.35 18.53
N ASP A 25 -10.68 13.51 17.62
CA ASP A 25 -11.97 14.18 17.94
C ASP A 25 -12.89 13.28 18.76
N VAL A 26 -13.23 12.11 18.20
CA VAL A 26 -14.18 11.16 18.82
C VAL A 26 -13.53 10.39 19.98
N PHE A 27 -12.36 9.80 19.71
CA PHE A 27 -11.73 8.79 20.59
C PHE A 27 -10.75 9.44 21.59
N GLY A 28 -10.14 10.57 21.19
CA GLY A 28 -9.16 11.28 22.02
C GLY A 28 -7.87 10.47 22.21
N ALA A 29 -7.27 10.06 21.08
CA ALA A 29 -6.02 9.28 21.05
C ALA A 29 -4.82 10.18 21.34
N SER A 30 -3.74 9.57 21.80
CA SER A 30 -2.49 10.27 22.09
C SER A 30 -1.78 10.60 20.77
N GLU A 31 -1.15 11.77 20.73
CA GLU A 31 -0.38 12.24 19.56
C GLU A 31 0.83 11.30 19.28
N GLN A 32 1.31 10.65 20.35
CA GLN A 32 2.37 9.64 20.30
C GLN A 32 1.81 8.30 19.78
N ALA A 33 0.55 8.00 20.17
CA ALA A 33 -0.15 6.76 19.75
C ALA A 33 -0.61 6.87 18.28
N ILE A 34 -0.74 8.10 17.79
CA ILE A 34 -1.21 8.36 16.43
C ILE A 34 -0.02 8.18 15.49
N ALA A 35 1.09 8.88 15.81
CA ALA A 35 2.43 8.67 15.21
C ALA A 35 2.80 7.17 15.11
N ASP A 36 2.59 6.41 16.22
CA ASP A 36 2.81 4.95 16.26
C ASP A 36 1.98 4.20 15.19
N ALA A 37 0.67 4.48 15.19
CA ALA A 37 -0.30 3.83 14.27
C ALA A 37 -0.09 4.28 12.81
N ARG A 38 0.40 5.51 12.63
CA ARG A 38 0.70 6.09 11.31
C ARG A 38 1.93 5.39 10.72
N LYS A 39 2.95 5.25 11.57
CA LYS A 39 4.18 4.48 11.28
C LYS A 39 3.84 3.04 10.89
N ALA A 40 2.86 2.46 11.59
CA ALA A 40 2.55 1.04 11.50
C ALA A 40 1.69 0.75 10.25
N THR A 41 0.74 1.67 9.96
CA THR A 41 -0.15 1.57 8.79
C THR A 41 0.66 1.75 7.51
N ILE A 42 1.52 2.80 7.48
CA ILE A 42 2.37 3.10 6.30
C ILE A 42 3.36 1.95 6.06
N LEU A 43 4.08 1.53 7.10
CA LEU A 43 5.06 0.39 7.06
C LEU A 43 4.40 -0.91 6.52
N GLN A 44 3.10 -1.07 6.81
CA GLN A 44 2.30 -2.21 6.35
C GLN A 44 1.88 -1.99 4.87
N THR A 45 1.48 -0.74 4.57
CA THR A 45 0.97 -0.26 3.26
C THR A 45 2.03 -0.43 2.15
N LEU A 46 3.30 -0.13 2.48
CA LEU A 46 4.41 -0.17 1.50
C LEU A 46 4.62 -1.61 0.97
N ARG A 47 4.32 -2.60 1.85
CA ARG A 47 4.50 -4.03 1.56
C ARG A 47 3.24 -4.63 0.87
N ILE A 48 2.05 -4.10 1.21
CA ILE A 48 0.76 -4.61 0.69
C ILE A 48 0.48 -4.07 -0.74
N GLU A 49 0.40 -2.73 -0.87
CA GLU A 49 -0.06 -2.05 -2.11
C GLU A 49 0.71 -2.50 -3.36
N ARG A 50 2.05 -2.60 -3.23
CA ARG A 50 2.95 -3.09 -4.30
C ARG A 50 2.54 -4.49 -4.78
N ASP A 51 2.22 -5.38 -3.84
CA ASP A 51 1.93 -6.81 -4.12
C ASP A 51 0.50 -6.98 -4.63
N GLU A 52 -0.39 -6.05 -4.23
CA GLU A 52 -1.79 -6.02 -4.68
C GLU A 52 -1.88 -5.69 -6.17
N ARG A 53 -1.03 -4.78 -6.62
CA ARG A 53 -0.94 -4.40 -8.04
C ARG A 53 -0.07 -5.40 -8.85
N LEU A 54 0.87 -6.11 -8.17
CA LEU A 54 1.64 -7.25 -8.76
C LEU A 54 0.68 -8.38 -9.18
N ARG A 55 -0.19 -8.79 -8.24
CA ARG A 55 -1.17 -9.87 -8.46
C ARG A 55 -2.29 -9.42 -9.40
N ALA A 56 -2.59 -8.09 -9.38
CA ALA A 56 -3.61 -7.48 -10.26
C ALA A 56 -3.13 -7.40 -11.71
N CYS A 57 -1.81 -7.42 -11.90
CA CYS A 57 -1.17 -7.41 -13.23
C CYS A 57 -1.11 -8.84 -13.83
N ASP A 58 -1.13 -9.85 -12.94
CA ASP A 58 -0.80 -11.25 -13.25
C ASP A 58 -1.76 -11.91 -14.29
N TRP A 59 -2.99 -11.38 -14.44
CA TRP A 59 -3.99 -11.90 -15.40
C TRP A 59 -3.47 -11.85 -16.86
N THR A 60 -2.63 -10.83 -17.15
CA THR A 60 -2.01 -10.65 -18.47
C THR A 60 -0.81 -11.59 -18.64
N GLN A 61 -0.11 -11.81 -17.53
CA GLN A 61 1.12 -12.62 -17.47
C GLN A 61 0.83 -14.11 -17.74
N VAL A 62 -0.38 -14.55 -17.31
CA VAL A 62 -0.87 -15.90 -17.62
C VAL A 62 -1.55 -15.88 -19.02
N GLN A 63 -1.36 -16.99 -19.76
CA GLN A 63 -1.83 -17.16 -21.16
C GLN A 63 -3.38 -17.33 -21.24
N ASP A 64 -4.05 -17.35 -20.06
CA ASP A 64 -5.53 -17.42 -19.94
C ASP A 64 -6.25 -16.30 -20.73
N VAL A 65 -5.65 -15.09 -20.74
CA VAL A 65 -6.22 -13.92 -21.45
C VAL A 65 -5.65 -13.84 -22.88
N VAL A 66 -6.43 -13.25 -23.79
CA VAL A 66 -6.03 -13.02 -25.19
C VAL A 66 -5.56 -11.56 -25.36
N LEU A 67 -4.24 -11.35 -25.28
CA LEU A 67 -3.60 -10.04 -25.53
C LEU A 67 -2.36 -10.27 -26.42
N THR A 68 -1.84 -9.20 -27.05
CA THR A 68 -0.60 -9.28 -27.84
C THR A 68 0.61 -9.36 -26.91
N ALA A 69 1.78 -9.68 -27.49
CA ALA A 69 3.05 -9.66 -26.74
C ALA A 69 3.32 -8.25 -26.21
N ASP A 70 3.06 -7.23 -27.07
CA ASP A 70 3.17 -5.79 -26.73
C ASP A 70 2.45 -5.45 -25.41
N GLN A 71 1.16 -5.81 -25.36
CA GLN A 71 0.28 -5.55 -24.20
C GLN A 71 0.79 -6.29 -22.96
N LYS A 72 0.98 -7.60 -23.10
CA LYS A 72 1.43 -8.50 -22.01
C LYS A 72 2.85 -8.16 -21.50
N ALA A 73 3.67 -7.53 -22.36
CA ALA A 73 5.08 -7.19 -22.04
C ALA A 73 5.13 -5.84 -21.32
N THR A 74 4.36 -4.87 -21.83
CA THR A 74 4.11 -3.57 -21.15
C THR A 74 3.57 -3.78 -19.70
N TRP A 75 2.71 -4.80 -19.53
CA TRP A 75 2.24 -5.27 -18.20
C TRP A 75 3.38 -5.97 -17.44
N ALA A 76 4.24 -6.71 -18.16
CA ALA A 76 5.45 -7.36 -17.58
C ALA A 76 6.48 -6.31 -17.11
N LYS A 77 6.49 -5.15 -17.79
CA LYS A 77 7.37 -4.00 -17.43
C LYS A 77 6.79 -3.31 -16.19
N TYR A 78 5.44 -3.22 -16.15
CA TYR A 78 4.69 -2.64 -15.05
C TYR A 78 5.01 -3.36 -13.73
N ARG A 79 4.86 -4.71 -13.74
CA ARG A 79 5.08 -5.53 -12.55
C ARG A 79 6.57 -5.55 -12.17
N GLN A 80 7.46 -5.62 -13.18
CA GLN A 80 8.92 -5.68 -12.99
C GLN A 80 9.45 -4.46 -12.22
N ALA A 81 8.91 -3.28 -12.55
CA ALA A 81 9.31 -2.02 -11.92
C ALA A 81 8.90 -1.98 -10.42
N LEU A 82 7.81 -2.68 -10.08
CA LEU A 82 7.31 -2.81 -8.69
C LEU A 82 8.17 -3.77 -7.85
N ARG A 83 8.31 -5.03 -8.32
CA ARG A 83 9.04 -6.11 -7.58
C ARG A 83 10.56 -5.81 -7.48
N ASP A 84 11.08 -5.03 -8.43
CA ASP A 84 12.52 -4.68 -8.52
C ASP A 84 12.74 -3.16 -8.30
N LEU A 85 11.75 -2.45 -7.69
CA LEU A 85 11.81 -0.98 -7.47
C LEU A 85 13.16 -0.51 -6.85
N PRO A 86 13.72 0.66 -7.27
CA PRO A 86 15.01 1.15 -6.76
C PRO A 86 14.88 1.67 -5.31
N GLU A 87 16.01 1.60 -4.58
CA GLU A 87 16.11 2.00 -3.16
C GLU A 87 15.78 3.50 -2.98
N THR A 88 14.50 3.79 -2.73
CA THR A 88 14.00 5.16 -2.48
C THR A 88 14.62 5.74 -1.18
N VAL A 89 15.77 6.43 -1.34
CA VAL A 89 16.56 6.95 -0.21
C VAL A 89 15.76 7.97 0.61
N THR A 90 15.85 7.85 1.96
CA THR A 90 15.09 8.62 3.00
C THR A 90 13.54 8.51 2.87
N ASP A 91 12.96 8.93 1.73
CA ASP A 91 11.51 8.86 1.45
C ASP A 91 10.98 7.42 1.59
N LEU A 92 10.36 7.12 2.76
CA LEU A 92 9.88 5.76 3.10
C LEU A 92 8.39 5.82 3.49
N SER A 93 7.65 6.70 2.80
CA SER A 93 6.18 6.84 2.95
C SER A 93 5.58 7.18 1.58
N GLN A 94 6.16 8.20 0.93
CA GLN A 94 5.80 8.63 -0.41
C GLN A 94 6.47 7.69 -1.44
N ILE A 95 5.84 6.52 -1.60
CA ILE A 95 6.27 5.46 -2.52
C ILE A 95 5.74 5.76 -3.94
N VAL A 96 6.64 6.21 -4.82
CA VAL A 96 6.30 6.53 -6.20
C VAL A 96 6.61 5.29 -7.04
N TRP A 97 5.58 4.53 -7.39
CA TRP A 97 5.67 3.31 -8.21
C TRP A 97 4.61 3.38 -9.34
N PRO A 98 4.82 2.68 -10.50
CA PRO A 98 3.92 2.79 -11.66
C PRO A 98 2.47 2.37 -11.35
N GLN A 99 1.52 3.13 -11.91
CA GLN A 99 0.11 2.74 -12.02
C GLN A 99 -0.05 1.95 -13.33
N LEU A 100 -1.09 1.09 -13.42
CA LEU A 100 -1.28 0.16 -14.56
C LEU A 100 -1.19 0.83 -15.96
N PRO A 101 -0.58 0.15 -16.97
CA PRO A 101 -0.29 0.75 -18.30
C PRO A 101 -1.57 1.09 -19.11
N VAL A 102 -2.60 0.24 -18.99
CA VAL A 102 -3.85 0.40 -19.73
C VAL A 102 -4.82 1.29 -18.91
N MET A 3 -5.05 7.65 3.43
CA MET A 3 -4.81 6.55 4.39
C MET A 3 -5.40 6.89 5.77
N LEU A 4 -5.99 5.87 6.40
CA LEU A 4 -6.50 5.92 7.78
C LEU A 4 -5.71 4.92 8.63
N LEU A 5 -5.61 5.17 9.94
CA LEU A 5 -4.99 4.25 10.91
C LEU A 5 -5.82 2.98 11.00
N HIS A 6 -5.33 1.91 10.32
CA HIS A 6 -5.86 0.52 10.39
C HIS A 6 -6.29 0.11 11.82
N SER A 7 -5.53 0.58 12.80
CA SER A 7 -5.72 0.28 14.21
C SER A 7 -4.97 1.31 15.08
N VAL A 8 -5.52 1.59 16.27
CA VAL A 8 -4.92 2.51 17.26
C VAL A 8 -5.43 2.16 18.67
N GLU A 9 -4.52 2.22 19.66
CA GLU A 9 -4.87 2.02 21.07
C GLU A 9 -5.33 3.36 21.65
N THR A 10 -6.55 3.39 22.17
CA THR A 10 -7.13 4.55 22.87
C THR A 10 -7.41 4.16 24.34
N PRO A 11 -7.55 5.13 25.29
CA PRO A 11 -7.91 4.84 26.71
C PRO A 11 -9.27 4.09 26.86
N ARG A 12 -10.13 4.19 25.83
CA ARG A 12 -11.47 3.54 25.81
C ARG A 12 -11.44 2.17 25.07
N GLY A 13 -10.22 1.69 24.70
CA GLY A 13 -10.03 0.35 24.10
C GLY A 13 -9.30 0.39 22.77
N GLU A 14 -9.40 -0.69 21.98
CA GLU A 14 -8.80 -0.77 20.63
C GLU A 14 -9.81 -0.22 19.60
N ILE A 15 -9.32 0.60 18.66
CA ILE A 15 -10.14 1.24 17.62
C ILE A 15 -9.54 0.93 16.24
N LEU A 16 -10.38 0.40 15.34
CA LEU A 16 -9.98 0.01 13.98
C LEU A 16 -10.50 1.04 12.95
N ASN A 17 -9.82 1.07 11.77
CA ASN A 17 -10.14 1.91 10.58
C ASN A 17 -10.61 3.34 10.95
N VAL A 18 -9.64 4.22 11.22
CA VAL A 18 -9.94 5.57 11.72
C VAL A 18 -8.85 6.57 11.32
N SER A 19 -9.26 7.75 10.85
CA SER A 19 -8.34 8.86 10.54
C SER A 19 -7.76 9.45 11.84
N GLU A 20 -6.61 10.12 11.71
CA GLU A 20 -5.88 10.74 12.84
C GLU A 20 -6.78 11.72 13.61
N GLN A 21 -7.51 12.56 12.84
CA GLN A 21 -8.39 13.62 13.37
C GLN A 21 -9.51 13.04 14.25
N GLU A 22 -10.18 11.98 13.76
CA GLU A 22 -11.31 11.33 14.48
C GLU A 22 -10.80 10.56 15.71
N ALA A 23 -9.73 9.78 15.52
CA ALA A 23 -9.05 9.07 16.62
C ALA A 23 -8.73 10.01 17.79
N ARG A 24 -8.15 11.19 17.49
CA ARG A 24 -7.84 12.23 18.51
C ARG A 24 -9.12 12.82 19.11
N ASP A 25 -10.09 13.17 18.25
CA ASP A 25 -11.27 13.96 18.64
C ASP A 25 -12.32 13.10 19.37
N VAL A 26 -12.87 12.11 18.65
CA VAL A 26 -13.93 11.21 19.14
C VAL A 26 -13.37 10.19 20.16
N PHE A 27 -12.33 9.46 19.74
CA PHE A 27 -11.83 8.29 20.49
C PHE A 27 -10.75 8.69 21.53
N GLY A 28 -10.23 9.92 21.44
CA GLY A 28 -9.29 10.45 22.42
C GLY A 28 -7.94 9.74 22.44
N ALA A 29 -7.39 9.50 21.25
CA ALA A 29 -6.10 8.84 21.07
C ALA A 29 -4.97 9.86 21.25
N SER A 30 -3.87 9.39 21.83
CA SER A 30 -2.70 10.22 22.15
C SER A 30 -1.90 10.49 20.88
N GLU A 31 -1.25 11.66 20.82
CA GLU A 31 -0.48 12.07 19.63
C GLU A 31 0.73 11.13 19.39
N GLN A 32 1.21 10.49 20.47
CA GLN A 32 2.22 9.41 20.41
C GLN A 32 1.63 8.15 19.74
N ALA A 33 0.35 7.86 20.05
CA ALA A 33 -0.37 6.69 19.51
C ALA A 33 -0.85 6.95 18.08
N ILE A 34 -0.97 8.25 17.73
CA ILE A 34 -1.47 8.69 16.41
C ILE A 34 -0.32 8.64 15.42
N ALA A 35 0.88 8.99 15.93
CA ALA A 35 2.08 9.13 15.11
C ALA A 35 2.63 7.73 14.83
N ASP A 36 2.70 6.93 15.92
CA ASP A 36 3.13 5.52 15.89
C ASP A 36 2.27 4.69 14.92
N ALA A 37 0.93 4.73 15.12
CA ALA A 37 -0.02 3.92 14.33
C ALA A 37 -0.10 4.37 12.86
N ARG A 38 -0.04 5.70 12.61
CA ARG A 38 -0.02 6.24 11.24
C ARG A 38 1.23 5.78 10.52
N LYS A 39 2.38 5.98 11.16
CA LYS A 39 3.70 5.54 10.67
C LYS A 39 3.73 4.03 10.45
N ALA A 40 3.03 3.27 11.31
CA ALA A 40 3.08 1.81 11.32
C ALA A 40 2.33 1.24 10.10
N THR A 41 1.14 1.82 9.86
CA THR A 41 0.27 1.45 8.74
C THR A 41 0.94 1.85 7.41
N ILE A 42 1.48 3.09 7.35
CA ILE A 42 2.19 3.63 6.16
C ILE A 42 3.43 2.79 5.82
N LEU A 43 4.31 2.59 6.81
CA LEU A 43 5.58 1.82 6.67
C LEU A 43 5.32 0.40 6.18
N GLN A 44 4.18 -0.17 6.60
CA GLN A 44 3.75 -1.51 6.19
C GLN A 44 3.25 -1.45 4.73
N THR A 45 2.42 -0.41 4.45
CA THR A 45 1.80 -0.13 3.13
C THR A 45 2.85 0.05 2.02
N LEU A 46 3.99 0.68 2.36
CA LEU A 46 5.09 1.00 1.40
C LEU A 46 5.67 -0.28 0.79
N ARG A 47 5.55 -1.40 1.51
CA ARG A 47 6.02 -2.71 1.04
C ARG A 47 4.85 -3.52 0.43
N ILE A 48 3.68 -3.50 1.11
CA ILE A 48 2.48 -4.31 0.72
C ILE A 48 2.02 -3.98 -0.70
N GLU A 49 1.82 -2.66 -0.95
CA GLU A 49 1.26 -2.13 -2.22
C GLU A 49 2.01 -2.64 -3.45
N ARG A 50 3.35 -2.80 -3.31
CA ARG A 50 4.20 -3.37 -4.37
C ARG A 50 3.69 -4.76 -4.76
N ASP A 51 3.61 -5.65 -3.77
CA ASP A 51 3.25 -7.07 -3.97
C ASP A 51 1.81 -7.20 -4.49
N GLU A 52 0.95 -6.28 -4.03
CA GLU A 52 -0.48 -6.24 -4.40
C GLU A 52 -0.65 -5.89 -5.88
N ARG A 53 0.13 -4.92 -6.38
CA ARG A 53 0.02 -4.45 -7.78
C ARG A 53 0.70 -5.45 -8.76
N LEU A 54 1.66 -6.29 -8.26
CA LEU A 54 2.14 -7.47 -9.03
C LEU A 54 1.01 -8.50 -9.19
N ARG A 55 0.44 -8.94 -8.05
CA ARG A 55 -0.52 -10.07 -7.99
C ARG A 55 -1.90 -9.68 -8.56
N ALA A 56 -2.19 -8.36 -8.62
CA ALA A 56 -3.42 -7.84 -9.23
C ALA A 56 -3.40 -8.01 -10.76
N CYS A 57 -2.19 -8.00 -11.33
CA CYS A 57 -1.95 -8.16 -12.78
C CYS A 57 -1.60 -9.61 -13.14
N ASP A 58 -2.04 -10.58 -12.30
CA ASP A 58 -1.81 -12.03 -12.55
C ASP A 58 -2.57 -12.51 -13.81
N TRP A 59 -3.71 -11.85 -14.09
CA TRP A 59 -4.59 -12.16 -15.22
C TRP A 59 -3.87 -11.93 -16.57
N THR A 60 -2.90 -10.99 -16.60
CA THR A 60 -2.09 -10.73 -17.81
C THR A 60 -0.92 -11.73 -17.91
N GLN A 61 -0.43 -12.17 -16.74
CA GLN A 61 0.72 -13.10 -16.66
C GLN A 61 0.33 -14.55 -16.99
N VAL A 62 -0.96 -14.87 -16.87
CA VAL A 62 -1.50 -16.20 -17.24
C VAL A 62 -1.85 -16.24 -18.74
N GLN A 63 -1.84 -17.45 -19.31
CA GLN A 63 -2.18 -17.73 -20.72
C GLN A 63 -3.70 -17.60 -21.01
N ASP A 64 -4.50 -17.26 -19.98
CA ASP A 64 -5.97 -17.18 -20.08
C ASP A 64 -6.42 -15.99 -20.95
N VAL A 65 -5.83 -14.81 -20.71
CA VAL A 65 -6.22 -13.56 -21.39
C VAL A 65 -5.74 -13.53 -22.86
N VAL A 66 -6.51 -12.85 -23.72
CA VAL A 66 -6.21 -12.68 -25.15
C VAL A 66 -5.70 -11.25 -25.39
N LEU A 67 -4.39 -11.06 -25.20
CA LEU A 67 -3.69 -9.79 -25.45
C LEU A 67 -2.67 -9.99 -26.59
N THR A 68 -2.32 -8.89 -27.28
CA THR A 68 -1.17 -8.90 -28.21
C THR A 68 0.13 -8.84 -27.39
N ALA A 69 1.27 -9.16 -28.02
CA ALA A 69 2.59 -9.14 -27.35
C ALA A 69 2.89 -7.73 -26.78
N ASP A 70 2.62 -6.69 -27.61
CA ASP A 70 2.73 -5.26 -27.21
C ASP A 70 2.01 -4.95 -25.88
N GLN A 71 0.79 -5.50 -25.72
CA GLN A 71 -0.04 -5.31 -24.51
C GLN A 71 0.56 -6.11 -23.33
N LYS A 72 0.66 -7.42 -23.54
CA LYS A 72 0.92 -8.44 -22.49
C LYS A 72 2.34 -8.30 -21.90
N ALA A 73 3.27 -7.75 -22.72
CA ALA A 73 4.70 -7.64 -22.35
C ALA A 73 4.90 -6.40 -21.47
N THR A 74 4.33 -5.26 -21.92
CA THR A 74 4.26 -4.01 -21.13
C THR A 74 3.72 -4.26 -19.69
N TRP A 75 2.77 -5.22 -19.56
CA TRP A 75 2.25 -5.69 -18.26
C TRP A 75 3.28 -6.53 -17.48
N ALA A 76 4.01 -7.41 -18.19
CA ALA A 76 5.04 -8.30 -17.60
C ALA A 76 6.28 -7.51 -17.15
N LYS A 77 6.56 -6.40 -17.87
CA LYS A 77 7.67 -5.48 -17.59
C LYS A 77 7.30 -4.55 -16.44
N TYR A 78 6.01 -4.18 -16.38
CA TYR A 78 5.41 -3.44 -15.25
C TYR A 78 5.67 -4.19 -13.94
N ARG A 79 5.37 -5.51 -13.97
CA ARG A 79 5.53 -6.40 -12.82
C ARG A 79 7.02 -6.50 -12.41
N GLN A 80 7.88 -6.79 -13.41
CA GLN A 80 9.33 -6.97 -13.22
C GLN A 80 10.04 -5.68 -12.74
N ALA A 81 9.53 -4.52 -13.17
CA ALA A 81 10.14 -3.21 -12.84
C ALA A 81 9.87 -2.83 -11.36
N LEU A 82 8.73 -3.30 -10.85
CA LEU A 82 8.35 -3.16 -9.43
C LEU A 82 9.29 -3.96 -8.50
N ARG A 83 9.81 -5.07 -9.04
CA ARG A 83 10.80 -5.95 -8.35
C ARG A 83 12.15 -5.23 -8.12
N ASP A 84 12.47 -4.28 -9.02
CA ASP A 84 13.74 -3.52 -8.99
C ASP A 84 13.85 -2.62 -7.74
N LEU A 85 12.69 -2.12 -7.24
CA LEU A 85 12.68 -1.24 -6.05
C LEU A 85 13.03 -2.03 -4.77
N PRO A 86 14.07 -1.58 -3.98
CA PRO A 86 14.41 -2.20 -2.68
C PRO A 86 13.35 -1.89 -1.60
N GLU A 87 12.91 -2.95 -0.90
CA GLU A 87 11.93 -2.88 0.21
C GLU A 87 12.51 -2.06 1.38
N THR A 88 13.73 -2.43 1.75
CA THR A 88 14.49 -1.78 2.83
C THR A 88 15.21 -0.54 2.28
N VAL A 89 14.45 0.54 2.08
CA VAL A 89 14.95 1.80 1.51
C VAL A 89 15.81 2.56 2.57
N THR A 90 17.13 2.49 2.39
CA THR A 90 18.13 3.10 3.29
C THR A 90 18.05 4.64 3.25
N ASP A 91 17.82 5.16 2.04
CA ASP A 91 17.69 6.60 1.80
C ASP A 91 16.28 7.09 2.21
N LEU A 92 16.18 8.38 2.53
CA LEU A 92 14.89 9.01 2.86
C LEU A 92 14.19 9.37 1.53
N SER A 93 13.53 8.36 0.95
CA SER A 93 12.89 8.45 -0.37
C SER A 93 11.51 7.79 -0.33
N GLN A 94 10.56 8.34 -1.10
CA GLN A 94 9.19 7.80 -1.24
C GLN A 94 9.17 6.69 -2.30
N ILE A 95 8.23 5.74 -2.15
CA ILE A 95 8.09 4.61 -3.09
C ILE A 95 7.49 5.07 -4.43
N VAL A 96 8.35 5.54 -5.34
CA VAL A 96 7.96 5.96 -6.69
C VAL A 96 8.16 4.77 -7.64
N TRP A 97 7.05 4.04 -7.88
CA TRP A 97 7.05 2.77 -8.62
C TRP A 97 6.21 2.89 -9.89
N PRO A 98 6.53 2.09 -10.96
CA PRO A 98 5.81 2.12 -12.26
C PRO A 98 4.29 1.99 -12.10
N GLN A 99 3.56 2.85 -12.83
CA GLN A 99 2.10 2.74 -13.00
C GLN A 99 1.80 1.82 -14.20
N LEU A 100 0.65 1.15 -14.16
CA LEU A 100 0.25 0.17 -15.21
C LEU A 100 -0.05 0.87 -16.57
N PRO A 101 0.17 0.16 -17.73
CA PRO A 101 -0.04 0.74 -19.08
C PRO A 101 -1.49 1.23 -19.33
N VAL A 102 -2.47 0.40 -18.95
CA VAL A 102 -3.90 0.68 -19.17
C VAL A 102 -4.49 1.36 -17.90
N MET A 3 -6.01 8.13 3.50
CA MET A 3 -5.40 7.23 4.51
C MET A 3 -6.05 7.47 5.87
N LEU A 4 -6.38 6.36 6.56
CA LEU A 4 -6.83 6.36 7.97
C LEU A 4 -6.12 5.23 8.73
N LEU A 5 -6.02 5.37 10.07
CA LEU A 5 -5.44 4.35 10.97
C LEU A 5 -6.19 3.00 10.86
N HIS A 6 -5.50 1.96 11.30
CA HIS A 6 -6.00 0.56 11.22
C HIS A 6 -6.24 0.02 12.65
N SER A 7 -5.42 0.52 13.59
CA SER A 7 -5.56 0.27 15.02
C SER A 7 -4.88 1.41 15.79
N VAL A 8 -5.51 1.90 16.87
CA VAL A 8 -4.98 2.99 17.70
C VAL A 8 -5.39 2.81 19.17
N GLU A 9 -4.42 2.96 20.07
CA GLU A 9 -4.63 2.86 21.52
C GLU A 9 -5.13 4.21 22.08
N THR A 10 -6.20 4.13 22.87
CA THR A 10 -6.88 5.28 23.48
C THR A 10 -6.93 5.11 25.02
N PRO A 11 -7.01 6.20 25.84
CA PRO A 11 -7.21 6.10 27.31
C PRO A 11 -8.48 5.29 27.71
N ARG A 12 -9.46 5.25 26.80
CA ARG A 12 -10.76 4.55 27.01
C ARG A 12 -10.72 3.07 26.55
N GLY A 13 -9.69 2.70 25.76
CA GLY A 13 -9.51 1.30 25.30
C GLY A 13 -8.65 1.22 24.05
N GLU A 14 -9.17 0.56 22.99
CA GLU A 14 -8.53 0.54 21.66
C GLU A 14 -9.61 0.68 20.58
N ILE A 15 -9.26 1.34 19.47
CA ILE A 15 -10.20 1.72 18.41
C ILE A 15 -9.56 1.32 17.06
N LEU A 16 -10.31 0.58 16.23
CA LEU A 16 -9.79 0.06 14.94
C LEU A 16 -10.38 0.86 13.76
N ASN A 17 -9.55 1.02 12.70
CA ASN A 17 -9.95 1.53 11.36
C ASN A 17 -10.72 2.86 11.44
N VAL A 18 -10.00 3.91 11.83
CA VAL A 18 -10.56 5.27 12.03
C VAL A 18 -9.56 6.32 11.56
N SER A 19 -10.05 7.55 11.31
CA SER A 19 -9.20 8.70 10.99
C SER A 19 -8.37 9.11 12.22
N GLU A 20 -7.17 9.65 11.98
CA GLU A 20 -6.33 10.27 13.02
C GLU A 20 -7.07 11.46 13.66
N GLN A 21 -7.85 12.17 12.82
CA GLN A 21 -8.62 13.34 13.22
C GLN A 21 -9.72 12.93 14.21
N GLU A 22 -10.44 11.83 13.87
CA GLU A 22 -11.54 11.29 14.71
C GLU A 22 -11.00 10.66 15.99
N ALA A 23 -9.91 9.89 15.84
CA ALA A 23 -9.14 9.32 16.98
C ALA A 23 -8.85 10.36 18.06
N ARG A 24 -8.38 11.54 17.65
CA ARG A 24 -8.07 12.66 18.58
C ARG A 24 -9.36 13.38 19.06
N ASP A 25 -10.36 13.48 18.16
CA ASP A 25 -11.56 14.31 18.38
C ASP A 25 -12.54 13.63 19.36
N VAL A 26 -13.04 12.46 18.96
CA VAL A 26 -14.02 11.67 19.75
C VAL A 26 -13.31 10.90 20.86
N PHE A 27 -12.26 10.15 20.48
CA PHE A 27 -11.67 9.10 21.33
C PHE A 27 -10.52 9.63 22.19
N GLY A 28 -10.02 10.85 21.88
CA GLY A 28 -8.91 11.47 22.63
C GLY A 28 -7.66 10.59 22.69
N ALA A 29 -7.33 10.00 21.52
CA ALA A 29 -6.32 8.95 21.39
C ALA A 29 -4.92 9.46 21.70
N SER A 30 -4.06 8.53 22.14
CA SER A 30 -2.65 8.81 22.41
C SER A 30 -1.94 9.14 21.08
N GLU A 31 -1.28 10.31 21.02
CA GLU A 31 -0.52 10.75 19.83
C GLU A 31 0.65 9.79 19.58
N GLN A 32 1.18 9.21 20.68
CA GLN A 32 2.20 8.15 20.64
C GLN A 32 1.72 6.94 19.82
N ALA A 33 0.46 6.53 20.07
CA ALA A 33 -0.18 5.41 19.37
C ALA A 33 -0.41 5.78 17.90
N ILE A 34 -1.15 6.88 17.66
CA ILE A 34 -1.34 7.51 16.31
C ILE A 34 -0.02 7.66 15.50
N ALA A 35 1.11 7.87 16.18
CA ALA A 35 2.42 8.01 15.52
C ALA A 35 2.90 6.62 15.02
N ASP A 36 2.96 5.66 15.97
CA ASP A 36 3.29 4.24 15.69
C ASP A 36 2.33 3.60 14.68
N ALA A 37 1.06 4.02 14.75
CA ALA A 37 -0.05 3.43 13.98
C ALA A 37 -0.04 3.93 12.54
N ARG A 38 0.15 5.27 12.38
CA ARG A 38 0.28 5.90 11.06
C ARG A 38 1.52 5.35 10.37
N LYS A 39 2.65 5.34 11.10
CA LYS A 39 3.91 4.69 10.68
C LYS A 39 3.67 3.29 10.09
N ALA A 40 2.91 2.45 10.82
CA ALA A 40 2.75 1.04 10.48
C ALA A 40 1.86 0.87 9.24
N THR A 41 0.76 1.66 9.19
CA THR A 41 -0.24 1.62 8.11
C THR A 41 0.35 2.16 6.79
N ILE A 42 1.05 3.32 6.87
CA ILE A 42 1.76 3.94 5.72
C ILE A 42 2.78 2.94 5.16
N LEU A 43 3.74 2.54 6.02
CA LEU A 43 4.88 1.64 5.67
C LEU A 43 4.40 0.31 5.05
N GLN A 44 3.23 -0.16 5.49
CA GLN A 44 2.62 -1.42 5.02
C GLN A 44 2.02 -1.20 3.62
N THR A 45 1.28 -0.08 3.50
CA THR A 45 0.62 0.35 2.24
C THR A 45 1.65 0.64 1.14
N LEU A 46 2.85 1.14 1.51
CA LEU A 46 3.93 1.48 0.54
C LEU A 46 4.43 0.21 -0.18
N ARG A 47 4.40 -0.93 0.54
CA ARG A 47 4.73 -2.25 -0.02
C ARG A 47 3.56 -2.77 -0.87
N ILE A 48 2.33 -2.71 -0.30
CA ILE A 48 1.12 -3.34 -0.89
C ILE A 48 0.58 -2.56 -2.12
N GLU A 49 0.92 -1.26 -2.22
CA GLU A 49 0.39 -0.33 -3.25
C GLU A 49 0.73 -0.83 -4.67
N ARG A 50 1.97 -1.36 -4.85
CA ARG A 50 2.38 -1.99 -6.12
C ARG A 50 1.53 -3.24 -6.39
N ASP A 51 1.26 -4.03 -5.34
CA ASP A 51 0.49 -5.29 -5.46
C ASP A 51 -0.97 -5.00 -5.86
N GLU A 52 -1.47 -3.82 -5.43
CA GLU A 52 -2.83 -3.35 -5.73
C GLU A 52 -2.98 -2.96 -7.21
N ARG A 53 -1.95 -2.33 -7.78
CA ARG A 53 -1.92 -1.99 -9.22
C ARG A 53 -1.48 -3.20 -10.07
N LEU A 54 -0.77 -4.17 -9.46
CA LEU A 54 -0.45 -5.47 -10.12
C LEU A 54 -1.76 -6.26 -10.36
N ARG A 55 -2.62 -6.35 -9.32
CA ARG A 55 -3.90 -7.10 -9.38
C ARG A 55 -4.96 -6.33 -10.19
N ALA A 56 -4.82 -4.98 -10.26
CA ALA A 56 -5.67 -4.12 -11.10
C ALA A 56 -5.31 -4.31 -12.59
N CYS A 57 -3.99 -4.27 -12.89
CA CYS A 57 -3.46 -4.49 -14.25
C CYS A 57 -3.04 -5.97 -14.41
N ASP A 58 -3.79 -6.88 -13.76
CA ASP A 58 -3.58 -8.34 -13.90
C ASP A 58 -4.38 -8.90 -15.08
N TRP A 59 -5.38 -8.11 -15.55
CA TRP A 59 -6.23 -8.49 -16.70
C TRP A 59 -5.38 -8.85 -17.92
N THR A 60 -4.25 -8.13 -18.07
CA THR A 60 -3.28 -8.32 -19.16
C THR A 60 -2.23 -9.41 -18.83
N GLN A 61 -1.92 -9.54 -17.54
CA GLN A 61 -0.85 -10.42 -17.05
C GLN A 61 -1.32 -11.87 -16.88
N VAL A 62 -2.65 -12.09 -16.90
CA VAL A 62 -3.27 -13.41 -16.82
C VAL A 62 -3.32 -14.04 -18.24
N GLN A 63 -3.31 -15.38 -18.34
CA GLN A 63 -3.26 -16.11 -19.63
C GLN A 63 -4.60 -16.01 -20.40
N ASP A 64 -5.69 -15.71 -19.67
CA ASP A 64 -7.08 -15.69 -20.21
C ASP A 64 -7.27 -14.59 -21.27
N VAL A 65 -6.61 -13.43 -21.09
CA VAL A 65 -6.70 -12.30 -22.05
C VAL A 65 -5.99 -12.67 -23.37
N VAL A 66 -6.54 -12.21 -24.48
CA VAL A 66 -6.01 -12.48 -25.82
C VAL A 66 -5.25 -11.22 -26.30
N LEU A 67 -3.99 -11.14 -25.89
CA LEU A 67 -3.06 -10.05 -26.30
C LEU A 67 -1.85 -10.68 -26.99
N THR A 68 -1.10 -9.85 -27.73
CA THR A 68 0.15 -10.27 -28.36
C THR A 68 1.26 -10.31 -27.31
N ALA A 69 2.33 -11.09 -27.56
CA ALA A 69 3.46 -11.21 -26.64
C ALA A 69 4.08 -9.82 -26.38
N ASP A 70 4.20 -9.03 -27.44
CA ASP A 70 4.72 -7.64 -27.39
C ASP A 70 3.89 -6.76 -26.43
N GLN A 71 2.54 -6.80 -26.55
CA GLN A 71 1.62 -6.03 -25.64
C GLN A 71 1.78 -6.52 -24.18
N LYS A 72 1.74 -7.84 -24.01
CA LYS A 72 1.92 -8.55 -22.71
C LYS A 72 3.32 -8.29 -22.12
N ALA A 73 4.29 -7.97 -22.99
CA ALA A 73 5.71 -7.79 -22.59
C ALA A 73 5.88 -6.34 -22.08
N THR A 74 5.33 -5.39 -22.87
CA THR A 74 5.21 -3.95 -22.51
C THR A 74 4.53 -3.80 -21.11
N TRP A 75 3.49 -4.60 -20.88
CA TRP A 75 2.78 -4.67 -19.59
C TRP A 75 3.61 -5.44 -18.53
N ALA A 76 4.41 -6.41 -18.98
CA ALA A 76 5.35 -7.18 -18.11
C ALA A 76 6.53 -6.30 -17.67
N LYS A 77 6.82 -5.23 -18.47
CA LYS A 77 7.87 -4.25 -18.16
C LYS A 77 7.36 -3.26 -17.11
N TYR A 78 6.05 -2.96 -17.17
CA TYR A 78 5.35 -2.18 -16.15
C TYR A 78 5.39 -2.94 -14.80
N ARG A 79 4.94 -4.20 -14.84
CA ARG A 79 4.80 -5.07 -13.65
C ARG A 79 6.17 -5.36 -13.00
N GLN A 80 7.14 -5.79 -13.83
CA GLN A 80 8.51 -6.08 -13.36
C GLN A 80 9.20 -4.85 -12.76
N ALA A 81 9.04 -3.68 -13.40
CA ALA A 81 9.65 -2.42 -12.93
C ALA A 81 9.17 -2.08 -11.50
N LEU A 82 7.84 -2.23 -11.28
CA LEU A 82 7.21 -2.14 -9.95
C LEU A 82 7.91 -3.02 -8.90
N ARG A 83 7.85 -4.35 -9.09
CA ARG A 83 8.34 -5.33 -8.09
C ARG A 83 9.88 -5.28 -7.91
N ASP A 84 10.59 -4.81 -8.95
CA ASP A 84 12.07 -4.75 -8.96
C ASP A 84 12.58 -3.58 -8.09
N LEU A 85 12.00 -2.38 -8.30
CA LEU A 85 12.40 -1.13 -7.59
C LEU A 85 12.08 -1.23 -6.07
N PRO A 86 13.12 -1.40 -5.17
CA PRO A 86 12.94 -1.52 -3.71
C PRO A 86 12.96 -0.11 -3.04
N GLU A 87 11.98 0.73 -3.43
CA GLU A 87 11.78 2.10 -2.89
C GLU A 87 11.35 2.07 -1.39
N THR A 88 10.74 0.95 -0.97
CA THR A 88 10.25 0.76 0.41
C THR A 88 11.28 0.01 1.27
N VAL A 89 12.53 -0.10 0.73
CA VAL A 89 13.70 -0.65 1.45
C VAL A 89 14.81 0.42 1.47
N THR A 90 15.37 0.68 2.67
CA THR A 90 16.51 1.62 2.91
C THR A 90 16.27 3.05 2.35
N ASP A 91 15.00 3.48 2.32
CA ASP A 91 14.60 4.79 1.75
C ASP A 91 13.42 5.40 2.52
N LEU A 92 13.26 6.73 2.42
CA LEU A 92 12.24 7.50 3.16
C LEU A 92 11.68 8.65 2.31
N SER A 93 12.03 8.69 1.00
CA SER A 93 11.65 9.83 0.13
C SER A 93 10.16 9.75 -0.24
N GLN A 94 9.77 8.73 -1.06
CA GLN A 94 8.37 8.48 -1.47
C GLN A 94 8.25 7.23 -2.36
N ILE A 95 7.00 6.78 -2.57
CA ILE A 95 6.68 5.70 -3.50
C ILE A 95 6.53 6.25 -4.93
N VAL A 96 7.56 6.04 -5.76
CA VAL A 96 7.52 6.42 -7.18
C VAL A 96 7.79 5.18 -8.03
N TRP A 97 6.85 4.87 -8.92
CA TRP A 97 6.92 3.74 -9.85
C TRP A 97 6.35 4.18 -11.21
N PRO A 98 6.59 3.42 -12.35
CA PRO A 98 6.09 3.81 -13.68
C PRO A 98 4.55 3.88 -13.74
N GLN A 99 4.04 4.67 -14.67
CA GLN A 99 2.62 4.67 -15.02
C GLN A 99 2.41 3.60 -16.11
N LEU A 100 1.20 3.00 -16.14
CA LEU A 100 0.85 1.96 -17.12
C LEU A 100 1.16 2.41 -18.58
N PRO A 101 1.66 1.48 -19.45
CA PRO A 101 2.11 1.81 -20.83
C PRO A 101 0.95 2.27 -21.74
N VAL A 102 -0.22 1.66 -21.55
CA VAL A 102 -1.41 1.91 -22.37
C VAL A 102 -2.33 2.91 -21.59
N MET A 3 -6.35 6.83 3.90
CA MET A 3 -5.45 6.34 4.98
C MET A 3 -6.11 6.57 6.33
N LEU A 4 -6.51 5.48 6.99
CA LEU A 4 -7.05 5.48 8.36
C LEU A 4 -6.30 4.43 9.19
N LEU A 5 -6.17 4.70 10.50
CA LEU A 5 -5.52 3.79 11.44
C LEU A 5 -6.39 2.55 11.67
N HIS A 6 -5.99 1.42 11.04
CA HIS A 6 -6.57 0.07 11.32
C HIS A 6 -6.63 -0.26 12.84
N SER A 7 -5.72 0.34 13.61
CA SER A 7 -5.67 0.20 15.08
C SER A 7 -5.00 1.45 15.69
N VAL A 8 -5.47 1.87 16.87
CA VAL A 8 -4.89 2.97 17.65
C VAL A 8 -5.19 2.77 19.13
N GLU A 9 -4.21 3.02 19.99
CA GLU A 9 -4.40 2.98 21.44
C GLU A 9 -4.98 4.33 21.91
N THR A 10 -5.94 4.26 22.84
CA THR A 10 -6.60 5.42 23.44
C THR A 10 -6.48 5.32 24.98
N PRO A 11 -6.63 6.45 25.76
CA PRO A 11 -6.71 6.38 27.25
C PRO A 11 -7.97 5.63 27.72
N ARG A 12 -8.99 5.59 26.85
CA ARG A 12 -10.26 4.87 27.09
C ARG A 12 -10.19 3.38 26.65
N GLY A 13 -9.03 2.95 26.13
CA GLY A 13 -8.78 1.53 25.74
C GLY A 13 -8.03 1.41 24.43
N GLU A 14 -8.66 0.77 23.43
CA GLU A 14 -8.16 0.73 22.04
C GLU A 14 -9.36 0.86 21.08
N ILE A 15 -9.12 1.47 19.90
CA ILE A 15 -10.13 1.68 18.86
C ILE A 15 -9.54 1.24 17.51
N LEU A 16 -10.34 0.55 16.67
CA LEU A 16 -9.92 0.06 15.35
C LEU A 16 -10.60 0.86 14.24
N ASN A 17 -9.94 0.93 13.08
CA ASN A 17 -10.46 1.49 11.81
C ASN A 17 -11.07 2.89 11.98
N VAL A 18 -10.21 3.81 12.43
CA VAL A 18 -10.55 5.24 12.58
C VAL A 18 -9.46 6.10 11.94
N SER A 19 -9.86 7.22 11.35
CA SER A 19 -8.93 8.21 10.80
C SER A 19 -8.33 9.02 11.97
N GLU A 20 -7.11 9.55 11.77
CA GLU A 20 -6.39 10.36 12.79
C GLU A 20 -7.22 11.60 13.24
N GLN A 21 -8.13 12.04 12.35
CA GLN A 21 -9.05 13.16 12.62
C GLN A 21 -10.01 12.82 13.79
N GLU A 22 -10.80 11.74 13.59
CA GLU A 22 -11.81 11.28 14.56
C GLU A 22 -11.15 10.71 15.84
N ALA A 23 -10.03 10.00 15.64
CA ALA A 23 -9.21 9.46 16.74
C ALA A 23 -8.95 10.52 17.84
N ARG A 24 -8.44 11.70 17.43
CA ARG A 24 -8.17 12.81 18.37
C ARG A 24 -9.46 13.52 18.80
N ASP A 25 -10.47 13.56 17.92
CA ASP A 25 -11.68 14.39 18.13
C ASP A 25 -12.63 13.75 19.15
N VAL A 26 -13.15 12.56 18.81
CA VAL A 26 -14.16 11.85 19.62
C VAL A 26 -13.49 11.03 20.72
N PHE A 27 -12.48 10.23 20.33
CA PHE A 27 -11.86 9.22 21.21
C PHE A 27 -10.74 9.81 22.08
N GLY A 28 -10.19 10.96 21.65
CA GLY A 28 -9.07 11.60 22.36
C GLY A 28 -7.85 10.68 22.45
N ALA A 29 -7.53 10.06 21.31
CA ALA A 29 -6.46 9.07 21.19
C ALA A 29 -5.09 9.71 21.36
N SER A 30 -4.18 9.01 22.07
CA SER A 30 -2.81 9.48 22.29
C SER A 30 -2.10 9.62 20.93
N GLU A 31 -1.44 10.78 20.71
CA GLU A 31 -0.73 11.06 19.45
C GLU A 31 0.57 10.24 19.39
N GLN A 32 1.06 9.79 20.57
CA GLN A 32 2.11 8.76 20.69
C GLN A 32 1.67 7.47 19.95
N ALA A 33 0.42 7.06 20.23
CA ALA A 33 -0.18 5.86 19.65
C ALA A 33 -0.45 6.08 18.15
N ILE A 34 -1.23 7.13 17.83
CA ILE A 34 -1.42 7.66 16.45
C ILE A 34 -0.13 7.79 15.61
N ALA A 35 1.02 8.03 16.26
CA ALA A 35 2.32 8.15 15.54
C ALA A 35 2.81 6.75 15.15
N ASP A 36 2.84 5.86 16.16
CA ASP A 36 3.13 4.42 16.00
C ASP A 36 2.16 3.73 15.02
N ALA A 37 0.90 4.19 15.03
CA ALA A 37 -0.20 3.61 14.24
C ALA A 37 -0.13 4.11 12.80
N ARG A 38 0.26 5.39 12.64
CA ARG A 38 0.49 6.00 11.31
C ARG A 38 1.65 5.26 10.63
N LYS A 39 2.76 5.14 11.38
CA LYS A 39 3.95 4.38 10.99
C LYS A 39 3.60 2.95 10.53
N ALA A 40 2.70 2.27 11.27
CA ALA A 40 2.42 0.83 11.08
C ALA A 40 1.43 0.63 9.91
N THR A 41 0.43 1.53 9.79
CA THR A 41 -0.58 1.51 8.71
C THR A 41 0.09 1.83 7.37
N ILE A 42 0.91 2.89 7.36
CA ILE A 42 1.71 3.30 6.19
C ILE A 42 2.70 2.19 5.80
N LEU A 43 3.41 1.63 6.81
CA LEU A 43 4.35 0.49 6.63
C LEU A 43 3.66 -0.69 5.91
N GLN A 44 2.37 -0.90 6.24
CA GLN A 44 1.56 -1.97 5.65
C GLN A 44 1.16 -1.59 4.21
N THR A 45 0.82 -0.29 4.04
CA THR A 45 0.35 0.29 2.77
C THR A 45 1.46 0.27 1.70
N LEU A 46 2.74 0.42 2.13
CA LEU A 46 3.91 0.40 1.22
C LEU A 46 3.99 -0.95 0.48
N ARG A 47 3.58 -2.02 1.19
CA ARG A 47 3.54 -3.39 0.67
C ARG A 47 2.22 -3.65 -0.08
N ILE A 48 1.11 -3.09 0.41
CA ILE A 48 -0.22 -3.32 -0.19
C ILE A 48 -0.29 -2.72 -1.61
N GLU A 49 0.04 -1.40 -1.73
CA GLU A 49 -0.06 -0.64 -3.00
C GLU A 49 0.61 -1.36 -4.17
N ARG A 50 1.86 -1.82 -3.93
CA ARG A 50 2.64 -2.54 -4.96
C ARG A 50 1.95 -3.86 -5.36
N ASP A 51 1.56 -4.67 -4.35
CA ASP A 51 0.98 -6.02 -4.57
C ASP A 51 -0.37 -5.92 -5.29
N GLU A 52 -1.15 -4.85 -4.98
CA GLU A 52 -2.47 -4.58 -5.60
C GLU A 52 -2.33 -4.38 -7.11
N ARG A 53 -1.48 -3.44 -7.51
CA ARG A 53 -1.32 -3.04 -8.93
C ARG A 53 -0.59 -4.11 -9.76
N LEU A 54 0.23 -4.97 -9.11
CA LEU A 54 0.89 -6.13 -9.77
C LEU A 54 -0.17 -7.21 -10.13
N ARG A 55 -1.06 -7.53 -9.16
CA ARG A 55 -2.12 -8.56 -9.34
C ARG A 55 -3.31 -8.00 -10.15
N ALA A 56 -3.46 -6.66 -10.15
CA ALA A 56 -4.51 -5.96 -10.92
C ALA A 56 -4.20 -5.98 -12.42
N CYS A 57 -2.91 -6.14 -12.74
CA CYS A 57 -2.39 -6.17 -14.11
C CYS A 57 -1.93 -7.59 -14.50
N ASP A 58 -2.33 -8.59 -13.69
CA ASP A 58 -2.02 -10.02 -13.92
C ASP A 58 -2.89 -10.61 -15.06
N TRP A 59 -4.03 -9.92 -15.34
CA TRP A 59 -4.99 -10.33 -16.38
C TRP A 59 -4.35 -10.34 -17.78
N THR A 60 -3.26 -9.58 -17.97
CA THR A 60 -2.52 -9.50 -19.24
C THR A 60 -1.51 -10.65 -19.38
N GLN A 61 -1.04 -11.13 -18.23
CA GLN A 61 0.06 -12.09 -18.12
C GLN A 61 -0.45 -13.53 -18.27
N VAL A 62 -1.73 -13.76 -17.93
CA VAL A 62 -2.39 -15.07 -18.12
C VAL A 62 -2.55 -15.37 -19.64
N GLN A 63 -2.47 -16.67 -20.01
CA GLN A 63 -2.53 -17.11 -21.43
C GLN A 63 -3.95 -17.03 -22.02
N ASP A 64 -4.96 -16.78 -21.16
CA ASP A 64 -6.37 -16.65 -21.58
C ASP A 64 -6.56 -15.40 -22.47
N VAL A 65 -6.09 -14.24 -21.97
CA VAL A 65 -6.31 -12.93 -22.62
C VAL A 65 -5.67 -12.88 -24.02
N VAL A 66 -6.38 -12.26 -24.98
CA VAL A 66 -5.94 -12.16 -26.36
C VAL A 66 -5.26 -10.80 -26.58
N LEU A 67 -3.95 -10.75 -26.33
CA LEU A 67 -3.09 -9.59 -26.58
C LEU A 67 -1.90 -10.06 -27.42
N THR A 68 -1.27 -9.14 -28.16
CA THR A 68 -0.06 -9.47 -28.94
C THR A 68 1.15 -9.65 -28.00
N ALA A 69 2.22 -10.28 -28.52
CA ALA A 69 3.49 -10.46 -27.80
C ALA A 69 4.00 -9.11 -27.26
N ASP A 70 3.92 -8.09 -28.14
CA ASP A 70 4.23 -6.68 -27.81
C ASP A 70 3.48 -6.21 -26.55
N GLN A 71 2.14 -6.34 -26.56
CA GLN A 71 1.27 -5.78 -25.47
C GLN A 71 1.57 -6.47 -24.13
N LYS A 72 1.61 -7.81 -24.18
CA LYS A 72 1.95 -8.67 -23.03
C LYS A 72 3.37 -8.41 -22.47
N ALA A 73 4.27 -7.92 -23.33
CA ALA A 73 5.69 -7.68 -22.98
C ALA A 73 5.82 -6.30 -22.31
N THR A 74 5.19 -5.30 -22.97
CA THR A 74 5.01 -3.92 -22.45
C THR A 74 4.43 -3.95 -21.01
N TRP A 75 3.42 -4.81 -20.82
CA TRP A 75 2.79 -5.07 -19.51
C TRP A 75 3.73 -5.84 -18.56
N ALA A 76 4.53 -6.77 -19.12
CA ALA A 76 5.49 -7.59 -18.36
C ALA A 76 6.67 -6.73 -17.87
N LYS A 77 6.97 -5.64 -18.60
CA LYS A 77 8.06 -4.71 -18.26
C LYS A 77 7.57 -3.69 -17.23
N TYR A 78 6.26 -3.40 -17.26
CA TYR A 78 5.57 -2.62 -16.21
C TYR A 78 5.69 -3.34 -14.85
N ARG A 79 5.23 -4.61 -14.83
CA ARG A 79 5.16 -5.43 -13.61
C ARG A 79 6.59 -5.69 -13.07
N GLN A 80 7.49 -6.13 -13.96
CA GLN A 80 8.90 -6.42 -13.62
C GLN A 80 9.68 -5.15 -13.16
N ALA A 81 9.37 -3.97 -13.74
CA ALA A 81 10.04 -2.70 -13.35
C ALA A 81 9.76 -2.36 -11.89
N LEU A 82 8.51 -2.59 -11.49
CA LEU A 82 8.03 -2.37 -10.12
C LEU A 82 8.70 -3.37 -9.16
N ARG A 83 8.79 -4.64 -9.59
CA ARG A 83 9.42 -5.74 -8.81
C ARG A 83 10.96 -5.58 -8.75
N ASP A 84 11.50 -4.85 -9.74
CA ASP A 84 12.95 -4.52 -9.83
C ASP A 84 13.36 -3.52 -8.72
N LEU A 85 12.37 -2.73 -8.23
CA LEU A 85 12.57 -1.77 -7.12
C LEU A 85 12.92 -2.53 -5.82
N PRO A 86 13.99 -2.06 -5.06
CA PRO A 86 14.43 -2.73 -3.80
C PRO A 86 13.35 -2.67 -2.69
N GLU A 87 13.46 -3.60 -1.72
CA GLU A 87 12.43 -3.81 -0.68
C GLU A 87 12.89 -3.23 0.68
N THR A 88 11.96 -3.23 1.65
CA THR A 88 12.20 -2.90 3.09
C THR A 88 12.86 -1.50 3.32
N VAL A 89 12.94 -0.66 2.27
CA VAL A 89 13.67 0.62 2.30
C VAL A 89 12.71 1.76 2.70
N THR A 90 13.10 2.51 3.74
CA THR A 90 12.29 3.58 4.31
C THR A 90 12.58 4.92 3.59
N ASP A 91 11.88 5.13 2.46
CA ASP A 91 12.03 6.33 1.62
C ASP A 91 11.49 7.58 2.35
N LEU A 92 10.30 7.43 3.00
CA LEU A 92 9.61 8.46 3.83
C LEU A 92 9.41 9.77 3.00
N SER A 93 9.13 9.60 1.70
CA SER A 93 8.97 10.71 0.75
C SER A 93 7.80 10.42 -0.18
N GLN A 94 7.93 9.33 -0.98
CA GLN A 94 6.89 8.87 -1.90
C GLN A 94 7.30 7.51 -2.50
N ILE A 95 6.56 6.45 -2.12
CA ILE A 95 6.59 5.15 -2.80
C ILE A 95 6.04 5.31 -4.24
N VAL A 96 6.92 5.66 -5.18
CA VAL A 96 6.55 5.96 -6.57
C VAL A 96 7.07 4.81 -7.46
N TRP A 97 6.18 4.31 -8.31
CA TRP A 97 6.44 3.15 -9.18
C TRP A 97 5.86 3.42 -10.59
N PRO A 98 6.26 2.63 -11.65
CA PRO A 98 5.68 2.78 -13.01
C PRO A 98 4.14 2.64 -13.00
N GLN A 99 3.48 3.47 -13.80
CA GLN A 99 2.02 3.42 -14.01
C GLN A 99 1.74 2.54 -15.24
N LEU A 100 0.57 1.87 -15.26
CA LEU A 100 0.19 0.94 -16.34
C LEU A 100 0.25 1.60 -17.76
N PRO A 101 0.71 0.86 -18.81
CA PRO A 101 0.86 1.41 -20.18
C PRO A 101 -0.49 1.81 -20.83
N VAL A 102 -1.54 1.04 -20.55
CA VAL A 102 -2.89 1.26 -21.12
C VAL A 102 -3.71 2.17 -20.17
N MET A 3 -4.08 9.18 3.49
CA MET A 3 -3.69 8.08 4.41
C MET A 3 -4.48 8.21 5.71
N LEU A 4 -5.17 7.11 6.06
CA LEU A 4 -5.87 6.92 7.34
C LEU A 4 -5.26 5.70 8.02
N LEU A 5 -5.34 5.66 9.35
CA LEU A 5 -4.84 4.55 10.16
C LEU A 5 -5.72 3.31 9.93
N HIS A 6 -5.10 2.20 9.54
CA HIS A 6 -5.82 0.93 9.26
C HIS A 6 -6.10 0.22 10.60
N SER A 7 -5.34 0.64 11.63
CA SER A 7 -5.54 0.29 13.03
C SER A 7 -4.90 1.40 13.88
N VAL A 8 -5.59 1.80 14.96
CA VAL A 8 -5.11 2.83 15.90
C VAL A 8 -5.35 2.36 17.35
N GLU A 9 -4.26 2.20 18.10
CA GLU A 9 -4.35 1.88 19.53
C GLU A 9 -4.68 3.20 20.26
N THR A 10 -5.96 3.37 20.64
CA THR A 10 -6.46 4.57 21.34
C THR A 10 -6.51 4.26 22.87
N PRO A 11 -6.51 5.30 23.79
CA PRO A 11 -6.54 5.10 25.28
C PRO A 11 -7.73 4.25 25.80
N ARG A 12 -8.72 4.00 24.92
CA ARG A 12 -9.87 3.13 25.25
C ARG A 12 -9.65 1.71 24.68
N GLY A 13 -8.99 1.63 23.51
CA GLY A 13 -8.57 0.35 22.94
C GLY A 13 -8.22 0.49 21.45
N GLU A 14 -7.73 -0.60 20.85
CA GLU A 14 -7.35 -0.62 19.42
C GLU A 14 -8.64 -0.57 18.55
N ILE A 15 -8.70 0.35 17.56
CA ILE A 15 -9.89 0.60 16.72
C ILE A 15 -9.41 0.56 15.25
N LEU A 16 -10.06 -0.23 14.39
CA LEU A 16 -9.64 -0.41 12.98
C LEU A 16 -10.24 0.68 12.07
N ASN A 17 -9.52 0.97 10.96
CA ASN A 17 -9.91 1.90 9.86
C ASN A 17 -10.50 3.24 10.37
N VAL A 18 -9.62 4.11 10.89
CA VAL A 18 -10.00 5.42 11.47
C VAL A 18 -9.11 6.54 10.90
N SER A 19 -9.70 7.72 10.69
CA SER A 19 -8.96 8.93 10.29
C SER A 19 -8.26 9.53 11.51
N GLU A 20 -7.13 10.23 11.27
CA GLU A 20 -6.31 10.85 12.33
C GLU A 20 -7.11 11.88 13.18
N GLN A 21 -8.00 12.64 12.52
CA GLN A 21 -8.87 13.61 13.22
C GLN A 21 -9.93 12.88 14.06
N GLU A 22 -10.62 11.90 13.45
CA GLU A 22 -11.70 11.12 14.11
C GLU A 22 -11.16 10.38 15.36
N ALA A 23 -10.05 9.67 15.18
CA ALA A 23 -9.28 9.03 16.27
C ALA A 23 -9.02 9.98 17.44
N ARG A 24 -8.43 11.16 17.17
CA ARG A 24 -8.11 12.15 18.23
C ARG A 24 -9.38 12.77 18.85
N ASP A 25 -10.41 12.99 18.02
CA ASP A 25 -11.63 13.73 18.41
C ASP A 25 -12.58 12.84 19.22
N VAL A 26 -13.09 11.78 18.57
CA VAL A 26 -14.07 10.85 19.14
C VAL A 26 -13.38 9.85 20.09
N PHE A 27 -12.47 9.04 19.52
CA PHE A 27 -11.84 7.90 20.21
C PHE A 27 -10.74 8.34 21.20
N GLY A 28 -10.38 9.63 21.14
CA GLY A 28 -9.46 10.24 22.11
C GLY A 28 -8.02 9.79 21.98
N ALA A 29 -7.67 9.22 20.80
CA ALA A 29 -6.29 8.80 20.48
C ALA A 29 -5.34 9.99 20.61
N SER A 30 -4.33 9.84 21.48
CA SER A 30 -3.30 10.86 21.69
C SER A 30 -2.52 11.10 20.38
N GLU A 31 -1.77 12.20 20.31
CA GLU A 31 -1.00 12.56 19.11
C GLU A 31 0.23 11.65 19.01
N GLN A 32 0.65 11.11 20.17
CA GLN A 32 1.67 10.06 20.27
C GLN A 32 1.12 8.70 19.79
N ALA A 33 -0.18 8.42 20.09
CA ALA A 33 -0.86 7.20 19.65
C ALA A 33 -1.01 7.21 18.13
N ILE A 34 -1.55 8.32 17.57
CA ILE A 34 -1.55 8.57 16.12
C ILE A 34 -0.16 8.38 15.49
N ALA A 35 0.87 9.09 16.01
CA ALA A 35 2.28 8.95 15.54
C ALA A 35 2.70 7.46 15.39
N ASP A 36 2.52 6.67 16.46
CA ASP A 36 2.77 5.20 16.44
C ASP A 36 1.96 4.46 15.36
N ALA A 37 0.63 4.61 15.42
CA ALA A 37 -0.33 3.90 14.54
C ALA A 37 -0.27 4.36 13.07
N ARG A 38 0.22 5.59 12.86
CA ARG A 38 0.43 6.17 11.52
C ARG A 38 1.66 5.52 10.91
N LYS A 39 2.73 5.46 11.71
CA LYS A 39 3.95 4.69 11.40
C LYS A 39 3.61 3.23 11.17
N ALA A 40 2.67 2.69 11.96
CA ALA A 40 2.34 1.26 11.96
C ALA A 40 1.65 0.89 10.65
N THR A 41 0.69 1.76 10.23
CA THR A 41 -0.05 1.58 8.98
C THR A 41 0.87 1.81 7.78
N ILE A 42 1.68 2.88 7.80
CA ILE A 42 2.64 3.22 6.71
C ILE A 42 3.68 2.09 6.50
N LEU A 43 4.42 1.78 7.57
CA LEU A 43 5.49 0.75 7.59
C LEU A 43 4.98 -0.61 7.09
N GLN A 44 3.74 -0.96 7.44
CA GLN A 44 3.12 -2.23 7.04
C GLN A 44 2.64 -2.16 5.57
N THR A 45 1.86 -1.10 5.27
CA THR A 45 1.22 -0.87 3.95
C THR A 45 2.26 -0.83 2.82
N LEU A 46 3.34 -0.07 3.01
CA LEU A 46 4.39 0.14 2.00
C LEU A 46 5.20 -1.16 1.75
N ARG A 47 5.39 -1.98 2.82
CA ARG A 47 6.00 -3.32 2.71
C ARG A 47 5.13 -4.28 1.88
N ILE A 48 3.81 -4.05 1.93
CA ILE A 48 2.80 -4.89 1.28
C ILE A 48 2.36 -4.28 -0.09
N GLU A 49 2.55 -2.94 -0.26
CA GLU A 49 2.06 -2.16 -1.43
C GLU A 49 2.64 -2.69 -2.75
N ARG A 50 3.90 -3.11 -2.68
CA ARG A 50 4.61 -3.74 -3.79
C ARG A 50 3.85 -5.00 -4.30
N ASP A 51 3.35 -5.83 -3.35
CA ASP A 51 2.59 -7.07 -3.66
C ASP A 51 1.17 -6.74 -4.15
N GLU A 52 0.59 -5.63 -3.63
CA GLU A 52 -0.75 -5.14 -4.01
C GLU A 52 -0.83 -4.87 -5.53
N ARG A 53 0.15 -4.10 -6.02
CA ARG A 53 0.22 -3.70 -7.45
C ARG A 53 0.79 -4.81 -8.35
N LEU A 54 1.58 -5.74 -7.77
CA LEU A 54 2.07 -6.95 -8.50
C LEU A 54 0.90 -7.91 -8.81
N ARG A 55 -0.07 -8.04 -7.88
CA ARG A 55 -1.29 -8.84 -8.14
C ARG A 55 -2.29 -8.02 -9.00
N ALA A 56 -2.19 -6.68 -8.92
CA ALA A 56 -2.89 -5.76 -9.85
C ALA A 56 -2.19 -5.72 -11.23
N CYS A 57 -1.13 -6.52 -11.38
CA CYS A 57 -0.43 -6.75 -12.64
C CYS A 57 -0.38 -8.27 -12.93
N ASP A 58 -1.24 -9.05 -12.25
CA ASP A 58 -1.27 -10.54 -12.37
C ASP A 58 -2.39 -10.99 -13.31
N TRP A 59 -3.53 -10.28 -13.24
CA TRP A 59 -4.66 -10.49 -14.16
C TRP A 59 -4.22 -10.24 -15.63
N THR A 60 -3.18 -9.40 -15.80
CA THR A 60 -2.62 -9.08 -17.12
C THR A 60 -1.67 -10.18 -17.62
N GLN A 61 -1.10 -10.97 -16.69
CA GLN A 61 -0.13 -12.05 -17.02
C GLN A 61 -0.86 -13.30 -17.51
N VAL A 62 -2.00 -13.62 -16.86
CA VAL A 62 -2.81 -14.79 -17.21
C VAL A 62 -3.44 -14.64 -18.61
N GLN A 63 -3.72 -15.78 -19.25
CA GLN A 63 -4.33 -15.82 -20.60
C GLN A 63 -5.87 -15.71 -20.54
N ASP A 64 -6.42 -15.73 -19.30
CA ASP A 64 -7.86 -15.56 -19.02
C ASP A 64 -8.38 -14.20 -19.53
N VAL A 65 -7.57 -13.15 -19.29
CA VAL A 65 -7.91 -11.77 -19.69
C VAL A 65 -7.84 -11.63 -21.24
N VAL A 66 -8.57 -10.65 -21.78
CA VAL A 66 -8.51 -10.28 -23.20
C VAL A 66 -7.66 -9.00 -23.33
N LEU A 67 -6.34 -9.20 -23.48
CA LEU A 67 -5.34 -8.14 -23.72
C LEU A 67 -4.36 -8.64 -24.80
N THR A 68 -3.67 -7.71 -25.46
CA THR A 68 -2.66 -8.04 -26.49
C THR A 68 -1.29 -8.25 -25.81
N ALA A 69 -0.39 -8.97 -26.51
CA ALA A 69 0.96 -9.27 -25.97
C ALA A 69 1.70 -7.98 -25.54
N ASP A 70 1.58 -6.93 -26.38
CA ASP A 70 2.08 -5.57 -26.10
C ASP A 70 1.62 -5.06 -24.71
N GLN A 71 0.29 -5.08 -24.49
CA GLN A 71 -0.36 -4.61 -23.24
C GLN A 71 0.17 -5.40 -22.02
N LYS A 72 0.13 -6.73 -22.16
CA LYS A 72 0.50 -7.70 -21.08
C LYS A 72 2.00 -7.65 -20.76
N ALA A 73 2.81 -7.24 -21.75
CA ALA A 73 4.29 -7.21 -21.64
C ALA A 73 4.74 -5.92 -20.93
N THR A 74 4.11 -4.80 -21.33
CA THR A 74 4.23 -3.49 -20.66
C THR A 74 3.96 -3.64 -19.14
N TRP A 75 2.91 -4.40 -18.80
CA TRP A 75 2.60 -4.78 -17.41
C TRP A 75 3.67 -5.74 -16.83
N ALA A 76 4.12 -6.71 -17.64
CA ALA A 76 5.11 -7.74 -17.22
C ALA A 76 6.46 -7.11 -16.84
N LYS A 77 6.83 -6.02 -17.51
CA LYS A 77 8.10 -5.32 -17.27
C LYS A 77 7.94 -4.30 -16.15
N TYR A 78 6.68 -3.90 -15.88
CA TYR A 78 6.33 -3.01 -14.76
C TYR A 78 6.52 -3.75 -13.42
N ARG A 79 5.94 -4.95 -13.30
CA ARG A 79 5.98 -5.75 -12.06
C ARG A 79 7.40 -6.28 -11.78
N GLN A 80 8.09 -6.72 -12.85
CA GLN A 80 9.47 -7.22 -12.76
C GLN A 80 10.44 -6.10 -12.34
N ALA A 81 10.34 -4.92 -12.99
CA ALA A 81 11.20 -3.76 -12.70
C ALA A 81 11.02 -3.27 -11.26
N LEU A 82 9.83 -3.52 -10.69
CA LEU A 82 9.51 -3.18 -9.31
C LEU A 82 10.29 -4.12 -8.38
N ARG A 83 10.33 -5.42 -8.71
CA ARG A 83 11.12 -6.42 -7.96
C ARG A 83 12.63 -6.08 -7.99
N ASP A 84 13.06 -5.55 -9.15
CA ASP A 84 14.48 -5.19 -9.42
C ASP A 84 14.81 -3.75 -8.95
N LEU A 85 13.93 -3.12 -8.10
CA LEU A 85 14.18 -1.75 -7.59
C LEU A 85 15.49 -1.72 -6.76
N PRO A 86 16.31 -0.63 -6.85
CA PRO A 86 17.55 -0.47 -6.05
C PRO A 86 17.27 -0.36 -4.53
N GLU A 87 18.29 -0.63 -3.72
CA GLU A 87 18.23 -0.43 -2.25
C GLU A 87 18.95 0.88 -1.85
N THR A 88 19.34 1.67 -2.87
CA THR A 88 20.10 2.91 -2.70
C THR A 88 19.21 4.01 -2.07
N VAL A 89 19.22 4.09 -0.71
CA VAL A 89 18.44 5.06 0.07
C VAL A 89 16.92 4.86 -0.19
N THR A 90 16.41 3.71 0.30
CA THR A 90 14.99 3.34 0.26
C THR A 90 14.66 2.47 1.48
N ASP A 91 14.11 3.10 2.52
CA ASP A 91 13.72 2.41 3.79
C ASP A 91 12.20 2.15 3.80
N LEU A 92 11.67 1.78 4.99
CA LEU A 92 10.26 1.40 5.18
C LEU A 92 9.28 2.55 4.83
N SER A 93 9.74 3.79 5.04
CA SER A 93 8.99 5.00 4.69
C SER A 93 9.62 5.67 3.45
N GLN A 94 8.78 6.40 2.68
CA GLN A 94 9.15 7.04 1.40
C GLN A 94 9.62 5.97 0.38
N ILE A 95 8.62 5.32 -0.25
CA ILE A 95 8.84 4.21 -1.19
C ILE A 95 9.11 4.72 -2.63
N VAL A 96 9.77 3.88 -3.43
CA VAL A 96 10.08 4.20 -4.83
C VAL A 96 9.91 2.94 -5.72
N TRP A 97 8.90 2.97 -6.59
CA TRP A 97 8.66 1.93 -7.61
C TRP A 97 8.09 2.60 -8.88
N PRO A 98 8.09 1.93 -10.08
CA PRO A 98 7.41 2.46 -11.28
C PRO A 98 5.88 2.57 -11.07
N GLN A 99 5.26 3.59 -11.69
CA GLN A 99 3.80 3.75 -11.75
C GLN A 99 3.27 2.92 -12.93
N LEU A 100 2.12 2.21 -12.75
CA LEU A 100 1.52 1.36 -13.80
C LEU A 100 1.14 2.14 -15.08
N PRO A 101 1.15 1.47 -16.28
CA PRO A 101 0.78 2.11 -17.57
C PRO A 101 -0.71 2.54 -17.63
N VAL A 102 -1.59 1.72 -17.03
CA VAL A 102 -3.05 1.90 -17.08
C VAL A 102 -3.56 2.29 -15.67
N MET A 3 -5.88 7.09 3.79
CA MET A 3 -5.08 6.39 4.83
C MET A 3 -5.75 6.57 6.20
N LEU A 4 -6.12 5.44 6.84
CA LEU A 4 -6.66 5.41 8.22
C LEU A 4 -5.88 4.41 9.09
N LEU A 5 -5.80 4.70 10.41
CA LEU A 5 -5.16 3.82 11.39
C LEU A 5 -6.03 2.56 11.64
N HIS A 6 -5.66 1.43 11.02
CA HIS A 6 -6.27 0.10 11.28
C HIS A 6 -6.29 -0.29 12.79
N SER A 7 -5.43 0.34 13.61
CA SER A 7 -5.45 0.18 15.07
C SER A 7 -4.72 1.37 15.71
N VAL A 8 -5.32 1.97 16.77
CA VAL A 8 -4.70 3.07 17.53
C VAL A 8 -5.09 3.00 19.02
N GLU A 9 -4.10 3.20 19.90
CA GLU A 9 -4.29 3.19 21.35
C GLU A 9 -4.92 4.52 21.80
N THR A 10 -6.04 4.41 22.51
CA THR A 10 -6.83 5.55 23.02
C THR A 10 -6.96 5.44 24.56
N PRO A 11 -7.26 6.58 25.30
CA PRO A 11 -7.56 6.53 26.76
C PRO A 11 -8.71 5.55 27.09
N ARG A 12 -9.66 5.43 26.14
CA ARG A 12 -10.88 4.58 26.26
C ARG A 12 -10.64 3.12 25.83
N GLY A 13 -9.44 2.81 25.31
CA GLY A 13 -9.05 1.43 24.95
C GLY A 13 -8.23 1.39 23.67
N GLU A 14 -8.73 0.72 22.63
CA GLU A 14 -8.12 0.73 21.28
C GLU A 14 -9.25 0.82 20.24
N ILE A 15 -8.96 1.44 19.08
CA ILE A 15 -9.96 1.64 18.02
C ILE A 15 -9.41 1.02 16.72
N LEU A 16 -10.16 0.08 16.16
CA LEU A 16 -9.80 -0.61 14.92
C LEU A 16 -10.42 0.13 13.71
N ASN A 17 -9.53 0.59 12.80
CA ASN A 17 -9.88 1.22 11.51
C ASN A 17 -10.60 2.55 11.72
N VAL A 18 -9.82 3.62 11.81
CA VAL A 18 -10.31 4.97 12.06
C VAL A 18 -9.35 6.01 11.45
N SER A 19 -9.90 7.10 10.90
CA SER A 19 -9.10 8.24 10.41
C SER A 19 -8.41 8.94 11.60
N GLU A 20 -7.23 9.51 11.36
CA GLU A 20 -6.52 10.32 12.37
C GLU A 20 -7.39 11.49 12.89
N GLN A 21 -8.32 11.96 12.02
CA GLN A 21 -9.31 13.01 12.33
C GLN A 21 -10.22 12.59 13.50
N GLU A 22 -10.95 11.48 13.29
CA GLU A 22 -11.94 10.97 14.26
C GLU A 22 -11.25 10.42 15.52
N ALA A 23 -10.08 9.76 15.31
CA ALA A 23 -9.18 9.32 16.39
C ALA A 23 -8.91 10.47 17.40
N ARG A 24 -8.53 11.65 16.88
CA ARG A 24 -8.26 12.83 17.72
C ARG A 24 -9.57 13.46 18.27
N ASP A 25 -10.61 13.54 17.43
CA ASP A 25 -11.83 14.33 17.73
C ASP A 25 -12.75 13.58 18.72
N VAL A 26 -13.26 12.43 18.27
CA VAL A 26 -14.25 11.63 19.00
C VAL A 26 -13.60 10.82 20.11
N PHE A 27 -12.50 10.13 19.77
CA PHE A 27 -11.85 9.16 20.68
C PHE A 27 -10.80 9.82 21.57
N GLY A 28 -10.27 10.99 21.14
CA GLY A 28 -9.24 11.71 21.91
C GLY A 28 -7.98 10.87 22.11
N ALA A 29 -7.53 10.25 21.01
CA ALA A 29 -6.47 9.22 21.02
C ALA A 29 -5.12 9.79 21.42
N SER A 30 -4.28 8.91 21.98
CA SER A 30 -2.88 9.21 22.29
C SER A 30 -2.13 9.54 20.98
N GLU A 31 -1.54 10.75 20.90
CA GLU A 31 -0.95 11.27 19.65
C GLU A 31 0.31 10.46 19.26
N GLN A 32 1.01 9.96 20.29
CA GLN A 32 2.19 9.09 20.11
C GLN A 32 1.79 7.71 19.57
N ALA A 33 0.56 7.26 19.92
CA ALA A 33 -0.02 6.04 19.36
C ALA A 33 -0.42 6.26 17.90
N ILE A 34 -1.17 7.35 17.63
CA ILE A 34 -1.41 7.88 16.25
C ILE A 34 -0.10 8.00 15.41
N ALA A 35 1.03 8.28 16.08
CA ALA A 35 2.33 8.45 15.40
C ALA A 35 2.88 7.07 14.98
N ASP A 36 3.03 6.18 15.98
CA ASP A 36 3.43 4.77 15.80
C ASP A 36 2.54 4.03 14.78
N ALA A 37 1.22 4.16 14.96
CA ALA A 37 0.20 3.45 14.16
C ALA A 37 0.19 3.95 12.72
N ARG A 38 0.46 5.26 12.55
CA ARG A 38 0.62 5.87 11.22
C ARG A 38 1.79 5.24 10.50
N LYS A 39 2.96 5.29 11.17
CA LYS A 39 4.20 4.70 10.71
C LYS A 39 4.04 3.21 10.36
N ALA A 40 3.30 2.48 11.22
CA ALA A 40 3.21 1.02 11.14
C ALA A 40 2.24 0.59 10.02
N THR A 41 1.14 1.36 9.84
CA THR A 41 0.11 1.08 8.82
C THR A 41 0.66 1.43 7.43
N ILE A 42 1.34 2.60 7.31
CA ILE A 42 2.07 2.99 6.08
C ILE A 42 3.09 1.87 5.73
N LEU A 43 4.00 1.60 6.67
CA LEU A 43 5.10 0.61 6.53
C LEU A 43 4.60 -0.78 6.08
N GLN A 44 3.46 -1.21 6.62
CA GLN A 44 2.87 -2.52 6.32
C GLN A 44 2.22 -2.49 4.91
N THR A 45 1.50 -1.39 4.64
CA THR A 45 0.81 -1.15 3.37
C THR A 45 1.81 -1.10 2.19
N LEU A 46 2.98 -0.49 2.37
CA LEU A 46 3.98 -0.31 1.28
C LEU A 46 4.53 -1.68 0.78
N ARG A 47 4.51 -2.66 1.68
CA ARG A 47 4.91 -4.04 1.37
C ARG A 47 3.77 -4.74 0.60
N ILE A 48 2.57 -4.70 1.20
CA ILE A 48 1.36 -5.38 0.68
C ILE A 48 0.91 -4.81 -0.69
N GLU A 49 0.97 -3.49 -0.82
CA GLU A 49 0.41 -2.70 -1.95
C GLU A 49 1.07 -3.16 -3.27
N ARG A 50 2.40 -3.29 -3.20
CA ARG A 50 3.24 -3.80 -4.29
C ARG A 50 2.84 -5.26 -4.64
N ASP A 51 2.66 -6.11 -3.61
CA ASP A 51 2.27 -7.53 -3.79
C ASP A 51 0.88 -7.66 -4.45
N GLU A 52 -0.04 -6.74 -4.09
CA GLU A 52 -1.45 -6.78 -4.57
C GLU A 52 -1.51 -6.47 -6.06
N ARG A 53 -0.79 -5.42 -6.49
CA ARG A 53 -0.75 -5.02 -7.91
C ARG A 53 0.04 -6.03 -8.77
N LEU A 54 1.00 -6.76 -8.14
CA LEU A 54 1.70 -7.89 -8.80
C LEU A 54 0.69 -9.01 -9.13
N ARG A 55 0.01 -9.51 -8.09
CA ARG A 55 -0.93 -10.64 -8.18
C ARG A 55 -2.22 -10.24 -8.92
N ALA A 56 -2.49 -8.91 -8.99
CA ALA A 56 -3.61 -8.37 -9.79
C ALA A 56 -3.32 -8.43 -11.29
N CYS A 57 -2.02 -8.53 -11.65
CA CYS A 57 -1.58 -8.66 -13.05
C CYS A 57 -1.18 -10.12 -13.39
N ASP A 58 -1.50 -11.07 -12.49
CA ASP A 58 -1.26 -12.52 -12.71
C ASP A 58 -1.99 -13.04 -13.98
N TRP A 59 -3.14 -12.40 -14.29
CA TRP A 59 -3.96 -12.74 -15.48
C TRP A 59 -3.21 -12.48 -16.80
N THR A 60 -2.29 -11.49 -16.81
CA THR A 60 -1.45 -11.21 -18.01
C THR A 60 -0.19 -12.09 -18.02
N GLN A 61 0.23 -12.57 -16.82
CA GLN A 61 1.45 -13.39 -16.65
C GLN A 61 1.24 -14.83 -17.14
N VAL A 62 0.00 -15.35 -16.97
CA VAL A 62 -0.39 -16.66 -17.51
C VAL A 62 -0.40 -16.64 -19.06
N GLN A 63 -0.51 -15.40 -19.62
CA GLN A 63 -0.41 -15.07 -21.08
C GLN A 63 -1.34 -15.93 -21.98
N ASP A 64 -2.37 -16.53 -21.37
CA ASP A 64 -3.40 -17.30 -22.08
C ASP A 64 -4.50 -16.36 -22.61
N VAL A 65 -4.69 -15.24 -21.88
CA VAL A 65 -5.55 -14.11 -22.28
C VAL A 65 -5.08 -13.53 -23.63
N VAL A 66 -6.03 -13.10 -24.48
CA VAL A 66 -5.72 -12.65 -25.85
C VAL A 66 -5.33 -11.16 -25.83
N LEU A 67 -4.03 -10.92 -25.65
CA LEU A 67 -3.44 -9.58 -25.70
C LEU A 67 -2.26 -9.61 -26.68
N THR A 68 -1.98 -8.47 -27.33
CA THR A 68 -0.87 -8.38 -28.30
C THR A 68 0.46 -8.52 -27.54
N ALA A 69 1.51 -9.03 -28.21
CA ALA A 69 2.84 -9.19 -27.60
C ALA A 69 3.32 -7.86 -26.96
N ASP A 70 3.06 -6.76 -27.69
CA ASP A 70 3.27 -5.37 -27.21
C ASP A 70 2.52 -5.08 -25.88
N GLN A 71 1.22 -5.45 -25.81
CA GLN A 71 0.38 -5.23 -24.59
C GLN A 71 0.95 -6.03 -23.40
N LYS A 72 1.17 -7.33 -23.64
CA LYS A 72 1.74 -8.29 -22.67
C LYS A 72 3.16 -7.90 -22.22
N ALA A 73 3.88 -7.15 -23.06
CA ALA A 73 5.27 -6.73 -22.77
C ALA A 73 5.22 -5.54 -21.80
N THR A 74 4.32 -4.60 -22.11
CA THR A 74 4.00 -3.44 -21.25
C THR A 74 3.54 -3.89 -19.84
N TRP A 75 2.72 -4.97 -19.81
CA TRP A 75 2.27 -5.61 -18.56
C TRP A 75 3.43 -6.37 -17.86
N ALA A 76 4.35 -6.91 -18.67
CA ALA A 76 5.56 -7.60 -18.16
C ALA A 76 6.55 -6.58 -17.57
N LYS A 77 6.53 -5.34 -18.10
CA LYS A 77 7.38 -4.23 -17.63
C LYS A 77 6.85 -3.67 -16.32
N TYR A 78 5.52 -3.74 -16.16
CA TYR A 78 4.83 -3.35 -14.92
C TYR A 78 5.36 -4.19 -13.74
N ARG A 79 5.38 -5.53 -13.94
CA ARG A 79 5.88 -6.48 -12.94
C ARG A 79 7.40 -6.32 -12.73
N GLN A 80 8.17 -6.33 -13.85
CA GLN A 80 9.65 -6.17 -13.85
C GLN A 80 10.11 -4.91 -13.08
N ALA A 81 9.32 -3.83 -13.15
CA ALA A 81 9.65 -2.58 -12.45
C ALA A 81 9.44 -2.73 -10.93
N LEU A 82 8.29 -3.31 -10.53
CA LEU A 82 7.95 -3.59 -9.13
C LEU A 82 8.99 -4.48 -8.41
N ARG A 83 9.52 -5.50 -9.13
CA ARG A 83 10.55 -6.41 -8.57
C ARG A 83 11.95 -5.75 -8.60
N ASP A 84 12.14 -4.80 -9.55
CA ASP A 84 13.43 -4.10 -9.75
C ASP A 84 13.74 -3.19 -8.55
N LEU A 85 12.71 -2.50 -8.03
CA LEU A 85 12.86 -1.59 -6.88
C LEU A 85 13.30 -2.38 -5.61
N PRO A 86 14.53 -2.11 -5.07
CA PRO A 86 15.01 -2.78 -3.86
C PRO A 86 14.42 -2.11 -2.59
N GLU A 87 13.21 -2.58 -2.24
CA GLU A 87 12.36 -2.00 -1.18
C GLU A 87 13.01 -2.10 0.22
N THR A 88 13.95 -3.06 0.37
CA THR A 88 14.73 -3.25 1.61
C THR A 88 15.84 -2.19 1.69
N VAL A 89 15.55 -1.11 2.47
CA VAL A 89 16.46 0.03 2.71
C VAL A 89 16.81 0.76 1.40
N THR A 90 15.93 1.67 0.99
CA THR A 90 16.09 2.50 -0.22
C THR A 90 15.92 3.99 0.13
N ASP A 91 16.29 4.89 -0.81
CA ASP A 91 16.30 6.35 -0.58
C ASP A 91 14.91 6.96 -0.93
N LEU A 92 13.99 6.12 -1.44
CA LEU A 92 12.58 6.50 -1.67
C LEU A 92 11.87 6.61 -0.31
N SER A 93 11.64 7.85 0.14
CA SER A 93 10.81 8.13 1.32
C SER A 93 9.35 7.84 0.99
N GLN A 94 8.93 8.31 -0.19
CA GLN A 94 7.59 8.07 -0.75
C GLN A 94 7.65 6.95 -1.79
N ILE A 95 6.61 6.08 -1.80
CA ILE A 95 6.46 5.04 -2.82
C ILE A 95 5.96 5.65 -4.14
N VAL A 96 6.75 5.45 -5.20
CA VAL A 96 6.35 5.78 -6.58
C VAL A 96 6.72 4.59 -7.48
N TRP A 97 5.77 3.67 -7.59
CA TRP A 97 5.87 2.45 -8.42
C TRP A 97 4.88 2.57 -9.61
N PRO A 98 5.12 1.83 -10.75
CA PRO A 98 4.42 2.09 -12.05
C PRO A 98 2.88 1.99 -11.95
N GLN A 99 2.20 2.78 -12.80
CA GLN A 99 0.75 2.69 -13.01
C GLN A 99 0.50 1.73 -14.18
N LEU A 100 -0.52 0.87 -14.04
CA LEU A 100 -0.85 -0.16 -15.06
C LEU A 100 -1.31 0.51 -16.37
N PRO A 101 -0.94 -0.08 -17.55
CA PRO A 101 -1.20 0.53 -18.89
C PRO A 101 -2.70 0.72 -19.22
N VAL A 102 -3.50 -0.34 -19.01
CA VAL A 102 -4.91 -0.38 -19.42
C VAL A 102 -5.82 0.04 -18.23
N MET A 3 -5.76 9.56 4.22
CA MET A 3 -5.08 8.49 5.00
C MET A 3 -5.70 8.40 6.40
N LEU A 4 -6.14 7.20 6.78
CA LEU A 4 -6.66 6.91 8.14
C LEU A 4 -5.91 5.72 8.73
N LEU A 5 -5.70 5.75 10.05
CA LEU A 5 -4.98 4.73 10.80
C LEU A 5 -5.78 3.42 10.83
N HIS A 6 -5.38 2.46 9.97
CA HIS A 6 -5.95 1.09 9.88
C HIS A 6 -6.14 0.42 11.27
N SER A 7 -5.26 0.77 12.21
CA SER A 7 -5.33 0.33 13.61
C SER A 7 -4.57 1.33 14.48
N VAL A 8 -5.22 1.80 15.55
CA VAL A 8 -4.60 2.70 16.55
C VAL A 8 -4.97 2.20 17.96
N GLU A 9 -4.01 2.29 18.89
CA GLU A 9 -4.24 1.95 20.29
C GLU A 9 -4.76 3.18 21.03
N THR A 10 -5.88 3.02 21.75
CA THR A 10 -6.55 4.10 22.48
C THR A 10 -6.58 3.76 23.99
N PRO A 11 -6.65 4.78 24.90
CA PRO A 11 -6.97 4.55 26.35
C PRO A 11 -8.26 3.69 26.58
N ARG A 12 -9.25 3.81 25.66
CA ARG A 12 -10.51 3.02 25.72
C ARG A 12 -10.33 1.59 25.16
N GLY A 13 -9.24 1.35 24.40
CA GLY A 13 -8.89 0.00 23.94
C GLY A 13 -8.09 0.03 22.64
N GLU A 14 -8.71 -0.45 21.55
CA GLU A 14 -8.17 -0.36 20.18
C GLU A 14 -9.30 0.06 19.24
N ILE A 15 -8.98 0.91 18.26
CA ILE A 15 -9.95 1.44 17.28
C ILE A 15 -9.37 1.22 15.86
N LEU A 16 -10.11 0.47 15.05
CA LEU A 16 -9.68 0.02 13.73
C LEU A 16 -10.26 0.94 12.64
N ASN A 17 -9.35 1.52 11.82
CA ASN A 17 -9.67 2.33 10.63
C ASN A 17 -10.32 3.67 11.04
N VAL A 18 -9.50 4.62 11.52
CA VAL A 18 -9.95 5.95 11.93
C VAL A 18 -8.87 7.01 11.66
N SER A 19 -9.29 8.20 11.21
CA SER A 19 -8.40 9.34 10.97
C SER A 19 -7.83 9.89 12.28
N GLU A 20 -6.66 10.57 12.17
CA GLU A 20 -5.96 11.18 13.33
C GLU A 20 -6.86 12.16 14.10
N GLN A 21 -7.66 12.96 13.35
CA GLN A 21 -8.54 13.99 13.96
C GLN A 21 -9.62 13.33 14.83
N GLU A 22 -10.41 12.44 14.22
CA GLU A 22 -11.54 11.76 14.89
C GLU A 22 -11.05 10.90 16.07
N ALA A 23 -9.97 10.15 15.84
CA ALA A 23 -9.25 9.40 16.89
C ALA A 23 -8.93 10.27 18.13
N ARG A 24 -8.20 11.38 17.93
CA ARG A 24 -7.77 12.29 19.04
C ARG A 24 -8.96 13.02 19.69
N ASP A 25 -9.93 13.41 18.86
CA ASP A 25 -11.06 14.26 19.29
C ASP A 25 -12.13 13.44 20.04
N VAL A 26 -12.72 12.48 19.32
CA VAL A 26 -13.87 11.68 19.77
C VAL A 26 -13.44 10.60 20.79
N PHE A 27 -12.57 9.70 20.32
CA PHE A 27 -12.11 8.53 21.12
C PHE A 27 -11.18 8.99 22.24
N GLY A 28 -10.38 10.03 21.96
CA GLY A 28 -9.34 10.48 22.88
C GLY A 28 -8.12 9.56 22.81
N ALA A 29 -7.79 9.17 21.57
CA ALA A 29 -6.63 8.33 21.26
C ALA A 29 -5.33 9.06 21.60
N SER A 30 -4.43 8.37 22.32
CA SER A 30 -3.13 8.91 22.73
C SER A 30 -2.36 9.40 21.50
N GLU A 31 -1.81 10.63 21.58
CA GLU A 31 -1.14 11.29 20.44
C GLU A 31 0.16 10.55 20.04
N GLN A 32 0.76 9.88 21.04
CA GLN A 32 1.91 8.98 20.85
C GLN A 32 1.51 7.73 20.03
N ALA A 33 0.28 7.25 20.25
CA ALA A 33 -0.27 6.10 19.53
C ALA A 33 -0.64 6.53 18.10
N ILE A 34 -1.34 7.67 17.99
CA ILE A 34 -1.49 8.43 16.70
C ILE A 34 -0.17 8.62 15.93
N ALA A 35 0.95 8.75 16.66
CA ALA A 35 2.26 8.95 16.04
C ALA A 35 2.76 7.62 15.43
N ASP A 36 2.85 6.62 16.32
CA ASP A 36 3.24 5.23 16.01
C ASP A 36 2.39 4.61 14.89
N ALA A 37 1.07 4.76 14.99
CA ALA A 37 0.08 4.14 14.07
C ALA A 37 -0.06 4.93 12.77
N ARG A 38 0.27 6.25 12.77
CA ARG A 38 0.40 7.02 11.51
C ARG A 38 1.57 6.45 10.72
N LYS A 39 2.73 6.36 11.41
CA LYS A 39 3.96 5.74 10.89
C LYS A 39 3.68 4.32 10.37
N ALA A 40 2.88 3.55 11.13
CA ALA A 40 2.73 2.10 10.94
C ALA A 40 1.72 1.80 9.82
N THR A 41 0.64 2.63 9.74
CA THR A 41 -0.39 2.49 8.70
C THR A 41 0.21 2.84 7.33
N ILE A 42 1.00 3.94 7.27
CA ILE A 42 1.73 4.32 6.05
C ILE A 42 2.65 3.15 5.64
N LEU A 43 3.57 2.79 6.56
CA LEU A 43 4.58 1.73 6.39
C LEU A 43 3.95 0.38 5.95
N GLN A 44 2.72 0.12 6.43
CA GLN A 44 1.97 -1.13 6.15
C GLN A 44 1.37 -1.05 4.75
N THR A 45 0.63 0.05 4.52
CA THR A 45 -0.18 0.27 3.30
C THR A 45 0.71 0.22 2.05
N LEU A 46 1.82 0.97 2.08
CA LEU A 46 2.73 1.14 0.94
C LEU A 46 3.41 -0.20 0.57
N ARG A 47 3.97 -0.87 1.59
CA ARG A 47 4.72 -2.12 1.44
C ARG A 47 3.79 -3.24 0.91
N ILE A 48 2.53 -3.25 1.39
CA ILE A 48 1.48 -4.17 0.90
C ILE A 48 1.03 -3.76 -0.53
N GLU A 49 0.91 -2.44 -0.77
CA GLU A 49 0.31 -1.86 -2.00
C GLU A 49 1.08 -2.31 -3.25
N ARG A 50 2.43 -2.33 -3.14
CA ARG A 50 3.36 -2.80 -4.20
C ARG A 50 2.92 -4.19 -4.69
N ASP A 51 2.74 -5.09 -3.72
CA ASP A 51 2.38 -6.50 -3.93
C ASP A 51 0.95 -6.61 -4.51
N GLU A 52 0.06 -5.74 -4.02
CA GLU A 52 -1.37 -5.69 -4.45
C GLU A 52 -1.50 -5.41 -5.95
N ARG A 53 -0.62 -4.54 -6.49
CA ARG A 53 -0.64 -4.17 -7.92
C ARG A 53 -0.05 -5.30 -8.78
N LEU A 54 0.99 -5.98 -8.24
CA LEU A 54 1.63 -7.16 -8.89
C LEU A 54 0.61 -8.31 -9.08
N ARG A 55 -0.18 -8.59 -8.01
CA ARG A 55 -1.25 -9.62 -8.05
C ARG A 55 -2.51 -9.09 -8.78
N ALA A 56 -2.64 -7.75 -8.92
CA ALA A 56 -3.77 -7.14 -9.66
C ALA A 56 -3.56 -7.27 -11.18
N CYS A 57 -2.29 -7.23 -11.63
CA CYS A 57 -1.93 -7.33 -13.06
C CYS A 57 -1.65 -8.79 -13.48
N ASP A 58 -2.08 -9.75 -12.63
CA ASP A 58 -1.90 -11.21 -12.88
C ASP A 58 -2.77 -11.69 -14.06
N TRP A 59 -3.88 -10.95 -14.31
CA TRP A 59 -4.86 -11.26 -15.38
C TRP A 59 -4.22 -11.15 -16.78
N THR A 60 -3.14 -10.37 -16.90
CA THR A 60 -2.41 -10.19 -18.17
C THR A 60 -1.37 -11.32 -18.35
N GLN A 61 -0.93 -11.88 -17.21
CA GLN A 61 0.12 -12.90 -17.14
C GLN A 61 -0.44 -14.31 -17.40
N VAL A 62 -1.75 -14.51 -17.15
CA VAL A 62 -2.41 -15.83 -17.33
C VAL A 62 -2.42 -16.25 -18.81
N GLN A 63 -2.43 -17.59 -19.03
CA GLN A 63 -2.46 -18.21 -20.37
C GLN A 63 -3.83 -18.00 -21.06
N ASP A 64 -4.86 -17.71 -20.25
CA ASP A 64 -6.26 -17.59 -20.69
C ASP A 64 -6.50 -16.31 -21.52
N VAL A 65 -5.90 -15.19 -21.08
CA VAL A 65 -6.15 -13.86 -21.69
C VAL A 65 -5.53 -13.76 -23.10
N VAL A 66 -6.27 -13.13 -24.02
CA VAL A 66 -5.85 -12.97 -25.43
C VAL A 66 -5.31 -11.55 -25.65
N LEU A 67 -3.99 -11.41 -25.41
CA LEU A 67 -3.24 -10.16 -25.64
C LEU A 67 -2.14 -10.46 -26.66
N THR A 68 -1.62 -9.41 -27.32
CA THR A 68 -0.49 -9.56 -28.25
C THR A 68 0.82 -9.73 -27.45
N ALA A 69 1.91 -10.10 -28.16
CA ALA A 69 3.24 -10.22 -27.55
C ALA A 69 3.67 -8.87 -26.94
N ASP A 70 3.49 -7.78 -27.73
CA ASP A 70 3.71 -6.38 -27.27
C ASP A 70 2.97 -6.07 -25.95
N GLN A 71 1.65 -6.37 -25.92
CA GLN A 71 0.78 -6.11 -24.74
C GLN A 71 1.31 -6.87 -23.50
N LYS A 72 1.44 -8.20 -23.64
CA LYS A 72 1.88 -9.11 -22.55
C LYS A 72 3.31 -8.79 -22.06
N ALA A 73 4.13 -8.18 -22.93
CA ALA A 73 5.54 -7.91 -22.62
C ALA A 73 5.63 -6.60 -21.81
N THR A 74 4.94 -5.57 -22.33
CA THR A 74 4.75 -4.25 -21.66
C THR A 74 4.11 -4.40 -20.25
N TRP A 75 3.19 -5.37 -20.10
CA TRP A 75 2.53 -5.70 -18.80
C TRP A 75 3.48 -6.49 -17.88
N ALA A 76 4.25 -7.43 -18.47
CA ALA A 76 5.31 -8.18 -17.73
C ALA A 76 6.46 -7.23 -17.34
N LYS A 77 6.57 -6.11 -18.08
CA LYS A 77 7.59 -5.07 -17.84
C LYS A 77 7.14 -4.19 -16.68
N TYR A 78 5.82 -3.91 -16.62
CA TYR A 78 5.20 -3.20 -15.49
C TYR A 78 5.44 -3.99 -14.18
N ARG A 79 5.21 -5.31 -14.27
CA ARG A 79 5.41 -6.22 -13.14
C ARG A 79 6.90 -6.25 -12.75
N GLN A 80 7.78 -6.37 -13.76
CA GLN A 80 9.26 -6.39 -13.58
C GLN A 80 9.80 -5.12 -12.93
N ALA A 81 9.23 -3.96 -13.32
CA ALA A 81 9.66 -2.65 -12.82
C ALA A 81 9.29 -2.49 -11.34
N LEU A 82 8.02 -2.72 -11.04
CA LEU A 82 7.46 -2.58 -9.69
C LEU A 82 8.02 -3.62 -8.70
N ARG A 83 8.37 -4.83 -9.19
CA ARG A 83 8.96 -5.90 -8.34
C ARG A 83 10.47 -5.63 -8.11
N ASP A 84 11.11 -4.93 -9.08
CA ASP A 84 12.53 -4.48 -8.95
C ASP A 84 12.70 -3.59 -7.70
N LEU A 85 11.63 -2.81 -7.41
CA LEU A 85 11.48 -2.14 -6.11
C LEU A 85 11.25 -3.24 -5.06
N PRO A 86 12.21 -3.45 -4.10
CA PRO A 86 12.20 -4.63 -3.20
C PRO A 86 11.10 -4.59 -2.13
N GLU A 87 11.09 -5.63 -1.27
CA GLU A 87 10.16 -5.73 -0.13
C GLU A 87 10.71 -4.96 1.10
N THR A 88 11.16 -3.71 0.85
CA THR A 88 11.76 -2.82 1.86
C THR A 88 10.75 -2.47 2.96
N VAL A 89 11.26 -1.93 4.08
CA VAL A 89 10.42 -1.51 5.22
C VAL A 89 9.34 -0.49 4.75
N THR A 90 9.76 0.39 3.81
CA THR A 90 8.91 1.42 3.15
C THR A 90 8.32 2.39 4.22
N ASP A 91 9.12 2.62 5.27
CA ASP A 91 8.79 3.47 6.40
C ASP A 91 8.70 4.96 5.98
N LEU A 92 7.44 5.44 5.84
CA LEU A 92 7.09 6.84 5.49
C LEU A 92 7.62 7.25 4.09
N SER A 93 8.04 6.24 3.29
CA SER A 93 8.67 6.47 1.98
C SER A 93 7.63 6.91 0.93
N GLN A 94 7.81 8.12 0.33
CA GLN A 94 6.88 8.63 -0.70
C GLN A 94 6.89 7.70 -1.92
N ILE A 95 5.85 6.84 -2.02
CA ILE A 95 5.75 5.85 -3.10
C ILE A 95 5.45 6.54 -4.45
N VAL A 96 6.46 6.58 -5.32
CA VAL A 96 6.30 7.01 -6.71
C VAL A 96 6.79 5.84 -7.57
N TRP A 97 5.88 4.91 -7.83
CA TRP A 97 6.16 3.71 -8.63
C TRP A 97 5.32 3.74 -9.92
N PRO A 98 5.66 2.91 -10.96
CA PRO A 98 4.90 2.91 -12.23
C PRO A 98 3.39 2.65 -12.03
N GLN A 99 2.60 3.42 -12.77
CA GLN A 99 1.18 3.15 -12.99
C GLN A 99 1.09 2.17 -14.17
N LEU A 100 -0.07 1.50 -14.34
CA LEU A 100 -0.27 0.56 -15.47
C LEU A 100 0.04 1.24 -16.83
N PRO A 101 0.75 0.53 -17.75
CA PRO A 101 1.31 1.16 -18.99
C PRO A 101 0.21 1.56 -20.00
N VAL A 102 -0.81 0.71 -20.15
CA VAL A 102 -1.87 0.87 -21.15
C VAL A 102 -3.03 1.72 -20.56
N MET A 3 -4.13 9.59 4.39
CA MET A 3 -4.39 8.24 4.95
C MET A 3 -5.04 8.33 6.32
N LEU A 4 -5.78 7.27 6.69
CA LEU A 4 -6.35 7.09 8.03
C LEU A 4 -5.64 5.92 8.72
N LEU A 5 -5.59 5.96 10.05
CA LEU A 5 -5.00 4.89 10.87
C LEU A 5 -5.89 3.64 10.82
N HIS A 6 -5.45 2.62 10.04
CA HIS A 6 -6.03 1.27 10.02
C HIS A 6 -6.29 0.70 11.44
N SER A 7 -5.48 1.12 12.41
CA SER A 7 -5.63 0.75 13.83
C SER A 7 -4.86 1.73 14.71
N VAL A 8 -5.42 2.03 15.89
CA VAL A 8 -4.75 2.82 16.94
C VAL A 8 -5.29 2.37 18.30
N GLU A 9 -4.39 2.22 19.29
CA GLU A 9 -4.76 1.84 20.65
C GLU A 9 -5.19 3.10 21.43
N THR A 10 -6.23 2.93 22.23
CA THR A 10 -6.85 3.98 23.06
C THR A 10 -7.04 3.41 24.49
N PRO A 11 -7.18 4.28 25.55
CA PRO A 11 -7.42 3.80 26.95
C PRO A 11 -8.78 3.06 27.13
N ARG A 12 -9.66 3.17 26.11
CA ARG A 12 -10.99 2.52 26.09
C ARG A 12 -11.02 1.23 25.23
N GLY A 13 -9.91 0.91 24.55
CA GLY A 13 -9.83 -0.30 23.70
C GLY A 13 -8.90 -0.09 22.52
N GLU A 14 -9.17 -0.76 21.39
CA GLU A 14 -8.47 -0.50 20.11
C GLU A 14 -9.49 -0.06 19.07
N ILE A 15 -9.09 0.86 18.21
CA ILE A 15 -9.99 1.59 17.30
C ILE A 15 -9.47 1.44 15.86
N LEU A 16 -10.27 0.77 15.01
CA LEU A 16 -9.89 0.42 13.63
C LEU A 16 -10.47 1.43 12.62
N ASN A 17 -9.78 1.56 11.46
CA ASN A 17 -10.13 2.47 10.31
C ASN A 17 -10.69 3.84 10.78
N VAL A 18 -9.80 4.64 11.39
CA VAL A 18 -10.14 5.94 11.99
C VAL A 18 -9.10 7.00 11.60
N SER A 19 -9.58 8.24 11.39
CA SER A 19 -8.70 9.39 11.13
C SER A 19 -8.12 9.93 12.45
N GLU A 20 -6.99 10.62 12.35
CA GLU A 20 -6.21 11.13 13.49
C GLU A 20 -6.99 12.15 14.35
N GLN A 21 -7.89 12.92 13.70
CA GLN A 21 -8.74 13.90 14.40
C GLN A 21 -9.76 13.17 15.29
N GLU A 22 -10.59 12.30 14.67
CA GLU A 22 -11.66 11.55 15.36
C GLU A 22 -11.11 10.67 16.50
N ALA A 23 -10.03 9.93 16.18
CA ALA A 23 -9.30 9.11 17.17
C ALA A 23 -8.98 9.89 18.47
N ARG A 24 -8.44 11.10 18.33
CA ARG A 24 -8.06 11.95 19.48
C ARG A 24 -9.26 12.69 20.10
N ASP A 25 -10.25 13.05 19.26
CA ASP A 25 -11.40 13.89 19.67
C ASP A 25 -12.44 13.06 20.42
N VAL A 26 -12.92 12.00 19.76
CA VAL A 26 -13.92 11.08 20.32
C VAL A 26 -13.24 10.03 21.21
N PHE A 27 -12.35 9.22 20.60
CA PHE A 27 -11.81 7.99 21.22
C PHE A 27 -10.66 8.27 22.21
N GLY A 28 -10.19 9.54 22.24
CA GLY A 28 -9.18 9.98 23.21
C GLY A 28 -7.84 9.27 23.07
N ALA A 29 -7.39 9.10 21.82
CA ALA A 29 -6.11 8.47 21.51
C ALA A 29 -4.94 9.42 21.80
N SER A 30 -3.85 8.87 22.34
CA SER A 30 -2.62 9.61 22.60
C SER A 30 -1.95 9.96 21.27
N GLU A 31 -1.34 11.16 21.21
CA GLU A 31 -0.67 11.67 19.99
C GLU A 31 0.59 10.84 19.69
N GLN A 32 1.13 10.20 20.75
CA GLN A 32 2.23 9.22 20.66
C GLN A 32 1.77 7.98 19.87
N ALA A 33 0.54 7.51 20.17
CA ALA A 33 -0.05 6.32 19.51
C ALA A 33 -0.35 6.65 18.04
N ILE A 34 -1.13 7.73 17.86
CA ILE A 34 -1.33 8.41 16.55
C ILE A 34 -0.03 8.63 15.72
N ALA A 35 1.11 8.82 16.39
CA ALA A 35 2.39 9.09 15.71
C ALA A 35 2.94 7.79 15.09
N ASP A 36 3.07 6.75 15.96
CA ASP A 36 3.48 5.38 15.55
C ASP A 36 2.55 4.79 14.48
N ALA A 37 1.23 4.97 14.65
CA ALA A 37 0.21 4.36 13.79
C ALA A 37 0.10 5.08 12.44
N ARG A 38 0.33 6.42 12.42
CA ARG A 38 0.47 7.18 11.14
C ARG A 38 1.65 6.62 10.35
N LYS A 39 2.81 6.58 11.03
CA LYS A 39 4.07 6.03 10.51
C LYS A 39 3.87 4.60 10.00
N ALA A 40 3.07 3.81 10.73
CA ALA A 40 2.95 2.36 10.48
C ALA A 40 2.03 2.10 9.28
N THR A 41 0.98 2.93 9.13
CA THR A 41 0.05 2.86 7.98
C THR A 41 0.82 3.20 6.69
N ILE A 42 1.59 4.32 6.74
CA ILE A 42 2.45 4.76 5.62
C ILE A 42 3.47 3.66 5.26
N LEU A 43 4.25 3.24 6.26
CA LEU A 43 5.30 2.21 6.16
C LEU A 43 4.75 0.91 5.53
N GLN A 44 3.51 0.56 5.89
CA GLN A 44 2.87 -0.67 5.41
C GLN A 44 2.33 -0.45 3.99
N THR A 45 1.82 0.77 3.72
CA THR A 45 1.30 1.18 2.40
C THR A 45 2.43 1.19 1.34
N LEU A 46 3.67 1.49 1.79
CA LEU A 46 4.87 1.50 0.92
C LEU A 46 5.16 0.07 0.36
N ARG A 47 4.67 -0.97 1.07
CA ARG A 47 4.82 -2.38 0.63
C ARG A 47 3.46 -3.05 0.29
N ILE A 48 2.34 -2.30 0.46
CA ILE A 48 0.98 -2.78 0.05
C ILE A 48 0.68 -2.35 -1.41
N GLU A 49 0.84 -1.04 -1.68
CA GLU A 49 0.53 -0.39 -2.99
C GLU A 49 1.01 -1.23 -4.19
N ARG A 50 2.26 -1.72 -4.07
CA ARG A 50 2.89 -2.55 -5.11
C ARG A 50 2.02 -3.78 -5.45
N ASP A 51 1.67 -4.58 -4.41
CA ASP A 51 0.99 -5.86 -4.59
C ASP A 51 -0.46 -5.66 -5.06
N GLU A 52 -1.07 -4.51 -4.67
CA GLU A 52 -2.42 -4.12 -5.10
C GLU A 52 -2.48 -3.94 -6.62
N ARG A 53 -1.43 -3.31 -7.17
CA ARG A 53 -1.31 -3.01 -8.61
C ARG A 53 -1.06 -4.28 -9.43
N LEU A 54 -0.24 -5.20 -8.87
CA LEU A 54 0.10 -6.48 -9.52
C LEU A 54 -1.12 -7.44 -9.51
N ARG A 55 -1.89 -7.45 -8.40
CA ARG A 55 -3.10 -8.31 -8.29
C ARG A 55 -4.29 -7.71 -9.07
N ALA A 56 -4.23 -6.39 -9.34
CA ALA A 56 -5.23 -5.70 -10.19
C ALA A 56 -4.97 -6.00 -11.68
N CYS A 57 -3.69 -5.84 -12.09
CA CYS A 57 -3.24 -6.10 -13.48
C CYS A 57 -3.04 -7.61 -13.76
N ASP A 58 -3.48 -8.45 -12.80
CA ASP A 58 -3.48 -9.92 -12.92
C ASP A 58 -4.32 -10.41 -14.13
N TRP A 59 -5.32 -9.59 -14.53
CA TRP A 59 -6.23 -9.89 -15.66
C TRP A 59 -5.45 -10.15 -16.98
N THR A 60 -4.28 -9.49 -17.12
CA THR A 60 -3.43 -9.58 -18.32
C THR A 60 -2.13 -10.35 -18.02
N GLN A 61 -1.92 -10.74 -16.76
CA GLN A 61 -0.79 -11.62 -16.36
C GLN A 61 -1.15 -13.09 -16.62
N VAL A 62 -2.46 -13.38 -16.74
CA VAL A 62 -2.93 -14.68 -17.25
C VAL A 62 -2.60 -14.79 -18.75
N GLN A 63 -2.40 -16.03 -19.23
CA GLN A 63 -2.08 -16.31 -20.65
C GLN A 63 -3.34 -16.42 -21.52
N ASP A 64 -4.52 -16.45 -20.86
CA ASP A 64 -5.84 -16.58 -21.53
C ASP A 64 -6.25 -15.25 -22.21
N VAL A 65 -5.69 -14.12 -21.72
CA VAL A 65 -5.97 -12.79 -22.28
C VAL A 65 -5.51 -12.75 -23.77
N VAL A 66 -6.29 -12.09 -24.62
CA VAL A 66 -6.02 -12.03 -26.07
C VAL A 66 -5.31 -10.70 -26.39
N LEU A 67 -3.98 -10.70 -26.26
CA LEU A 67 -3.12 -9.56 -26.57
C LEU A 67 -1.95 -10.04 -27.44
N THR A 68 -1.21 -9.07 -28.02
CA THR A 68 0.02 -9.37 -28.75
C THR A 68 1.15 -9.72 -27.75
N ALA A 69 2.23 -10.36 -28.24
CA ALA A 69 3.40 -10.71 -27.41
C ALA A 69 3.96 -9.44 -26.72
N ASP A 70 4.08 -8.36 -27.51
CA ASP A 70 4.54 -7.04 -27.03
C ASP A 70 3.67 -6.51 -25.88
N GLN A 71 2.32 -6.53 -26.04
CA GLN A 71 1.38 -6.04 -24.99
C GLN A 71 1.53 -6.87 -23.70
N LYS A 72 1.55 -8.18 -23.86
CA LYS A 72 1.74 -9.17 -22.77
C LYS A 72 3.11 -9.01 -22.08
N ALA A 73 4.09 -8.46 -22.83
CA ALA A 73 5.48 -8.31 -22.35
C ALA A 73 5.55 -7.00 -21.54
N THR A 74 5.11 -5.91 -22.17
CA THR A 74 5.02 -4.56 -21.57
C THR A 74 4.20 -4.55 -20.25
N TRP A 75 3.16 -5.40 -20.17
CA TRP A 75 2.37 -5.61 -18.94
C TRP A 75 3.14 -6.43 -17.90
N ALA A 76 3.88 -7.44 -18.38
CA ALA A 76 4.77 -8.27 -17.53
C ALA A 76 6.01 -7.46 -17.08
N LYS A 77 6.34 -6.38 -17.83
CA LYS A 77 7.46 -5.47 -17.54
C LYS A 77 7.00 -4.45 -16.49
N TYR A 78 5.73 -4.02 -16.63
CA TYR A 78 5.06 -3.18 -15.62
C TYR A 78 5.09 -3.88 -14.25
N ARG A 79 4.72 -5.18 -14.27
CA ARG A 79 4.72 -6.04 -13.08
C ARG A 79 6.14 -6.15 -12.50
N GLN A 80 7.07 -6.57 -13.40
CA GLN A 80 8.44 -6.94 -13.04
C GLN A 80 9.20 -5.77 -12.42
N ALA A 81 9.11 -4.60 -13.07
CA ALA A 81 9.83 -3.39 -12.65
C ALA A 81 9.31 -2.87 -11.30
N LEU A 82 7.99 -2.94 -11.12
CA LEU A 82 7.29 -2.38 -9.96
C LEU A 82 7.69 -3.16 -8.68
N ARG A 83 7.69 -4.50 -8.80
CA ARG A 83 8.03 -5.40 -7.69
C ARG A 83 9.56 -5.47 -7.46
N ASP A 84 10.35 -5.22 -8.54
CA ASP A 84 11.83 -5.28 -8.49
C ASP A 84 12.40 -4.17 -7.61
N LEU A 85 11.59 -3.10 -7.40
CA LEU A 85 11.94 -2.00 -6.49
C LEU A 85 12.03 -2.57 -5.04
N PRO A 86 13.26 -2.58 -4.42
CA PRO A 86 13.48 -3.17 -3.07
C PRO A 86 13.01 -2.24 -1.94
N GLU A 87 13.34 -2.57 -0.68
CA GLU A 87 13.01 -1.74 0.49
C GLU A 87 14.11 -0.68 0.70
N THR A 88 14.30 0.15 -0.33
CA THR A 88 15.33 1.20 -0.35
C THR A 88 15.00 2.30 0.68
N VAL A 89 13.72 2.73 0.68
CA VAL A 89 13.25 3.83 1.54
C VAL A 89 12.67 3.28 2.86
N THR A 90 13.59 2.97 3.81
CA THR A 90 13.24 2.55 5.17
C THR A 90 12.88 3.78 6.04
N ASP A 91 13.45 4.94 5.65
CA ASP A 91 13.11 6.25 6.22
C ASP A 91 11.92 6.84 5.43
N LEU A 92 11.15 7.75 6.08
CA LEU A 92 9.90 8.33 5.53
C LEU A 92 10.13 8.98 4.14
N SER A 93 9.74 8.25 3.09
CA SER A 93 9.82 8.72 1.69
C SER A 93 8.71 8.08 0.85
N GLN A 94 8.19 8.87 -0.10
CA GLN A 94 7.18 8.43 -1.07
C GLN A 94 7.84 7.50 -2.12
N ILE A 95 7.31 6.28 -2.24
CA ILE A 95 7.72 5.31 -3.28
C ILE A 95 7.26 5.77 -4.68
N VAL A 96 8.16 5.72 -5.66
CA VAL A 96 7.83 5.96 -7.08
C VAL A 96 8.20 4.70 -7.90
N TRP A 97 7.17 4.10 -8.50
CA TRP A 97 7.30 2.90 -9.36
C TRP A 97 6.37 3.07 -10.59
N PRO A 98 6.58 2.27 -11.71
CA PRO A 98 5.82 2.47 -12.99
C PRO A 98 4.28 2.49 -12.82
N GLN A 99 3.65 3.40 -13.58
CA GLN A 99 2.19 3.42 -13.81
C GLN A 99 1.92 2.65 -15.11
N LEU A 100 0.73 2.02 -15.21
CA LEU A 100 0.41 1.02 -16.26
C LEU A 100 0.62 1.55 -17.71
N PRO A 101 1.14 0.69 -18.64
CA PRO A 101 1.57 1.14 -19.99
C PRO A 101 0.41 1.60 -20.90
N VAL A 102 -0.69 0.84 -20.84
CA VAL A 102 -1.83 1.01 -21.75
C VAL A 102 -2.85 1.99 -21.12
N MET A 3 -4.62 8.50 3.94
CA MET A 3 -4.95 7.27 4.68
C MET A 3 -5.54 7.59 6.07
N LEU A 4 -6.26 6.60 6.61
CA LEU A 4 -6.74 6.60 8.00
C LEU A 4 -6.01 5.47 8.76
N LEU A 5 -5.85 5.63 10.09
CA LEU A 5 -5.17 4.64 10.94
C LEU A 5 -5.99 3.32 10.99
N HIS A 6 -5.52 2.33 10.20
CA HIS A 6 -6.00 0.93 10.21
C HIS A 6 -6.29 0.39 11.64
N SER A 7 -5.48 0.82 12.61
CA SER A 7 -5.71 0.51 14.03
C SER A 7 -4.90 1.49 14.88
N VAL A 8 -5.57 2.08 15.89
CA VAL A 8 -4.96 2.90 16.94
C VAL A 8 -5.49 2.41 18.31
N GLU A 9 -4.61 1.83 19.13
CA GLU A 9 -4.98 1.37 20.47
C GLU A 9 -4.95 2.56 21.44
N THR A 10 -6.13 3.16 21.62
CA THR A 10 -6.34 4.30 22.53
C THR A 10 -6.37 3.81 24.00
N PRO A 11 -6.19 4.71 25.02
CA PRO A 11 -6.33 4.35 26.46
C PRO A 11 -7.71 3.72 26.83
N ARG A 12 -8.75 3.99 26.02
CA ARG A 12 -10.11 3.45 26.23
C ARG A 12 -10.32 2.09 25.50
N GLY A 13 -9.29 1.63 24.77
CA GLY A 13 -9.31 0.33 24.07
C GLY A 13 -8.70 0.39 22.68
N GLU A 14 -8.75 -0.74 21.96
CA GLU A 14 -8.21 -0.84 20.59
C GLU A 14 -9.30 -0.39 19.61
N ILE A 15 -8.93 0.46 18.64
CA ILE A 15 -9.87 1.05 17.66
C ILE A 15 -9.37 0.69 16.25
N LEU A 16 -10.28 0.34 15.34
CA LEU A 16 -9.94 -0.11 13.96
C LEU A 16 -10.55 0.84 12.91
N ASN A 17 -9.72 1.20 11.90
CA ASN A 17 -10.14 1.94 10.69
C ASN A 17 -10.80 3.28 11.03
N VAL A 18 -9.98 4.24 11.43
CA VAL A 18 -10.41 5.55 11.88
C VAL A 18 -9.33 6.60 11.55
N SER A 19 -9.76 7.81 11.12
CA SER A 19 -8.86 8.94 10.87
C SER A 19 -8.19 9.37 12.18
N GLU A 20 -6.97 9.88 12.10
CA GLU A 20 -6.25 10.48 13.24
C GLU A 20 -7.00 11.72 13.78
N GLN A 21 -7.82 12.35 12.91
CA GLN A 21 -8.72 13.44 13.30
C GLN A 21 -9.75 12.94 14.33
N GLU A 22 -10.54 11.90 13.94
CA GLU A 22 -11.60 11.33 14.81
C GLU A 22 -10.99 10.60 16.03
N ALA A 23 -9.89 9.86 15.78
CA ALA A 23 -9.08 9.21 16.84
C ALA A 23 -8.76 10.18 17.99
N ARG A 24 -8.20 11.36 17.66
CA ARG A 24 -7.83 12.38 18.67
C ARG A 24 -9.06 13.13 19.22
N ASP A 25 -10.08 13.32 18.39
CA ASP A 25 -11.25 14.18 18.71
C ASP A 25 -12.21 13.43 19.65
N VAL A 26 -12.72 12.29 19.18
CA VAL A 26 -13.69 11.45 19.90
C VAL A 26 -12.96 10.58 20.96
N PHE A 27 -12.02 9.75 20.47
CA PHE A 27 -11.38 8.70 21.30
C PHE A 27 -10.27 9.27 22.21
N GLY A 28 -9.73 10.45 21.84
CA GLY A 28 -8.64 11.08 22.59
C GLY A 28 -7.32 10.32 22.48
N ALA A 29 -7.07 9.77 21.27
CA ALA A 29 -5.87 8.97 20.96
C ALA A 29 -4.60 9.83 21.06
N SER A 30 -3.62 9.35 21.84
CA SER A 30 -2.34 10.04 22.07
C SER A 30 -1.60 10.30 20.75
N GLU A 31 -0.86 11.41 20.69
CA GLU A 31 -0.09 11.80 19.50
C GLU A 31 1.03 10.78 19.22
N GLN A 32 1.46 10.10 20.30
CA GLN A 32 2.40 8.95 20.25
C GLN A 32 1.79 7.79 19.45
N ALA A 33 0.51 7.48 19.73
CA ALA A 33 -0.22 6.40 19.07
C ALA A 33 -0.48 6.77 17.59
N ILE A 34 -1.06 7.96 17.39
CA ILE A 34 -1.17 8.60 16.03
C ILE A 34 0.12 8.52 15.20
N ALA A 35 1.28 8.70 15.84
CA ALA A 35 2.57 8.73 15.12
C ALA A 35 2.93 7.30 14.67
N ASP A 36 2.98 6.39 15.66
CA ASP A 36 3.27 4.96 15.46
C ASP A 36 2.33 4.30 14.43
N ALA A 37 1.02 4.50 14.62
CA ALA A 37 -0.05 3.80 13.87
C ALA A 37 -0.19 4.32 12.44
N ARG A 38 -0.04 5.64 12.25
CA ARG A 38 -0.04 6.25 10.89
C ARG A 38 1.18 5.73 10.10
N LYS A 39 2.34 5.74 10.77
CA LYS A 39 3.60 5.18 10.25
C LYS A 39 3.45 3.69 9.90
N ALA A 40 2.70 2.93 10.73
CA ALA A 40 2.60 1.46 10.62
C ALA A 40 1.58 1.08 9.52
N THR A 41 0.55 1.94 9.36
CA THR A 41 -0.44 1.78 8.29
C THR A 41 0.26 2.05 6.95
N ILE A 42 0.91 3.23 6.82
CA ILE A 42 1.69 3.63 5.61
C ILE A 42 2.75 2.58 5.25
N LEU A 43 3.47 2.10 6.27
CA LEU A 43 4.47 1.02 6.18
C LEU A 43 3.91 -0.19 5.42
N GLN A 44 2.71 -0.64 5.85
CA GLN A 44 2.03 -1.80 5.28
C GLN A 44 1.31 -1.42 3.98
N THR A 45 0.95 -0.12 3.86
CA THR A 45 0.19 0.43 2.70
C THR A 45 1.02 0.34 1.42
N LEU A 46 2.36 0.40 1.56
CA LEU A 46 3.30 0.23 0.42
C LEU A 46 3.18 -1.20 -0.14
N ARG A 47 2.98 -2.16 0.77
CA ARG A 47 2.90 -3.59 0.46
C ARG A 47 1.52 -3.95 -0.11
N ILE A 48 0.49 -3.27 0.43
CA ILE A 48 -0.90 -3.36 -0.06
C ILE A 48 -0.96 -2.79 -1.48
N GLU A 49 -0.28 -1.64 -1.66
CA GLU A 49 -0.23 -0.87 -2.91
C GLU A 49 0.27 -1.76 -4.06
N ARG A 50 1.46 -2.35 -3.85
CA ARG A 50 2.07 -3.30 -4.81
C ARG A 50 1.10 -4.44 -5.17
N ASP A 51 0.59 -5.13 -4.14
CA ASP A 51 -0.26 -6.32 -4.31
C ASP A 51 -1.56 -5.99 -5.08
N GLU A 52 -2.15 -4.82 -4.82
CA GLU A 52 -3.38 -4.36 -5.48
C GLU A 52 -3.15 -4.04 -6.97
N ARG A 53 -2.00 -3.45 -7.30
CA ARG A 53 -1.65 -3.02 -8.67
C ARG A 53 -1.29 -4.23 -9.57
N LEU A 54 -0.59 -5.20 -8.98
CA LEU A 54 -0.18 -6.44 -9.68
C LEU A 54 -1.41 -7.34 -9.96
N ARG A 55 -2.34 -7.44 -8.99
CA ARG A 55 -3.58 -8.23 -9.16
C ARG A 55 -4.58 -7.47 -10.06
N ALA A 56 -4.43 -6.14 -10.17
CA ALA A 56 -5.22 -5.30 -11.11
C ALA A 56 -4.88 -5.64 -12.56
N CYS A 57 -3.65 -6.14 -12.76
CA CYS A 57 -3.12 -6.58 -14.06
C CYS A 57 -3.33 -8.10 -14.28
N ASP A 58 -4.22 -8.72 -13.51
CA ASP A 58 -4.53 -10.17 -13.66
C ASP A 58 -5.11 -10.45 -15.06
N TRP A 59 -5.97 -9.52 -15.53
CA TRP A 59 -6.70 -9.65 -16.81
C TRP A 59 -5.76 -9.88 -18.02
N THR A 60 -4.56 -9.28 -17.96
CA THR A 60 -3.55 -9.33 -19.04
C THR A 60 -2.53 -10.44 -18.80
N GLN A 61 -2.30 -10.79 -17.52
CA GLN A 61 -1.28 -11.79 -17.13
C GLN A 61 -1.82 -13.23 -17.17
N VAL A 62 -3.13 -13.39 -17.44
CA VAL A 62 -3.75 -14.70 -17.67
C VAL A 62 -3.59 -15.14 -19.14
N GLN A 63 -3.75 -16.46 -19.37
CA GLN A 63 -3.76 -17.05 -20.72
C GLN A 63 -5.14 -16.88 -21.38
N ASP A 64 -6.16 -16.57 -20.55
CA ASP A 64 -7.56 -16.35 -20.98
C ASP A 64 -7.67 -15.22 -22.02
N VAL A 65 -6.85 -14.17 -21.85
CA VAL A 65 -6.84 -13.00 -22.74
C VAL A 65 -5.93 -13.26 -23.97
N VAL A 66 -6.28 -12.63 -25.11
CA VAL A 66 -5.43 -12.63 -26.33
C VAL A 66 -4.91 -11.20 -26.60
N LEU A 67 -3.64 -10.99 -26.24
CA LEU A 67 -2.90 -9.74 -26.50
C LEU A 67 -1.60 -10.09 -27.22
N THR A 68 -0.90 -9.07 -27.74
CA THR A 68 0.43 -9.28 -28.35
C THR A 68 1.46 -9.55 -27.23
N ALA A 69 2.57 -10.20 -27.60
CA ALA A 69 3.71 -10.40 -26.69
C ALA A 69 4.20 -9.05 -26.13
N ASP A 70 4.24 -8.03 -27.01
CA ASP A 70 4.61 -6.64 -26.66
C ASP A 70 3.70 -6.03 -25.56
N GLN A 71 2.36 -6.20 -25.73
CA GLN A 71 1.36 -5.70 -24.74
C GLN A 71 1.54 -6.40 -23.39
N LYS A 72 1.51 -7.73 -23.44
CA LYS A 72 1.72 -8.63 -22.29
C LYS A 72 3.09 -8.39 -21.59
N ALA A 73 4.07 -7.87 -22.35
CA ALA A 73 5.44 -7.64 -21.85
C ALA A 73 5.51 -6.29 -21.13
N THR A 74 4.86 -5.28 -21.73
CA THR A 74 4.70 -3.94 -21.15
C THR A 74 3.96 -4.02 -19.78
N TRP A 75 2.94 -4.87 -19.71
CA TRP A 75 2.20 -5.14 -18.48
C TRP A 75 3.03 -6.02 -17.52
N ALA A 76 3.85 -6.92 -18.08
CA ALA A 76 4.81 -7.74 -17.31
C ALA A 76 5.97 -6.86 -16.78
N LYS A 77 6.22 -5.73 -17.47
CA LYS A 77 7.27 -4.77 -17.08
C LYS A 77 6.73 -3.89 -15.95
N TYR A 78 5.43 -3.53 -16.05
CA TYR A 78 4.73 -2.70 -15.06
C TYR A 78 4.87 -3.32 -13.67
N ARG A 79 4.45 -4.59 -13.58
CA ARG A 79 4.41 -5.35 -12.32
C ARG A 79 5.82 -5.70 -11.80
N GLN A 80 6.72 -6.17 -12.70
CA GLN A 80 8.08 -6.60 -12.33
C GLN A 80 8.97 -5.43 -11.86
N ALA A 81 8.93 -4.32 -12.63
CA ALA A 81 9.69 -3.09 -12.32
C ALA A 81 9.22 -2.48 -11.00
N LEU A 82 7.89 -2.54 -10.77
CA LEU A 82 7.24 -2.13 -9.50
C LEU A 82 7.86 -2.88 -8.30
N ARG A 83 8.10 -4.20 -8.47
CA ARG A 83 8.72 -5.05 -7.44
C ARG A 83 10.23 -4.77 -7.28
N ASP A 84 10.86 -4.32 -8.38
CA ASP A 84 12.31 -3.97 -8.43
C ASP A 84 12.61 -2.82 -7.45
N LEU A 85 11.62 -1.94 -7.24
CA LEU A 85 11.66 -0.89 -6.19
C LEU A 85 11.45 -1.54 -4.81
N PRO A 86 12.46 -1.47 -3.87
CA PRO A 86 12.32 -2.03 -2.51
C PRO A 86 11.32 -1.22 -1.63
N GLU A 87 10.08 -1.72 -1.58
CA GLU A 87 9.06 -1.27 -0.61
C GLU A 87 9.14 -2.11 0.69
N THR A 88 9.99 -3.16 0.64
CA THR A 88 10.25 -4.07 1.76
C THR A 88 11.24 -3.46 2.78
N VAL A 89 11.74 -2.25 2.50
CA VAL A 89 12.67 -1.53 3.39
C VAL A 89 11.99 -0.32 4.06
N THR A 90 12.44 0.00 5.29
CA THR A 90 12.05 1.22 6.01
C THR A 90 13.05 2.37 5.67
N ASP A 91 14.25 1.96 5.16
CA ASP A 91 15.36 2.89 4.81
C ASP A 91 14.88 4.00 3.86
N LEU A 92 14.48 3.64 2.63
CA LEU A 92 13.80 4.54 1.70
C LEU A 92 12.44 3.94 1.32
N SER A 93 11.41 4.36 2.08
CA SER A 93 10.01 3.94 1.90
C SER A 93 9.26 4.86 0.91
N GLN A 94 10.04 5.54 0.03
CA GLN A 94 9.51 6.46 -0.99
C GLN A 94 9.10 5.66 -2.26
N ILE A 95 7.79 5.31 -2.34
CA ILE A 95 7.25 4.51 -3.45
C ILE A 95 6.96 5.39 -4.69
N VAL A 96 7.91 5.42 -5.63
CA VAL A 96 7.74 6.01 -6.95
C VAL A 96 8.07 4.93 -8.00
N TRP A 97 7.02 4.15 -8.34
CA TRP A 97 7.09 3.00 -9.25
C TRP A 97 6.21 3.26 -10.50
N PRO A 98 6.33 2.46 -11.64
CA PRO A 98 5.58 2.74 -12.89
C PRO A 98 4.06 2.83 -12.69
N GLN A 99 3.44 3.75 -13.43
CA GLN A 99 1.99 3.80 -13.62
C GLN A 99 1.64 2.92 -14.83
N LEU A 100 0.43 2.33 -14.82
CA LEU A 100 -0.01 1.37 -15.86
C LEU A 100 0.01 2.03 -17.27
N PRO A 101 0.54 1.30 -18.30
CA PRO A 101 0.85 1.89 -19.65
C PRO A 101 -0.36 2.53 -20.37
N VAL A 102 -1.55 1.93 -20.23
CA VAL A 102 -2.76 2.34 -20.95
C VAL A 102 -3.51 3.42 -20.13
#